data_6BTM
#
_entry.id   6BTM
#
_cell.length_a   1
_cell.length_b   1
_cell.length_c   1
_cell.angle_alpha   90.00
_cell.angle_beta   90.00
_cell.angle_gamma   90.00
#
_symmetry.space_group_name_H-M   'P 1'
#
loop_
_entity.id
_entity.type
_entity.pdbx_description
1 polymer 'Alternative Complex III subunit A'
2 polymer 'Alternative Complex III subunit B'
3 polymer 'Alternative Complex III subunit C'
4 polymer 'Alternative Complex III subunit D'
5 polymer 'Alternative Complex III subunit E'
6 polymer 'Alternative Complex III subunit F'
7 non-polymer 'HEME C'
8 non-polymer 'FE3-S4 CLUSTER'
9 non-polymer 'IRON/SULFUR CLUSTER'
10 non-polymer 'DECANOIC ACID'
11 non-polymer '(2S)-3-hydroxypropane-1,2-diyl ditetradecanoate'
#
loop_
_entity_poly.entity_id
_entity_poly.type
_entity_poly.pdbx_seq_one_letter_code
_entity_poly.pdbx_strand_id
1 'polypeptide(L)'
;MKKVGNHNSISRKLLLSLSLTLIFSLTSFAQDPAAAPAATEAAAPAAASGGDPVKGKELFNANCAACHKLDAKSTGPALR
GVASKHDMAWIYKWVHNSSDMIKSGDPVAVKLFEENNKAVMTSFPQLSTGDIDNIIAYTSEVKAEPAAAAGGAATPPGTN
VEGGGISNNIILGALALVMAILVVMLFMVNKVLTKVASNNGIEVAPKEGRTPIWKAFAKNQFLVLVTSIFLLLASGYFVY
GYLMQVGVDQNYEPIQPIHYSHKIHAGDNEINCKYCHSAARVSKTAGIPSLNVCMNCHKNISEVAETTATAEYSKAFYDA
QIQKLYDAVGWDKTKQAYTGKTQPVKWVRIHNLPDFVYFNHSQHVSVAGVECQTCHGPVQEFEIMKQYSKLTMGWCVDCH
RKTDVKMEGNAYYEKIHAELSKKYGVEKLTAAQMGGLECGKCHY
;
A
2 'polypeptide(L)'
;CEGPVHKSIPYVLQPEQIIPGVADYYATTVFDGFDFANLLVKTREGRPIKIENNTIAGAKFSANARIHASILGLYDSMRL
KEPKLDGKNSSWSAVDLKIKSSLADAKAKGGQVVLLTNTLASPTTEKLIGEFIAKNPNAKHVVYDAVSSSDALDAFETVY
GERALVDYDFSKASLIVSVGADFLGDWQGGGYDAGYAKGRIPQNGKMSRHFQFESNMTLSGAAADKRVPMTTADQKQALV
QIYNIVVGASVPVSLDAKFKAEVVKAAQQLKAAGTKGILVSGIEDKNAQLLVLAINQALASEAFSTAGTRQIRKGSNAVV
AQLIKDMNAGSVHTLIMSGVNPVYTLADSASFVSGLKKVKTSVAFSLKEDETAAVSTIAAAAPHYLESWGDVEITKGTYS
LTQPTIRPIFDTKQFQDVLLSVNGTPGNFYDYLKANSGAIIAGSSWNKVLHDGIFVVGSAALAGGSYDFAGAASLLSKAK
SSGELELVLYTKTGMGDGQHANNPWLQEFPDPITRVSWDNYVTVSNADAKKFNLSNEIVANGGLNGSYATITTADGNKLE
NVPVIVQPGQAVGTVGLAVGYGRKAALKEEMQVGINAYALYKNFNSVQSITLAKANGEHEFACVQGQKTLMGRGDIIKET
TLEIFNTQDAKHWNEQPMVSLDHQEVEATTVDLWESFDRTTGHHFNLSIDLNACTGCGACVIACHAENNVPVVGKAEVRR
SRDMHWLRIDRYYSSESTFEGDNERKEGIAGLSSSLSTFNEMEKPGDNPQVAFQPVMCQHCNHAPCETVCPVAATSHGRQ
GQNHMAYNRCVGTRYCANNCPYKVRRFNWFLYNKNSEFDYHMNDDLGRMVLNPDVNVRSRGVMEKCSFCIQSTQAVILEA
KRQGRVVGKDEFNNACACSAACSSGAMVFGDVNDKESEVAKLAESERMYHLLEHVGTKPNVFYHVKVRN
;
B
3 'polypeptide(L)'
;MSSHYEAPIRKPLVIGDKSYHDVTVDVAAPVEGPANKQWWIVFTIALVAFLWGLGCIIYTVSTGIGTWGLNKTVGWAWDI
TNFVWWVGIGHAGTLISAVLLLFRQRWRMAINRSAEAMTIFSVVQAGLFPIIHMGRPWLAYWVLPIPNQFGSLWVNFNSP
LLWDVFAISTYLSVSLVFWWTGLLPDFAMLRDRAITPFNKRVYSILSFGWSGRAKDWQRFEEVSLVLAGLATPLVLSVHT
IVSMDFATSVIPGWHTTIFPPYFVAGAVFSGFAMVNTLLIVMRKVSNLEAYITLQHIELMNIIIMITGSIVGVAYITELF
VAWYSGVEYEQYAFLNRATGPYWWAYWSMMTCNVFSPQFMWFKKLRTSIMFSFIISIVVNIGMWFERFVIIVTSLHRDYL
PSSWTMFSPTFVDIGIFIGTIGFFFVLFLLYSRTFPVIAQAEVKTILKGTGDNYIRERANKDSHHE
;
C
4 'polypeptide(L)'
;MSNKVIYAIYNDDDVLMNAVKKTRAAHHHIEEVFTPFPVHGLDKAMGLAPTRLAICAFLYGCVGISVATTMMSYIMIHDW
PQDIGGKPSFSFIQNMPSFVPIMFEMTVFFAAHLMVITFYMRSRLWPFKQAENPDVRTTDDHFLIEVAVNDNEAELVSFF
EGTGAVEVKVIEKN
;
D
5 'polypeptide(L)'
;CHNNSAPNYQYFPNMYESVAYEPYTEAKIFKGGKEGQLPVEGTINRGFEPYEYENSTAGYELAKANLKSPLTEEEKNSGK
GKELFEIYCISCHGAAGNGKGKLVEREKFLGVPSYKDREITEGSIFHVETYGLNAMGSHANQLSAHERWLVADYVLKLKS
QL
;
E
6 'polypeptide(L)'
;MYTFSSKLKTFSIILMVLGLLGIGYGFLSAPKDIQEVEKILAADAHGAHGTAHGESAEASHKEAGHHEAAEASHEEHKGG
EHAKVGAADEHTEHLNHVLHQLQNKPWSALYVACIFFLLLSMGVLAFYAIQQVAQAGWSPVLFRVMQGITAYLPAGSIIF
FIILVLCGLHFNHIFVWLGEGVTDPKSPNYDAIIAGKSGYLNFPFWIVRAFIFLLGWNIYRHFSRKNCLAQDEANDDLYY
KKNFKISAGFLVFFIVSESIMAWDWIMSFDPHWFSTLFAWYVFASFFVSGITSIALITIYLKSKGYLEYVNTSHIHDLAK
FMFGISVFWTYLWFSQFMLIWYANIPEEVTYFVTRIQLYNLPFFGAVVMNFVFPLLILINTDFKRLNWVVVMAGIVILLG
HYVDFFNMIMPGTVGDKWFIGVPEIASILFFLGLFIFVVFTALTKSPLLAKRNPFIEESKHFHY
;
F
#
# COMPACT_ATOMS: atom_id res chain seq x y z
N VAL A 224 41.35 33.51 17.23
CA VAL A 224 40.34 33.81 16.22
C VAL A 224 39.28 32.72 16.07
N LEU A 225 39.59 31.51 16.54
CA LEU A 225 38.68 30.38 16.38
C LEU A 225 37.42 30.55 17.20
N VAL A 226 37.51 31.27 18.32
CA VAL A 226 36.35 31.51 19.18
C VAL A 226 35.29 32.29 18.44
N THR A 227 35.72 33.36 17.75
CA THR A 227 34.77 34.17 17.01
C THR A 227 34.31 33.48 15.75
N SER A 228 35.16 32.60 15.20
CA SER A 228 34.75 31.79 14.06
C SER A 228 33.59 30.89 14.44
N ILE A 229 33.72 30.21 15.59
CA ILE A 229 32.68 29.34 16.11
C ILE A 229 31.42 30.13 16.38
N PHE A 230 31.57 31.29 17.01
CA PHE A 230 30.43 32.17 17.29
C PHE A 230 29.64 32.47 16.04
N LEU A 231 30.35 32.87 14.99
CA LEU A 231 29.70 33.21 13.73
C LEU A 231 29.03 32.00 13.10
N LEU A 232 29.62 30.81 13.26
CA LEU A 232 28.99 29.60 12.74
C LEU A 232 27.69 29.30 13.48
N LEU A 233 27.69 29.52 14.78
CA LEU A 233 26.49 29.30 15.58
C LEU A 233 25.40 30.30 15.21
N ALA A 234 25.81 31.55 15.02
CA ALA A 234 24.90 32.60 14.63
C ALA A 234 24.33 32.32 13.25
N SER A 235 25.19 31.84 12.35
CA SER A 235 24.76 31.52 11.00
C SER A 235 23.67 30.46 11.01
N GLY A 236 23.84 29.43 11.84
CA GLY A 236 22.81 28.41 11.96
C GLY A 236 21.50 28.99 12.44
N TYR A 237 21.58 29.84 13.47
CA TYR A 237 20.41 30.50 14.04
C TYR A 237 19.62 31.28 13.00
N PHE A 238 20.30 32.03 12.14
CA PHE A 238 19.62 32.85 11.15
C PHE A 238 19.26 32.12 9.86
N VAL A 239 19.42 30.81 9.81
CA VAL A 239 18.95 30.01 8.70
C VAL A 239 17.77 29.19 9.11
N TYR A 240 17.91 28.50 10.24
CA TYR A 240 16.82 27.70 10.78
C TYR A 240 15.64 28.58 11.11
N GLY A 241 15.89 29.72 11.77
CA GLY A 241 14.83 30.63 12.11
C GLY A 241 14.06 31.11 10.89
N TYR A 242 14.78 31.38 9.80
CA TYR A 242 14.14 31.75 8.54
C TYR A 242 13.23 30.65 8.03
N LEU A 243 13.76 29.43 7.98
CA LEU A 243 13.01 28.29 7.45
C LEU A 243 11.78 27.98 8.28
N MET A 244 11.82 28.25 9.58
CA MET A 244 10.68 28.02 10.45
C MET A 244 9.61 29.10 10.33
N GLN A 245 9.84 30.14 9.54
CA GLN A 245 8.91 31.25 9.40
C GLN A 245 8.52 31.45 7.94
N VAL A 246 8.45 30.37 7.17
CA VAL A 246 8.07 30.45 5.77
C VAL A 246 6.56 30.37 5.62
N GLY A 247 5.95 29.28 6.07
CA GLY A 247 4.51 29.12 5.97
C GLY A 247 3.70 29.79 7.08
N VAL A 248 4.11 30.96 7.55
CA VAL A 248 3.46 31.64 8.67
C VAL A 248 2.89 32.99 8.21
N ASP A 249 1.64 33.27 8.56
CA ASP A 249 1.00 34.52 8.16
C ASP A 249 0.55 35.36 9.35
N GLN A 250 1.40 35.49 10.36
CA GLN A 250 1.07 36.36 11.49
C GLN A 250 1.10 37.83 11.08
N ASN A 251 0.26 38.62 11.74
CA ASN A 251 0.18 40.08 11.60
C ASN A 251 -0.14 40.50 10.16
N TYR A 252 -0.99 39.73 9.49
CA TYR A 252 -1.38 40.00 8.11
C TYR A 252 -2.52 41.02 8.07
N GLU A 253 -2.33 42.09 7.30
CA GLU A 253 -3.30 43.17 7.20
C GLU A 253 -3.43 43.61 5.75
N PRO A 254 -4.47 43.21 5.03
CA PRO A 254 -4.72 43.77 3.71
C PRO A 254 -5.59 45.00 3.78
N ILE A 255 -5.96 45.55 2.63
CA ILE A 255 -6.79 46.74 2.56
C ILE A 255 -8.17 46.31 2.08
N GLN A 256 -9.15 46.37 2.97
CA GLN A 256 -10.53 46.08 2.62
C GLN A 256 -11.09 47.20 1.75
N PRO A 257 -12.07 46.92 0.88
CA PRO A 257 -12.61 47.99 0.03
C PRO A 257 -13.41 49.03 0.78
N ILE A 258 -14.10 48.64 1.84
CA ILE A 258 -14.66 49.59 2.79
C ILE A 258 -13.67 49.68 3.94
N HIS A 259 -13.77 50.74 4.73
CA HIS A 259 -12.99 50.83 5.96
C HIS A 259 -13.92 50.44 7.12
N TYR A 260 -14.14 49.14 7.24
CA TYR A 260 -14.94 48.64 8.34
C TYR A 260 -14.09 48.58 9.61
N SER A 261 -14.70 48.95 10.73
CA SER A 261 -14.02 49.00 12.01
C SER A 261 -14.70 48.05 12.99
N HIS A 262 -14.00 46.99 13.37
CA HIS A 262 -14.35 46.17 14.53
C HIS A 262 -14.23 46.90 15.87
N LYS A 263 -13.68 48.11 15.91
CA LYS A 263 -13.44 48.80 17.17
C LYS A 263 -14.64 49.61 17.63
N ILE A 264 -15.31 50.31 16.70
CA ILE A 264 -16.50 51.07 17.07
C ILE A 264 -17.68 50.13 17.32
N HIS A 265 -17.86 49.12 16.46
CA HIS A 265 -19.00 48.23 16.57
C HIS A 265 -18.88 47.30 17.77
N ALA A 266 -17.82 46.50 17.83
CA ALA A 266 -17.71 45.48 18.86
C ALA A 266 -17.04 45.97 20.14
N GLY A 267 -16.44 47.15 20.14
CA GLY A 267 -15.73 47.61 21.32
C GLY A 267 -16.34 48.78 22.05
N ASP A 268 -16.92 49.72 21.32
CA ASP A 268 -17.51 50.91 21.92
C ASP A 268 -19.02 50.82 22.05
N ASN A 269 -19.71 50.25 21.07
CA ASN A 269 -21.15 50.05 21.15
C ASN A 269 -21.53 48.80 21.93
N GLU A 270 -20.56 47.91 22.15
CA GLU A 270 -20.75 46.60 22.81
C GLU A 270 -21.82 45.76 22.11
N ILE A 271 -21.80 45.78 20.79
CA ILE A 271 -22.55 44.81 20.01
C ILE A 271 -21.99 43.43 20.31
N ASN A 272 -22.88 42.48 20.56
CA ASN A 272 -22.42 41.15 20.95
C ASN A 272 -21.82 40.44 19.75
N CYS A 273 -20.90 39.51 20.04
CA CYS A 273 -20.03 38.96 19.03
C CYS A 273 -20.75 38.02 18.08
N LYS A 274 -21.79 37.33 18.55
CA LYS A 274 -22.50 36.37 17.73
C LYS A 274 -23.56 37.02 16.83
N TYR A 275 -23.73 38.33 16.89
CA TYR A 275 -24.82 38.97 16.16
C TYR A 275 -24.54 38.99 14.66
N CYS A 276 -23.44 39.62 14.25
CA CYS A 276 -23.10 39.67 12.83
C CYS A 276 -22.63 38.31 12.33
N HIS A 277 -21.71 37.67 13.05
CA HIS A 277 -21.26 36.33 12.70
C HIS A 277 -22.18 35.34 13.41
N SER A 278 -23.23 34.92 12.71
CA SER A 278 -24.28 34.12 13.32
C SER A 278 -24.16 32.63 13.07
N ALA A 279 -23.42 32.22 12.04
CA ALA A 279 -23.34 30.81 11.65
C ALA A 279 -22.32 30.02 12.47
N ALA A 280 -21.76 30.60 13.54
CA ALA A 280 -20.77 29.89 14.35
C ALA A 280 -21.39 28.77 15.17
N ARG A 281 -22.69 28.85 15.45
CA ARG A 281 -23.32 27.87 16.34
C ARG A 281 -23.65 26.58 15.63
N VAL A 282 -23.95 26.63 14.33
CA VAL A 282 -24.55 25.51 13.61
C VAL A 282 -23.61 24.99 12.52
N SER A 283 -23.12 25.87 11.67
CA SER A 283 -22.31 25.46 10.54
C SER A 283 -20.82 25.53 10.87
N LYS A 284 -20.00 24.98 9.97
CA LYS A 284 -18.56 24.99 10.17
C LYS A 284 -17.91 26.28 9.69
N THR A 285 -18.60 27.08 8.90
CA THR A 285 -18.07 28.34 8.38
C THR A 285 -18.87 29.48 9.02
N ALA A 286 -18.30 30.09 10.05
CA ALA A 286 -18.89 31.28 10.65
C ALA A 286 -18.62 32.46 9.72
N GLY A 287 -19.46 32.58 8.70
CA GLY A 287 -19.14 33.40 7.55
C GLY A 287 -19.25 34.89 7.82
N ILE A 288 -18.80 35.64 6.81
CA ILE A 288 -18.94 37.10 6.78
C ILE A 288 -20.42 37.45 6.75
N PRO A 289 -20.89 38.41 7.55
CA PRO A 289 -22.32 38.75 7.56
C PRO A 289 -22.75 39.40 6.26
N SER A 290 -23.89 38.93 5.74
CA SER A 290 -24.43 39.47 4.50
C SER A 290 -25.00 40.88 4.73
N LEU A 291 -25.34 41.54 3.63
CA LEU A 291 -25.71 42.95 3.66
C LEU A 291 -27.13 43.21 4.16
N ASN A 292 -27.86 42.17 4.60
CA ASN A 292 -29.14 42.41 5.25
C ASN A 292 -28.95 42.78 6.71
N VAL A 293 -27.87 42.31 7.32
CA VAL A 293 -27.55 42.73 8.68
C VAL A 293 -27.00 44.15 8.67
N CYS A 294 -26.41 44.59 7.54
CA CYS A 294 -25.98 45.98 7.38
C CYS A 294 -27.13 46.92 7.14
N MET A 295 -28.39 46.56 7.27
CA MET A 295 -29.44 47.52 7.01
C MET A 295 -30.37 47.71 8.20
N ASN A 296 -30.64 46.64 8.96
CA ASN A 296 -31.60 46.73 10.05
C ASN A 296 -31.07 47.54 11.24
N CYS A 297 -29.75 47.69 11.34
CA CYS A 297 -29.18 48.69 12.23
C CYS A 297 -28.98 50.02 11.54
N HIS A 298 -28.72 50.03 10.23
CA HIS A 298 -28.36 51.23 9.50
C HIS A 298 -29.50 51.81 8.66
N LYS A 299 -30.75 51.53 9.01
CA LYS A 299 -31.84 52.32 8.44
C LYS A 299 -31.94 53.68 9.11
N ASN A 300 -31.52 53.78 10.36
CA ASN A 300 -31.72 54.99 11.16
C ASN A 300 -30.41 55.69 11.49
N ILE A 301 -29.28 55.17 11.03
CA ILE A 301 -27.97 55.74 11.30
C ILE A 301 -27.40 56.19 9.96
N SER A 302 -27.55 57.46 9.63
CA SER A 302 -26.99 58.02 8.41
C SER A 302 -25.63 58.68 8.67
N GLU A 303 -25.60 59.69 9.52
CA GLU A 303 -24.33 60.28 9.95
C GLU A 303 -23.73 59.42 11.05
N VAL A 304 -22.50 59.76 11.46
CA VAL A 304 -21.83 58.90 12.43
C VAL A 304 -21.93 59.45 13.85
N ALA A 305 -21.29 60.58 14.14
CA ALA A 305 -21.23 61.23 15.44
C ALA A 305 -20.50 62.56 15.26
N GLU A 306 -20.24 63.24 16.37
CA GLU A 306 -19.27 64.33 16.39
C GLU A 306 -18.11 64.09 17.33
N THR A 307 -18.20 63.10 18.23
CA THR A 307 -17.15 62.79 19.19
C THR A 307 -16.59 61.39 18.94
N THR A 308 -16.39 61.05 17.67
CA THR A 308 -15.81 59.75 17.31
C THR A 308 -14.68 59.91 16.28
N ALA A 309 -14.72 60.97 15.47
CA ALA A 309 -13.63 61.27 14.55
C ALA A 309 -12.34 61.57 15.32
N THR A 310 -11.22 61.10 14.77
CA THR A 310 -9.94 61.10 15.47
C THR A 310 -8.96 62.02 14.73
N ALA A 311 -7.69 61.97 15.16
CA ALA A 311 -6.65 62.71 14.48
C ALA A 311 -6.37 62.15 13.10
N GLU A 312 -6.53 60.85 12.92
CA GLU A 312 -6.31 60.23 11.61
C GLU A 312 -7.56 60.26 10.74
N TYR A 313 -8.75 60.15 11.34
CA TYR A 313 -9.99 59.95 10.63
C TYR A 313 -10.97 61.06 10.99
N SER A 314 -11.55 61.70 9.97
CA SER A 314 -12.48 62.79 10.17
C SER A 314 -13.92 62.31 10.07
N LYS A 315 -14.85 63.22 10.36
CA LYS A 315 -16.27 62.91 10.23
C LYS A 315 -16.66 62.73 8.77
N ALA A 316 -16.17 63.62 7.90
CA ALA A 316 -16.50 63.55 6.48
C ALA A 316 -15.89 62.34 5.80
N PHE A 317 -14.84 61.75 6.38
CA PHE A 317 -14.33 60.49 5.88
C PHE A 317 -15.30 59.35 6.16
N TYR A 318 -15.95 59.39 7.32
CA TYR A 318 -16.91 58.34 7.67
C TYR A 318 -18.24 58.52 6.94
N ASP A 319 -18.72 59.75 6.85
CA ASP A 319 -20.03 60.00 6.24
C ASP A 319 -20.03 59.72 4.75
N ALA A 320 -18.93 60.00 4.07
CA ALA A 320 -18.81 59.69 2.65
C ALA A 320 -18.42 58.25 2.39
N GLN A 321 -18.25 57.44 3.44
CA GLN A 321 -17.91 56.04 3.26
C GLN A 321 -19.02 55.11 3.78
N ILE A 322 -19.87 55.58 4.69
CA ILE A 322 -21.09 54.87 5.00
C ILE A 322 -22.08 54.98 3.84
N GLN A 323 -21.92 55.98 2.97
CA GLN A 323 -22.74 56.08 1.77
C GLN A 323 -22.39 54.98 0.77
N LYS A 324 -21.17 54.45 0.83
CA LYS A 324 -20.80 53.32 -0.01
C LYS A 324 -21.53 52.05 0.37
N LEU A 325 -22.00 51.93 1.62
CA LEU A 325 -22.87 50.84 1.99
C LEU A 325 -24.25 50.99 1.36
N TYR A 326 -24.66 52.22 1.08
CA TYR A 326 -25.95 52.44 0.44
C TYR A 326 -25.92 52.14 -1.05
N ASP A 327 -24.74 52.24 -1.67
CA ASP A 327 -24.63 51.91 -3.09
C ASP A 327 -24.55 50.41 -3.32
N ALA A 328 -24.05 49.66 -2.34
CA ALA A 328 -23.96 48.21 -2.49
C ALA A 328 -25.33 47.56 -2.39
N VAL A 329 -26.19 48.07 -1.53
CA VAL A 329 -27.53 47.51 -1.36
C VAL A 329 -28.52 48.17 -2.30
N GLY A 330 -28.41 49.48 -2.50
CA GLY A 330 -29.35 50.21 -3.33
C GLY A 330 -30.21 51.18 -2.57
N TRP A 331 -29.91 51.45 -1.30
CA TRP A 331 -30.68 52.36 -0.48
C TRP A 331 -30.51 53.79 -0.96
N ASP A 332 -31.59 54.57 -0.86
CA ASP A 332 -31.59 55.98 -1.24
C ASP A 332 -31.91 56.80 -0.01
N LYS A 333 -31.13 57.86 0.22
CA LYS A 333 -31.28 58.67 1.42
C LYS A 333 -32.52 59.54 1.38
N THR A 334 -32.93 59.96 0.18
CA THR A 334 -33.91 61.05 0.06
C THR A 334 -35.32 60.58 0.42
N LYS A 335 -35.88 59.65 -0.34
CA LYS A 335 -37.26 59.23 -0.14
C LYS A 335 -37.38 57.91 0.61
N GLN A 336 -36.26 57.39 1.13
CA GLN A 336 -36.22 56.29 2.10
C GLN A 336 -36.81 55.00 1.54
N ALA A 337 -36.23 54.56 0.42
CA ALA A 337 -36.77 53.40 -0.29
C ALA A 337 -35.66 52.68 -1.05
N TYR A 338 -35.83 51.37 -1.19
CA TYR A 338 -34.92 50.57 -2.00
C TYR A 338 -35.06 50.89 -3.48
N THR A 339 -33.92 50.95 -4.16
CA THR A 339 -33.90 50.94 -5.61
C THR A 339 -33.71 49.49 -6.08
N GLY A 340 -33.44 49.30 -7.37
CA GLY A 340 -33.29 47.95 -7.89
C GLY A 340 -31.92 47.66 -8.48
N LYS A 341 -30.86 48.18 -7.88
CA LYS A 341 -29.50 47.99 -8.38
C LYS A 341 -28.62 47.55 -7.22
N THR A 342 -28.12 46.32 -7.27
CA THR A 342 -27.33 45.75 -6.19
C THR A 342 -25.97 45.30 -6.70
N GLN A 343 -24.95 45.49 -5.87
CA GLN A 343 -23.60 45.01 -6.12
C GLN A 343 -23.04 44.49 -4.80
N PRO A 344 -22.58 43.26 -4.74
CA PRO A 344 -22.00 42.74 -3.50
C PRO A 344 -20.63 43.34 -3.22
N VAL A 345 -20.19 43.21 -1.97
CA VAL A 345 -18.92 43.78 -1.52
C VAL A 345 -17.87 42.69 -1.50
N LYS A 346 -16.80 42.88 -2.27
CA LYS A 346 -15.72 41.91 -2.38
C LYS A 346 -14.78 42.05 -1.19
N TRP A 347 -15.04 41.29 -0.13
CA TRP A 347 -14.18 41.32 1.03
C TRP A 347 -12.90 40.54 0.77
N VAL A 348 -11.89 40.78 1.61
CA VAL A 348 -10.62 40.07 1.52
C VAL A 348 -10.50 39.17 2.74
N ARG A 349 -10.36 37.87 2.51
CA ARG A 349 -10.31 36.87 3.56
C ARG A 349 -8.87 36.74 4.05
N ILE A 350 -8.64 36.96 5.35
CA ILE A 350 -7.30 37.00 5.88
C ILE A 350 -6.91 35.75 6.65
N HIS A 351 -7.87 34.93 7.07
CA HIS A 351 -7.59 33.66 7.71
C HIS A 351 -7.83 32.54 6.70
N ASN A 352 -6.77 31.82 6.34
CA ASN A 352 -6.89 30.74 5.38
C ASN A 352 -6.11 29.53 5.89
N LEU A 353 -6.62 28.35 5.54
CA LEU A 353 -5.92 27.09 5.70
C LEU A 353 -5.97 26.33 4.39
N PRO A 354 -4.99 25.46 4.13
CA PRO A 354 -5.08 24.60 2.94
C PRO A 354 -6.22 23.60 3.08
N ASP A 355 -6.75 23.17 1.93
CA ASP A 355 -7.97 22.37 1.96
C ASP A 355 -7.70 20.87 2.01
N PHE A 356 -6.82 20.45 2.91
CA PHE A 356 -6.87 19.07 3.38
C PHE A 356 -7.33 18.98 4.81
N VAL A 357 -7.17 20.04 5.58
CA VAL A 357 -7.64 20.06 6.96
C VAL A 357 -9.16 20.07 7.00
N TYR A 358 -9.70 19.76 8.18
CA TYR A 358 -11.14 19.88 8.40
C TYR A 358 -11.33 20.50 9.79
N PHE A 359 -11.46 21.83 9.82
CA PHE A 359 -11.84 22.53 11.03
C PHE A 359 -13.30 22.95 10.95
N ASN A 360 -14.02 22.77 12.05
CA ASN A 360 -15.44 23.08 12.14
C ASN A 360 -15.72 23.92 13.37
N HIS A 361 -16.05 25.20 13.13
CA HIS A 361 -16.41 26.16 14.17
C HIS A 361 -17.58 25.74 15.05
N SER A 362 -18.45 24.84 14.59
CA SER A 362 -19.69 24.56 15.29
C SER A 362 -19.48 23.71 16.53
N GLN A 363 -18.81 22.56 16.39
CA GLN A 363 -18.53 21.68 17.52
C GLN A 363 -17.31 22.11 18.30
N HIS A 364 -16.82 23.31 18.04
CA HIS A 364 -15.58 23.79 18.61
C HIS A 364 -15.79 25.11 19.33
N VAL A 365 -17.01 25.65 19.25
CA VAL A 365 -17.45 26.80 20.03
C VAL A 365 -18.66 26.46 20.89
N SER A 366 -19.67 25.81 20.30
CA SER A 366 -20.87 25.47 21.04
C SER A 366 -20.67 24.27 21.95
N VAL A 367 -19.97 23.24 21.47
CA VAL A 367 -19.72 22.05 22.28
C VAL A 367 -18.68 22.34 23.35
N ALA A 368 -17.48 22.74 22.94
CA ALA A 368 -16.44 23.16 23.87
C ALA A 368 -16.52 24.66 24.03
N GLY A 369 -16.83 25.11 25.25
CA GLY A 369 -17.13 26.51 25.50
C GLY A 369 -15.92 27.42 25.48
N VAL A 370 -15.35 27.64 24.31
CA VAL A 370 -14.15 28.46 24.15
C VAL A 370 -14.57 29.92 23.96
N GLU A 371 -13.95 30.81 24.70
CA GLU A 371 -14.20 32.25 24.58
C GLU A 371 -13.75 32.74 23.21
N CYS A 372 -14.43 33.78 22.70
CA CYS A 372 -14.24 34.15 21.31
C CYS A 372 -13.04 35.07 21.08
N GLN A 373 -12.24 35.33 22.11
CA GLN A 373 -11.01 36.08 21.95
C GLN A 373 -9.74 35.24 22.11
N THR A 374 -9.86 33.99 22.53
CA THR A 374 -8.68 33.16 22.77
C THR A 374 -8.24 32.38 21.54
N CYS A 375 -8.93 32.52 20.41
CA CYS A 375 -8.45 31.96 19.16
C CYS A 375 -8.12 33.01 18.12
N HIS A 376 -8.83 34.13 18.09
CA HIS A 376 -8.59 35.18 17.10
C HIS A 376 -8.11 36.49 17.72
N GLY A 377 -7.75 36.50 18.99
CA GLY A 377 -7.18 37.67 19.62
C GLY A 377 -8.21 38.62 20.19
N PRO A 378 -7.76 39.71 20.80
CA PRO A 378 -8.68 40.76 21.30
C PRO A 378 -9.23 41.61 20.16
N VAL A 379 -10.29 41.10 19.52
CA VAL A 379 -10.76 41.64 18.25
C VAL A 379 -11.40 43.02 18.42
N GLN A 380 -11.97 43.31 19.59
CA GLN A 380 -12.65 44.58 19.78
C GLN A 380 -11.71 45.78 19.83
N GLU A 381 -10.42 45.57 20.12
CA GLU A 381 -9.43 46.65 20.02
C GLU A 381 -8.59 46.53 18.74
N PHE A 382 -9.28 46.62 17.60
CA PHE A 382 -8.61 46.71 16.30
C PHE A 382 -9.35 47.68 15.41
N GLU A 383 -8.63 48.66 14.86
CA GLU A 383 -9.24 49.53 13.85
C GLU A 383 -9.35 48.84 12.51
N ILE A 384 -8.33 48.07 12.14
CA ILE A 384 -8.36 47.20 10.97
C ILE A 384 -8.01 45.79 11.43
N MET A 385 -8.41 44.81 10.63
CA MET A 385 -8.38 43.43 11.09
C MET A 385 -6.99 42.83 10.90
N LYS A 386 -6.58 42.02 11.88
CA LYS A 386 -5.25 41.46 11.97
C LYS A 386 -5.34 39.99 12.33
N GLN A 387 -4.59 39.14 11.64
CA GLN A 387 -4.47 37.75 12.08
C GLN A 387 -3.58 37.70 13.30
N TYR A 388 -4.04 37.01 14.35
CA TYR A 388 -3.37 37.01 15.65
C TYR A 388 -2.51 35.78 15.87
N SER A 389 -3.02 34.60 15.56
CA SER A 389 -2.29 33.36 15.74
C SER A 389 -1.79 32.83 14.40
N LYS A 390 -0.94 31.81 14.47
CA LYS A 390 -0.19 31.38 13.30
C LYS A 390 -0.76 30.14 12.60
N LEU A 391 -1.56 29.33 13.28
CA LEU A 391 -2.39 28.25 12.71
C LEU A 391 -1.56 27.12 12.08
N THR A 392 -0.27 26.99 12.39
CA THR A 392 0.60 26.06 11.65
C THR A 392 0.84 24.76 12.43
N MET A 393 -0.23 23.98 12.63
CA MET A 393 -0.16 22.54 12.93
C MET A 393 0.46 22.17 14.29
N GLY A 394 1.08 23.13 14.96
CA GLY A 394 1.75 22.89 16.22
C GLY A 394 1.14 23.80 17.26
N TRP A 395 0.18 24.60 16.80
CA TRP A 395 -0.72 25.34 17.68
C TRP A 395 -2.05 24.63 17.86
N CYS A 396 -2.45 23.83 16.87
CA CYS A 396 -3.60 22.95 17.06
C CYS A 396 -3.31 21.83 18.02
N VAL A 397 -2.11 21.26 17.97
CA VAL A 397 -1.74 20.17 18.86
C VAL A 397 -1.51 20.69 20.27
N ASP A 398 -0.88 21.87 20.39
CA ASP A 398 -0.46 22.40 21.70
C ASP A 398 -1.66 22.80 22.55
N CYS A 399 -2.71 23.33 21.94
CA CYS A 399 -3.87 23.71 22.72
C CYS A 399 -4.76 22.51 23.03
N HIS A 400 -4.56 21.38 22.34
CA HIS A 400 -5.25 20.16 22.71
C HIS A 400 -4.56 19.41 23.83
N ARG A 401 -3.27 19.64 24.05
CA ARG A 401 -2.56 19.00 25.15
C ARG A 401 -3.01 19.54 26.50
N LYS A 402 -3.42 20.80 26.56
CA LYS A 402 -3.62 21.47 27.83
C LYS A 402 -5.04 21.95 28.00
N THR A 403 -6.03 21.10 27.70
CA THR A 403 -7.42 21.47 27.88
C THR A 403 -8.24 20.25 28.25
N ASP A 404 -9.49 20.50 28.62
CA ASP A 404 -10.38 19.47 29.12
C ASP A 404 -11.66 19.46 28.29
N VAL A 405 -12.14 18.26 27.98
CA VAL A 405 -13.45 18.13 27.36
C VAL A 405 -14.53 18.41 28.41
N LYS A 406 -15.67 18.89 27.96
CA LYS A 406 -16.78 19.22 28.85
C LYS A 406 -17.71 18.02 28.92
N MET A 407 -17.72 17.35 30.08
CA MET A 407 -18.46 16.12 30.26
C MET A 407 -19.61 16.25 31.25
N GLU A 408 -19.88 17.45 31.76
CA GLU A 408 -20.91 17.60 32.78
C GLU A 408 -22.31 17.59 32.16
N GLY A 409 -22.51 18.36 31.10
CA GLY A 409 -23.85 18.55 30.56
C GLY A 409 -24.28 17.55 29.51
N ASN A 410 -23.35 17.10 28.68
CA ASN A 410 -23.68 16.25 27.55
C ASN A 410 -24.07 14.85 28.01
N ALA A 411 -25.18 14.34 27.48
CA ALA A 411 -25.58 12.97 27.72
C ALA A 411 -24.89 11.98 26.80
N TYR A 412 -24.13 12.49 25.81
CA TYR A 412 -23.32 11.61 24.97
C TYR A 412 -22.15 11.02 25.75
N TYR A 413 -21.71 11.72 26.81
CA TYR A 413 -20.57 11.30 27.62
C TYR A 413 -20.97 10.56 28.88
N GLU A 414 -22.26 10.24 29.05
CA GLU A 414 -22.70 9.54 30.26
C GLU A 414 -22.19 8.10 30.31
N LYS A 415 -21.99 7.48 29.15
CA LYS A 415 -21.43 6.13 29.13
C LYS A 415 -19.94 6.17 29.45
N ILE A 416 -19.27 7.28 29.19
CA ILE A 416 -17.83 7.37 29.31
C ILE A 416 -17.41 8.03 30.63
N HIS A 417 -18.13 9.07 31.06
CA HIS A 417 -17.72 9.80 32.26
C HIS A 417 -18.17 9.10 33.54
N ALA A 418 -19.33 8.44 33.52
CA ALA A 418 -19.72 7.63 34.68
C ALA A 418 -18.86 6.39 34.79
N GLU A 419 -18.38 5.88 33.65
CA GLU A 419 -17.31 4.89 33.65
C GLU A 419 -15.99 5.60 33.98
N LEU A 420 -15.03 4.81 34.46
CA LEU A 420 -13.63 5.15 34.74
C LEU A 420 -13.44 6.16 35.87
N SER A 421 -14.52 6.73 36.41
CA SER A 421 -14.44 7.35 37.71
C SER A 421 -14.49 6.30 38.81
N LYS A 422 -15.17 5.19 38.53
CA LYS A 422 -15.09 4.00 39.36
C LYS A 422 -13.80 3.23 39.10
N LYS A 423 -13.24 3.35 37.89
CA LYS A 423 -12.11 2.53 37.47
C LYS A 423 -10.79 3.28 37.44
N TYR A 424 -10.68 4.37 36.67
CA TYR A 424 -9.36 4.96 36.39
C TYR A 424 -9.19 6.36 36.97
N GLY A 425 -10.05 7.32 36.62
CA GLY A 425 -9.75 8.70 37.01
C GLY A 425 -10.94 9.61 36.85
N VAL A 426 -10.75 10.85 37.29
CA VAL A 426 -11.85 11.81 37.39
C VAL A 426 -12.11 12.55 36.08
N GLU A 427 -11.07 12.97 35.36
CA GLU A 427 -11.25 13.73 34.13
C GLU A 427 -10.09 13.47 33.19
N LYS A 428 -10.31 13.70 31.91
CA LYS A 428 -9.33 13.41 30.88
C LYS A 428 -9.12 14.62 30.00
N LEU A 429 -7.91 14.75 29.46
CA LEU A 429 -7.58 15.79 28.51
C LEU A 429 -8.18 15.46 27.15
N THR A 430 -8.06 16.39 26.21
CA THR A 430 -8.68 16.20 24.91
C THR A 430 -7.83 15.33 24.00
N ALA A 431 -6.56 15.69 23.83
CA ALA A 431 -5.69 15.12 22.82
C ALA A 431 -5.39 13.63 22.99
N ALA A 432 -4.69 13.28 24.06
CA ALA A 432 -4.13 11.95 24.19
C ALA A 432 -5.09 10.94 24.84
N GLN A 433 -6.33 11.35 25.12
CA GLN A 433 -7.27 10.48 25.80
C GLN A 433 -8.49 10.16 24.95
N MET A 434 -9.16 11.16 24.39
CA MET A 434 -10.28 10.91 23.50
C MET A 434 -9.83 10.51 22.10
N GLY A 435 -8.58 10.79 21.75
CA GLY A 435 -8.05 10.41 20.47
C GLY A 435 -7.95 11.51 19.44
N GLY A 436 -7.78 12.75 19.87
CA GLY A 436 -7.76 13.86 18.93
C GLY A 436 -6.39 14.21 18.39
N LEU A 437 -5.56 13.21 18.11
CA LEU A 437 -4.26 13.41 17.48
C LEU A 437 -4.00 12.36 16.42
N GLU A 438 -5.01 12.09 15.60
CA GLU A 438 -4.95 11.00 14.62
C GLU A 438 -5.16 11.56 13.22
N CYS A 439 -4.36 11.06 12.27
CA CYS A 439 -4.25 11.68 10.94
C CYS A 439 -5.52 11.55 10.11
N GLY A 440 -6.53 10.81 10.57
CA GLY A 440 -7.81 10.75 9.92
C GLY A 440 -8.92 11.56 10.53
N LYS A 441 -8.69 12.20 11.68
CA LYS A 441 -9.70 13.05 12.28
C LYS A 441 -9.55 14.53 11.93
N CYS A 442 -8.41 14.93 11.39
CA CYS A 442 -8.16 16.33 11.09
C CYS A 442 -7.91 16.56 9.61
N HIS A 443 -7.09 15.74 8.96
CA HIS A 443 -7.02 15.77 7.51
C HIS A 443 -7.07 14.37 6.92
N TYR A 444 -7.99 13.54 7.43
CA TYR A 444 -8.60 12.41 6.71
C TYR A 444 -7.67 11.33 6.13
N CYS B 1 6.89 31.24 -3.91
CA CYS B 1 5.80 31.88 -4.64
C CYS B 1 4.92 32.61 -3.68
N GLU B 2 4.39 33.77 -4.06
CA GLU B 2 3.75 34.72 -3.14
C GLU B 2 2.52 34.19 -2.40
N GLY B 3 1.84 33.24 -3.04
CA GLY B 3 0.64 32.64 -2.52
C GLY B 3 -0.52 33.57 -2.85
N PRO B 4 -1.55 33.05 -3.49
CA PRO B 4 -2.64 33.89 -3.99
C PRO B 4 -3.49 34.57 -2.91
N VAL B 5 -4.30 35.51 -3.39
CA VAL B 5 -5.21 36.30 -2.56
C VAL B 5 -6.61 35.69 -2.65
N HIS B 6 -7.15 35.29 -1.50
CA HIS B 6 -8.46 34.67 -1.43
C HIS B 6 -9.49 35.70 -0.98
N LYS B 7 -10.60 35.78 -1.70
CA LYS B 7 -11.68 36.69 -1.40
C LYS B 7 -12.96 35.90 -1.12
N SER B 8 -13.91 36.54 -0.44
CA SER B 8 -15.16 35.90 -0.06
C SER B 8 -16.32 36.86 -0.29
N ILE B 9 -17.43 36.34 -0.80
CA ILE B 9 -18.55 37.17 -1.24
C ILE B 9 -19.81 36.75 -0.48
N PRO B 10 -20.20 37.49 0.56
CA PRO B 10 -21.53 37.29 1.14
C PRO B 10 -22.61 37.88 0.26
N TYR B 11 -23.85 37.59 0.63
CA TYR B 11 -25.03 37.97 -0.13
C TYR B 11 -25.40 39.44 0.03
N VAL B 12 -26.04 39.99 -1.00
CA VAL B 12 -26.67 41.28 -0.81
C VAL B 12 -27.97 41.03 -0.09
N LEU B 13 -28.71 40.06 -0.61
CA LEU B 13 -29.96 39.56 -0.04
C LEU B 13 -29.86 38.05 0.13
N GLN B 14 -29.80 37.61 1.39
CA GLN B 14 -29.71 36.19 1.69
C GLN B 14 -31.10 35.58 1.87
N PRO B 15 -31.38 34.46 1.20
CA PRO B 15 -32.65 33.72 1.31
C PRO B 15 -32.69 32.92 2.59
N GLU B 16 -33.89 32.83 3.19
CA GLU B 16 -34.08 32.14 4.47
C GLU B 16 -33.62 30.70 4.44
N GLN B 17 -33.88 30.00 3.34
CA GLN B 17 -33.55 28.58 3.23
C GLN B 17 -32.05 28.28 3.17
N ILE B 18 -31.19 29.26 2.87
CA ILE B 18 -29.77 28.96 2.67
C ILE B 18 -28.90 29.40 3.85
N ILE B 19 -28.16 28.44 4.39
CA ILE B 19 -27.16 28.65 5.42
C ILE B 19 -25.84 28.10 4.90
N PRO B 20 -24.78 28.91 4.87
CA PRO B 20 -23.48 28.53 4.32
C PRO B 20 -22.86 27.42 5.14
N GLY B 21 -22.47 26.35 4.46
CA GLY B 21 -21.91 25.18 5.10
C GLY B 21 -22.95 24.13 5.48
N VAL B 22 -24.23 24.38 5.23
CA VAL B 22 -25.29 23.44 5.59
C VAL B 22 -25.95 22.86 4.34
N ALA B 23 -25.91 21.53 4.20
CA ALA B 23 -26.50 20.86 3.06
C ALA B 23 -28.01 20.75 3.18
N ASP B 24 -28.70 20.85 2.04
CA ASP B 24 -30.15 20.76 1.99
C ASP B 24 -30.59 19.55 1.18
N TYR B 25 -31.73 18.99 1.51
CA TYR B 25 -32.20 17.84 0.77
C TYR B 25 -33.55 18.10 0.12
N TYR B 26 -33.69 17.66 -1.13
CA TYR B 26 -34.95 17.84 -1.82
C TYR B 26 -35.55 16.52 -2.28
N ALA B 27 -36.87 16.44 -2.22
CA ALA B 27 -37.56 15.22 -2.63
C ALA B 27 -37.97 15.32 -4.08
N THR B 28 -37.33 14.52 -4.93
CA THR B 28 -37.63 14.55 -6.36
C THR B 28 -37.79 13.12 -6.86
N THR B 29 -38.20 13.00 -8.11
CA THR B 29 -38.31 11.69 -8.73
C THR B 29 -37.68 11.73 -10.10
N VAL B 30 -37.48 10.57 -10.70
CA VAL B 30 -36.89 10.53 -12.02
C VAL B 30 -37.56 9.46 -12.85
N PHE B 31 -37.71 9.77 -14.13
CA PHE B 31 -38.27 8.87 -15.11
C PHE B 31 -37.95 9.44 -16.47
N ASP B 32 -37.04 8.77 -17.17
CA ASP B 32 -36.54 9.25 -18.44
C ASP B 32 -37.03 8.43 -19.62
N GLY B 33 -38.06 7.63 -19.41
CA GLY B 33 -38.57 6.74 -20.42
C GLY B 33 -37.94 5.36 -20.38
N PHE B 34 -36.82 5.20 -19.68
CA PHE B 34 -36.18 3.91 -19.58
C PHE B 34 -36.01 3.53 -18.13
N ASP B 35 -35.29 4.37 -17.38
CA ASP B 35 -35.06 4.21 -15.94
C ASP B 35 -35.96 5.10 -15.12
N PHE B 36 -36.20 4.71 -13.87
CA PHE B 36 -37.08 5.46 -12.97
C PHE B 36 -36.76 5.16 -11.50
N ALA B 37 -37.02 6.15 -10.62
CA ALA B 37 -36.74 5.98 -9.20
C ALA B 37 -37.24 7.14 -8.35
N ASN B 38 -37.37 6.89 -7.05
CA ASN B 38 -37.70 7.92 -6.07
C ASN B 38 -36.43 8.28 -5.32
N LEU B 39 -36.08 9.57 -5.27
CA LEU B 39 -34.76 9.87 -4.72
C LEU B 39 -34.67 11.24 -4.05
N LEU B 40 -33.60 11.42 -3.30
CA LEU B 40 -33.34 12.68 -2.62
C LEU B 40 -32.13 13.35 -3.23
N VAL B 41 -32.19 14.66 -3.35
CA VAL B 41 -31.07 15.37 -3.93
C VAL B 41 -30.38 16.18 -2.85
N LYS B 42 -29.12 15.86 -2.61
CA LYS B 42 -28.34 16.61 -1.65
C LYS B 42 -27.80 17.84 -2.35
N THR B 43 -28.03 19.01 -1.79
CA THR B 43 -27.57 20.22 -2.43
C THR B 43 -26.68 21.02 -1.49
N ARG B 44 -25.82 21.80 -2.10
CA ARG B 44 -24.94 22.73 -1.41
C ARG B 44 -25.64 24.07 -1.23
N GLU B 45 -24.88 25.14 -1.11
CA GLU B 45 -25.43 26.48 -0.96
C GLU B 45 -26.22 26.96 -2.18
N GLY B 46 -26.04 26.36 -3.36
CA GLY B 46 -26.97 26.61 -4.46
C GLY B 46 -27.21 25.57 -5.55
N ARG B 47 -26.62 24.38 -5.44
CA ARG B 47 -26.42 23.41 -6.53
C ARG B 47 -26.49 21.98 -6.00
N PRO B 48 -26.97 21.06 -6.82
CA PRO B 48 -27.08 19.64 -6.51
C PRO B 48 -25.77 18.86 -6.65
N ILE B 49 -25.59 17.92 -5.72
CA ILE B 49 -24.48 16.98 -5.67
C ILE B 49 -25.08 15.59 -5.44
N LYS B 50 -24.25 14.59 -5.10
CA LYS B 50 -24.59 13.17 -5.05
C LYS B 50 -26.02 12.74 -4.67
N ILE B 51 -26.64 11.93 -5.52
CA ILE B 51 -28.01 11.44 -5.34
C ILE B 51 -28.16 10.41 -4.22
N GLU B 52 -29.14 10.63 -3.33
CA GLU B 52 -29.51 9.73 -2.24
C GLU B 52 -30.84 9.05 -2.56
N ASN B 53 -31.23 8.02 -1.78
CA ASN B 53 -32.52 7.35 -2.02
C ASN B 53 -33.62 7.87 -1.09
N ASN B 54 -34.83 8.03 -1.64
CA ASN B 54 -35.99 8.49 -0.85
C ASN B 54 -36.66 7.28 -0.22
N THR B 55 -36.62 7.19 1.11
CA THR B 55 -37.19 6.05 1.79
C THR B 55 -38.38 6.40 2.70
N ILE B 56 -39.15 7.42 2.38
CA ILE B 56 -40.25 7.83 3.28
C ILE B 56 -41.51 7.05 2.91
N ALA B 57 -41.60 5.81 3.41
CA ALA B 57 -42.75 4.93 3.24
C ALA B 57 -43.08 4.63 1.78
N GLY B 58 -42.15 4.88 0.86
CA GLY B 58 -42.34 4.62 -0.54
C GLY B 58 -41.06 4.12 -1.15
N ALA B 59 -40.27 3.39 -0.36
CA ALA B 59 -38.98 2.86 -0.82
C ALA B 59 -39.20 1.63 -1.68
N LYS B 60 -39.72 1.87 -2.87
CA LYS B 60 -39.99 0.80 -3.80
C LYS B 60 -39.10 0.89 -5.01
N PHE B 61 -38.60 2.08 -5.31
CA PHE B 61 -37.79 2.30 -6.50
C PHE B 61 -36.50 3.03 -6.17
N SER B 62 -35.49 2.30 -5.72
CA SER B 62 -34.19 2.89 -5.45
C SER B 62 -33.45 3.16 -6.75
N ALA B 63 -32.44 4.04 -6.69
CA ALA B 63 -31.69 4.39 -7.89
C ALA B 63 -30.67 3.33 -8.27
N ASN B 64 -30.50 3.11 -9.57
CA ASN B 64 -29.50 2.17 -10.06
C ASN B 64 -28.22 2.94 -10.35
N ALA B 65 -27.21 2.25 -10.89
CA ALA B 65 -25.94 2.89 -11.21
C ALA B 65 -26.08 3.95 -12.28
N ARG B 66 -26.93 3.70 -13.28
CA ARG B 66 -27.13 4.66 -14.36
C ARG B 66 -27.72 5.95 -13.85
N ILE B 67 -28.63 5.86 -12.89
CA ILE B 67 -29.22 7.05 -12.27
C ILE B 67 -28.21 7.77 -11.41
N HIS B 68 -27.43 7.04 -10.60
CA HIS B 68 -26.43 7.68 -9.75
C HIS B 68 -25.43 8.50 -10.55
N ALA B 69 -25.05 8.04 -11.73
CA ALA B 69 -24.11 8.76 -12.57
C ALA B 69 -24.76 9.83 -13.45
N SER B 70 -26.10 9.98 -13.39
CA SER B 70 -26.80 10.90 -14.28
C SER B 70 -26.55 12.37 -13.99
N ILE B 71 -25.99 12.71 -12.83
CA ILE B 71 -25.72 14.11 -12.46
C ILE B 71 -24.77 14.79 -13.44
N LEU B 72 -23.93 14.01 -14.12
CA LEU B 72 -22.97 14.57 -15.06
C LEU B 72 -23.65 15.17 -16.27
N GLY B 73 -24.89 14.76 -16.55
CA GLY B 73 -25.63 15.33 -17.66
C GLY B 73 -26.11 16.73 -17.36
N LEU B 74 -26.25 17.07 -16.08
CA LEU B 74 -26.65 18.42 -15.69
C LEU B 74 -25.54 19.38 -15.97
N TYR B 75 -24.35 19.02 -15.51
CA TYR B 75 -23.17 19.84 -15.62
C TYR B 75 -22.37 19.54 -16.88
N ASP B 76 -23.01 19.06 -17.93
CA ASP B 76 -22.34 18.78 -19.18
C ASP B 76 -22.27 20.07 -19.99
N SER B 77 -21.05 20.55 -20.24
CA SER B 77 -20.86 21.76 -21.02
C SER B 77 -21.23 21.60 -22.49
N MET B 78 -21.37 20.37 -22.97
CA MET B 78 -21.76 20.08 -24.35
C MET B 78 -23.28 19.99 -24.52
N ARG B 79 -24.02 20.98 -24.03
CA ARG B 79 -25.46 21.02 -24.15
C ARG B 79 -25.91 22.16 -25.05
N LEU B 80 -27.08 21.99 -25.66
CA LEU B 80 -27.61 23.03 -26.52
C LEU B 80 -28.01 24.23 -25.66
N LYS B 81 -27.08 25.18 -25.56
CA LYS B 81 -27.26 26.36 -24.72
C LYS B 81 -28.33 27.32 -25.24
N GLU B 82 -28.67 27.24 -26.51
CA GLU B 82 -29.62 28.13 -27.14
C GLU B 82 -30.31 27.38 -28.28
N PRO B 83 -31.64 27.49 -28.38
CA PRO B 83 -32.42 26.81 -29.42
C PRO B 83 -32.13 27.38 -30.78
N LYS B 84 -32.28 26.54 -31.80
CA LYS B 84 -32.01 26.95 -33.16
C LYS B 84 -33.22 26.75 -34.06
N LEU B 85 -33.33 27.60 -35.06
CA LEU B 85 -34.44 27.52 -36.00
C LEU B 85 -33.84 27.63 -37.39
N ASP B 86 -34.10 26.62 -38.22
CA ASP B 86 -33.56 26.55 -39.57
C ASP B 86 -32.03 26.55 -39.56
N GLY B 87 -31.43 25.99 -38.50
CA GLY B 87 -29.99 25.92 -38.36
C GLY B 87 -29.33 27.14 -37.72
N LYS B 88 -30.10 28.16 -37.37
CA LYS B 88 -29.51 29.37 -36.82
C LYS B 88 -30.00 29.64 -35.40
N ASN B 89 -29.16 30.30 -34.60
CA ASN B 89 -29.56 30.65 -33.25
C ASN B 89 -30.78 31.55 -33.26
N SER B 90 -31.78 31.21 -32.45
CA SER B 90 -33.00 32.01 -32.45
C SER B 90 -33.62 32.09 -31.06
N SER B 91 -34.57 33.01 -30.92
CA SER B 91 -35.27 33.20 -29.67
C SER B 91 -36.38 32.20 -29.51
N TRP B 92 -36.91 32.11 -28.30
CA TRP B 92 -38.06 31.25 -28.09
C TRP B 92 -39.29 31.87 -28.69
N SER B 93 -39.31 33.20 -28.80
CA SER B 93 -40.44 33.85 -29.43
C SER B 93 -40.49 33.52 -30.90
N ALA B 94 -39.33 33.32 -31.52
CA ALA B 94 -39.28 32.90 -32.91
C ALA B 94 -39.84 31.49 -33.03
N VAL B 95 -39.45 30.62 -32.11
CA VAL B 95 -39.93 29.24 -32.06
C VAL B 95 -41.43 29.18 -31.87
N ASP B 96 -41.94 29.97 -30.91
CA ASP B 96 -43.36 30.02 -30.61
C ASP B 96 -44.17 30.42 -31.83
N LEU B 97 -43.73 31.48 -32.51
CA LEU B 97 -44.45 31.98 -33.68
C LEU B 97 -44.40 30.99 -34.82
N LYS B 98 -43.26 30.31 -34.99
CA LYS B 98 -43.13 29.34 -36.07
C LYS B 98 -44.09 28.19 -35.87
N ILE B 99 -44.13 27.67 -34.65
CA ILE B 99 -45.00 26.54 -34.35
C ILE B 99 -46.46 26.92 -34.51
N LYS B 100 -46.86 28.05 -33.92
CA LYS B 100 -48.26 28.49 -33.97
C LYS B 100 -48.74 28.69 -35.39
N SER B 101 -47.91 29.31 -36.23
CA SER B 101 -48.35 29.55 -37.60
C SER B 101 -48.43 28.27 -38.40
N SER B 102 -47.57 27.29 -38.09
CA SER B 102 -47.63 26.05 -38.83
C SER B 102 -48.85 25.25 -38.43
N LEU B 103 -49.27 25.37 -37.17
CA LEU B 103 -50.47 24.69 -36.71
C LEU B 103 -51.70 25.29 -37.36
N ALA B 104 -51.68 26.62 -37.54
CA ALA B 104 -52.78 27.30 -38.20
C ALA B 104 -52.90 26.83 -39.64
N ASP B 105 -51.77 26.68 -40.33
CA ASP B 105 -51.78 26.21 -41.70
C ASP B 105 -52.23 24.77 -41.80
N ALA B 106 -51.79 23.92 -40.88
CA ALA B 106 -52.20 22.52 -40.88
C ALA B 106 -53.70 22.41 -40.72
N LYS B 107 -54.26 23.25 -39.85
CA LYS B 107 -55.70 23.28 -39.65
C LYS B 107 -56.43 23.72 -40.91
N ALA B 108 -55.92 24.77 -41.55
CA ALA B 108 -56.51 25.31 -42.77
C ALA B 108 -56.45 24.31 -43.92
N LYS B 109 -55.35 23.58 -44.03
CA LYS B 109 -55.17 22.62 -45.11
C LYS B 109 -55.78 21.26 -44.82
N GLY B 110 -55.95 20.92 -43.55
CA GLY B 110 -56.47 19.61 -43.21
C GLY B 110 -55.35 18.60 -43.21
N GLY B 111 -54.21 18.97 -42.64
CA GLY B 111 -53.03 18.14 -42.62
C GLY B 111 -52.94 17.23 -41.41
N GLN B 112 -51.75 16.69 -41.17
CA GLN B 112 -51.56 15.77 -40.05
C GLN B 112 -50.61 16.34 -39.02
N VAL B 113 -51.00 16.31 -37.75
CA VAL B 113 -50.14 16.78 -36.68
C VAL B 113 -49.84 15.64 -35.74
N VAL B 114 -48.56 15.39 -35.47
CA VAL B 114 -48.20 14.26 -34.62
C VAL B 114 -47.25 14.67 -33.52
N LEU B 115 -47.57 14.31 -32.29
CA LEU B 115 -46.64 14.51 -31.18
C LEU B 115 -45.96 13.19 -30.89
N LEU B 116 -44.65 13.17 -30.71
CA LEU B 116 -44.01 11.91 -30.36
C LEU B 116 -43.44 12.00 -28.98
N THR B 117 -43.55 10.92 -28.23
CA THR B 117 -43.01 10.93 -26.89
C THR B 117 -42.68 9.52 -26.44
N ASN B 118 -42.39 9.40 -25.15
CA ASN B 118 -42.10 8.10 -24.56
C ASN B 118 -42.64 8.00 -23.15
N THR B 119 -43.62 7.11 -22.99
CA THR B 119 -44.25 6.70 -21.74
C THR B 119 -44.34 7.78 -20.68
N LEU B 120 -45.04 8.87 -20.97
CA LEU B 120 -45.13 9.97 -20.02
C LEU B 120 -46.13 9.66 -18.93
N ALA B 121 -45.74 8.83 -17.96
CA ALA B 121 -46.64 8.53 -16.85
C ALA B 121 -46.82 9.75 -15.97
N SER B 122 -47.76 10.59 -16.37
CA SER B 122 -48.04 11.87 -15.74
C SER B 122 -49.48 12.31 -15.99
N PRO B 123 -50.32 12.28 -14.95
CA PRO B 123 -51.73 12.71 -15.00
C PRO B 123 -51.93 14.07 -15.59
N THR B 124 -51.03 14.99 -15.26
CA THR B 124 -51.18 16.36 -15.73
C THR B 124 -50.56 16.58 -17.10
N THR B 125 -49.49 15.86 -17.42
CA THR B 125 -48.93 16.02 -18.76
C THR B 125 -49.88 15.42 -19.77
N GLU B 126 -50.42 14.25 -19.44
CA GLU B 126 -51.37 13.58 -20.30
C GLU B 126 -52.62 14.41 -20.48
N LYS B 127 -53.09 15.05 -19.40
CA LYS B 127 -54.24 15.93 -19.50
C LYS B 127 -53.97 17.08 -20.45
N LEU B 128 -52.79 17.71 -20.31
CA LEU B 128 -52.40 18.81 -21.17
C LEU B 128 -52.35 18.38 -22.63
N ILE B 129 -51.79 17.20 -22.90
CA ILE B 129 -51.77 16.66 -24.26
C ILE B 129 -53.19 16.47 -24.77
N GLY B 130 -54.06 15.97 -23.90
CA GLY B 130 -55.46 15.81 -24.24
C GLY B 130 -56.11 17.14 -24.61
N GLU B 131 -55.77 18.21 -23.88
CA GLU B 131 -56.29 19.54 -24.19
C GLU B 131 -55.82 20.01 -25.55
N PHE B 132 -54.54 19.75 -25.86
CA PHE B 132 -53.96 20.09 -27.16
C PHE B 132 -54.77 19.43 -28.26
N ILE B 133 -55.02 18.13 -28.09
CA ILE B 133 -55.81 17.34 -29.04
C ILE B 133 -57.25 17.84 -29.12
N ALA B 134 -57.83 18.19 -27.98
CA ALA B 134 -59.19 18.71 -27.98
C ALA B 134 -59.30 19.98 -28.81
N LYS B 135 -58.27 20.82 -28.76
CA LYS B 135 -58.25 22.06 -29.51
C LYS B 135 -57.88 21.85 -30.97
N ASN B 136 -57.00 20.89 -31.24
CA ASN B 136 -56.57 20.61 -32.60
C ASN B 136 -57.22 19.34 -33.15
N PRO B 137 -58.11 19.53 -34.11
CA PRO B 137 -58.93 18.50 -34.75
C PRO B 137 -58.19 17.32 -35.25
N ASN B 138 -56.96 17.45 -35.77
CA ASN B 138 -56.25 16.35 -36.40
C ASN B 138 -54.93 15.96 -35.72
N ALA B 139 -54.89 15.93 -34.39
CA ALA B 139 -53.70 15.48 -33.64
C ALA B 139 -53.68 14.01 -33.17
N LYS B 140 -52.59 13.31 -33.44
CA LYS B 140 -52.43 11.93 -33.04
C LYS B 140 -51.29 11.92 -32.04
N HIS B 141 -51.40 11.17 -30.96
CA HIS B 141 -50.32 11.08 -30.02
C HIS B 141 -49.79 9.67 -30.10
N VAL B 142 -48.49 9.50 -30.27
CA VAL B 142 -47.90 8.17 -30.47
C VAL B 142 -46.64 7.98 -29.64
N VAL B 143 -46.40 6.82 -29.06
CA VAL B 143 -45.34 6.47 -28.11
C VAL B 143 -44.30 5.57 -28.77
N TYR B 144 -43.03 5.96 -28.64
CA TYR B 144 -41.94 5.21 -29.25
C TYR B 144 -40.90 4.79 -28.21
N ASP B 145 -40.69 3.48 -28.10
CA ASP B 145 -39.69 2.91 -27.21
C ASP B 145 -38.49 2.42 -28.01
N ALA B 146 -37.29 2.60 -27.45
CA ALA B 146 -36.07 2.07 -28.05
C ALA B 146 -36.13 0.55 -28.01
N VAL B 147 -36.05 0.00 -26.82
CA VAL B 147 -36.19 -1.43 -26.62
C VAL B 147 -37.65 -1.69 -26.34
N SER B 148 -38.32 -2.44 -27.22
CA SER B 148 -39.76 -2.60 -27.08
C SER B 148 -40.16 -3.85 -26.29
N SER B 149 -41.39 -3.82 -25.76
CA SER B 149 -41.99 -4.92 -25.01
C SER B 149 -43.48 -5.06 -25.30
N SER B 150 -43.89 -4.72 -26.53
CA SER B 150 -45.30 -4.70 -26.88
C SER B 150 -45.97 -6.06 -26.89
N ASP B 151 -45.21 -7.14 -27.02
CA ASP B 151 -45.82 -8.47 -27.02
C ASP B 151 -46.38 -8.80 -25.65
N ALA B 152 -45.64 -8.40 -24.60
CA ALA B 152 -46.10 -8.60 -23.24
C ALA B 152 -47.33 -7.74 -22.98
N LEU B 153 -47.32 -6.52 -23.49
CA LEU B 153 -48.44 -5.62 -23.30
C LEU B 153 -49.69 -6.12 -24.00
N ASP B 154 -49.54 -6.72 -25.18
CA ASP B 154 -50.70 -7.25 -25.89
C ASP B 154 -51.31 -8.42 -25.14
N ALA B 155 -50.47 -9.29 -24.60
CA ALA B 155 -50.97 -10.44 -23.86
C ALA B 155 -51.75 -10.02 -22.64
N PHE B 156 -51.24 -9.03 -21.90
CA PHE B 156 -51.94 -8.56 -20.71
C PHE B 156 -53.20 -7.80 -21.07
N GLU B 157 -53.12 -6.90 -22.05
CA GLU B 157 -54.27 -6.10 -22.48
C GLU B 157 -55.44 -6.97 -22.89
N THR B 158 -55.18 -7.98 -23.72
CA THR B 158 -56.25 -8.85 -24.21
C THR B 158 -56.82 -9.80 -23.16
N VAL B 159 -56.27 -9.86 -21.97
CA VAL B 159 -56.80 -10.71 -20.90
C VAL B 159 -57.44 -9.88 -19.82
N TYR B 160 -56.71 -8.89 -19.32
CA TYR B 160 -57.20 -8.04 -18.25
C TYR B 160 -57.81 -6.74 -18.74
N GLY B 161 -57.36 -6.19 -19.85
CA GLY B 161 -58.03 -5.00 -20.40
C GLY B 161 -57.22 -3.71 -20.46
N GLU B 162 -55.93 -3.70 -20.11
CA GLU B 162 -55.17 -2.45 -20.21
C GLU B 162 -53.72 -2.76 -20.53
N ARG B 163 -53.03 -1.78 -21.08
CA ARG B 163 -51.62 -1.98 -21.40
C ARG B 163 -50.80 -1.59 -20.18
N ALA B 164 -50.36 -2.61 -19.46
CA ALA B 164 -49.59 -2.42 -18.25
C ALA B 164 -48.85 -3.72 -17.95
N LEU B 165 -47.89 -3.67 -17.05
CA LEU B 165 -47.12 -4.86 -16.76
C LEU B 165 -47.40 -5.37 -15.35
N VAL B 166 -47.30 -6.69 -15.17
CA VAL B 166 -47.52 -7.28 -13.85
C VAL B 166 -46.29 -7.08 -13.00
N ASP B 167 -46.45 -6.44 -11.86
CA ASP B 167 -45.33 -6.23 -10.97
C ASP B 167 -45.24 -7.45 -10.07
N TYR B 168 -44.35 -8.36 -10.41
CA TYR B 168 -44.19 -9.60 -9.66
C TYR B 168 -43.43 -9.39 -8.37
N ASP B 169 -43.89 -10.03 -7.32
CA ASP B 169 -43.20 -9.95 -6.03
C ASP B 169 -42.40 -11.24 -5.81
N PHE B 170 -41.11 -11.18 -6.09
CA PHE B 170 -40.24 -12.35 -5.96
C PHE B 170 -39.95 -12.76 -4.52
N SER B 171 -40.39 -11.99 -3.53
CA SER B 171 -40.20 -12.41 -2.15
C SER B 171 -41.37 -13.26 -1.66
N LYS B 172 -42.35 -13.51 -2.52
CA LYS B 172 -43.52 -14.30 -2.15
C LYS B 172 -43.64 -15.55 -3.00
N ALA B 173 -42.53 -16.24 -3.21
CA ALA B 173 -42.52 -17.48 -3.98
C ALA B 173 -41.28 -18.28 -3.59
N SER B 174 -41.38 -19.59 -3.65
CA SER B 174 -40.26 -20.45 -3.31
C SER B 174 -39.58 -21.01 -4.53
N LEU B 175 -40.32 -21.29 -5.59
CA LEU B 175 -39.69 -21.81 -6.80
C LEU B 175 -39.79 -20.81 -7.93
N ILE B 176 -38.64 -20.36 -8.41
CA ILE B 176 -38.61 -19.42 -9.50
C ILE B 176 -38.16 -20.13 -10.76
N VAL B 177 -39.03 -20.21 -11.74
CA VAL B 177 -38.67 -20.80 -13.02
C VAL B 177 -38.58 -19.69 -14.04
N SER B 178 -37.38 -19.45 -14.52
CA SER B 178 -37.10 -18.37 -15.45
C SER B 178 -36.71 -18.88 -16.82
N VAL B 179 -37.47 -18.51 -17.83
CA VAL B 179 -37.15 -18.89 -19.21
C VAL B 179 -36.88 -17.61 -19.99
N GLY B 180 -35.61 -17.21 -20.06
CA GLY B 180 -35.25 -15.98 -20.73
C GLY B 180 -35.74 -14.76 -19.98
N ALA B 181 -35.85 -14.86 -18.66
CA ALA B 181 -36.43 -13.79 -17.84
C ALA B 181 -35.49 -12.61 -17.68
N ASP B 182 -34.34 -12.82 -17.02
CA ASP B 182 -33.38 -11.74 -16.75
C ASP B 182 -34.00 -10.65 -15.87
N PHE B 183 -34.78 -11.03 -14.86
CA PHE B 183 -35.45 -10.04 -13.99
C PHE B 183 -34.51 -9.26 -13.10
N LEU B 184 -33.27 -9.69 -12.96
CA LEU B 184 -32.31 -8.92 -12.20
C LEU B 184 -31.60 -7.90 -13.08
N GLY B 185 -31.90 -7.91 -14.38
CA GLY B 185 -31.32 -6.97 -15.33
C GLY B 185 -32.30 -5.85 -15.66
N ASP B 186 -32.50 -5.58 -16.94
CA ASP B 186 -33.39 -4.51 -17.38
C ASP B 186 -34.77 -5.01 -17.80
N TRP B 187 -35.07 -6.28 -17.55
CA TRP B 187 -36.36 -6.88 -17.90
C TRP B 187 -37.53 -6.13 -17.29
N GLN B 188 -38.27 -5.44 -18.15
CA GLN B 188 -39.45 -4.67 -17.76
C GLN B 188 -39.14 -3.60 -16.73
N GLY B 189 -37.93 -3.04 -16.77
CA GLY B 189 -37.53 -2.07 -15.77
C GLY B 189 -37.21 -2.81 -14.49
N GLY B 190 -36.24 -3.71 -14.57
CA GLY B 190 -35.91 -4.57 -13.46
C GLY B 190 -35.59 -3.83 -12.18
N GLY B 191 -36.45 -4.04 -11.19
CA GLY B 191 -36.34 -3.46 -9.86
C GLY B 191 -36.70 -4.53 -8.86
N TYR B 192 -36.34 -5.76 -9.18
CA TYR B 192 -36.71 -6.92 -8.39
C TYR B 192 -35.56 -7.44 -7.56
N ASP B 193 -34.50 -6.65 -7.43
CA ASP B 193 -33.28 -7.07 -6.74
C ASP B 193 -33.54 -7.45 -5.30
N ALA B 194 -34.19 -6.55 -4.57
CA ALA B 194 -34.47 -6.77 -3.15
C ALA B 194 -35.44 -7.92 -2.95
N GLY B 195 -36.44 -8.02 -3.84
CA GLY B 195 -37.42 -9.09 -3.73
C GLY B 195 -36.78 -10.44 -3.87
N TYR B 196 -35.87 -10.58 -4.83
CA TYR B 196 -35.16 -11.83 -5.04
C TYR B 196 -34.23 -12.13 -3.87
N ALA B 197 -33.36 -11.17 -3.54
CA ALA B 197 -32.34 -11.38 -2.51
C ALA B 197 -32.94 -11.72 -1.16
N LYS B 198 -34.09 -11.14 -0.83
CA LYS B 198 -34.75 -11.41 0.44
C LYS B 198 -35.05 -12.90 0.66
N GLY B 199 -35.32 -13.64 -0.41
CA GLY B 199 -35.61 -15.06 -0.30
C GLY B 199 -34.41 -15.96 -0.43
N ARG B 200 -33.20 -15.39 -0.45
CA ARG B 200 -31.98 -16.16 -0.59
C ARG B 200 -31.24 -16.30 0.71
N ILE B 201 -31.82 -15.81 1.80
CA ILE B 201 -31.19 -15.87 3.11
C ILE B 201 -31.76 -17.04 3.90
N PRO B 202 -30.94 -17.98 4.35
CA PRO B 202 -31.30 -19.18 5.13
C PRO B 202 -31.60 -18.84 6.58
N GLN B 203 -32.73 -18.15 6.78
CA GLN B 203 -33.17 -17.76 8.11
C GLN B 203 -33.50 -18.98 8.95
N ASN B 204 -34.08 -19.98 8.32
CA ASN B 204 -34.40 -21.25 8.94
C ASN B 204 -33.94 -22.29 7.92
N GLY B 205 -34.58 -23.45 7.86
CA GLY B 205 -34.23 -24.42 6.84
C GLY B 205 -34.92 -24.18 5.50
N LYS B 206 -35.13 -22.92 5.13
CA LYS B 206 -35.83 -22.57 3.91
C LYS B 206 -34.99 -21.66 3.04
N MET B 207 -35.24 -21.73 1.73
CA MET B 207 -34.54 -20.90 0.76
C MET B 207 -35.18 -21.06 -0.61
N SER B 208 -35.46 -19.96 -1.27
CA SER B 208 -36.06 -20.04 -2.59
C SER B 208 -35.02 -20.37 -3.64
N ARG B 209 -35.20 -21.51 -4.32
CA ARG B 209 -34.25 -21.89 -5.36
C ARG B 209 -34.71 -21.42 -6.75
N HIS B 210 -33.73 -21.20 -7.63
CA HIS B 210 -33.97 -20.60 -8.94
C HIS B 210 -33.48 -21.47 -10.11
N PHE B 211 -34.38 -21.71 -11.08
CA PHE B 211 -34.10 -22.46 -12.29
C PHE B 211 -33.94 -21.53 -13.49
N GLN B 212 -32.75 -21.45 -14.06
CA GLN B 212 -32.47 -20.55 -15.18
C GLN B 212 -32.39 -21.26 -16.52
N PHE B 213 -33.27 -20.91 -17.44
CA PHE B 213 -33.17 -21.41 -18.79
C PHE B 213 -32.81 -20.25 -19.70
N GLU B 214 -31.73 -20.37 -20.49
CA GLU B 214 -31.34 -19.22 -21.32
C GLU B 214 -30.27 -19.51 -22.37
N SER B 215 -30.26 -18.68 -23.41
CA SER B 215 -29.29 -18.72 -24.51
C SER B 215 -28.05 -17.94 -24.17
N ASN B 216 -28.25 -16.71 -23.69
CA ASN B 216 -27.18 -15.83 -23.24
C ASN B 216 -26.80 -16.19 -21.83
N MET B 217 -25.89 -15.41 -21.25
CA MET B 217 -25.59 -15.60 -19.84
C MET B 217 -25.75 -14.26 -19.14
N THR B 218 -26.55 -14.25 -18.08
CA THR B 218 -26.76 -12.99 -17.37
C THR B 218 -26.63 -13.13 -15.87
N LEU B 219 -26.94 -12.06 -15.15
CA LEU B 219 -26.81 -12.01 -13.71
C LEU B 219 -27.76 -12.95 -13.00
N SER B 220 -28.99 -13.09 -13.52
CA SER B 220 -29.93 -14.03 -12.94
C SER B 220 -29.48 -15.46 -13.16
N GLY B 221 -28.70 -15.68 -14.22
CA GLY B 221 -28.13 -16.99 -14.46
C GLY B 221 -27.01 -17.25 -13.47
N ALA B 222 -26.16 -16.25 -13.25
CA ALA B 222 -25.09 -16.35 -12.27
C ALA B 222 -25.64 -16.54 -10.86
N ALA B 223 -26.77 -15.90 -10.57
CA ALA B 223 -27.44 -16.00 -9.29
C ALA B 223 -28.42 -17.17 -9.21
N ALA B 224 -28.47 -18.02 -10.23
CA ALA B 224 -29.36 -19.16 -10.25
C ALA B 224 -28.73 -20.34 -9.54
N ASP B 225 -29.55 -21.32 -9.19
CA ASP B 225 -29.02 -22.53 -8.60
C ASP B 225 -28.82 -23.57 -9.68
N LYS B 226 -29.70 -23.55 -10.66
CA LYS B 226 -29.56 -24.42 -11.82
C LYS B 226 -29.56 -23.56 -13.08
N ARG B 227 -28.76 -23.94 -14.07
CA ARG B 227 -28.73 -23.19 -15.33
C ARG B 227 -28.61 -24.14 -16.50
N VAL B 228 -29.58 -24.06 -17.40
CA VAL B 228 -29.62 -24.93 -18.57
C VAL B 228 -29.44 -24.07 -19.83
N PRO B 229 -28.31 -24.22 -20.52
CA PRO B 229 -28.04 -23.65 -21.84
C PRO B 229 -29.11 -24.13 -22.80
N MET B 230 -29.81 -23.18 -23.43
CA MET B 230 -30.92 -23.55 -24.28
C MET B 230 -31.16 -22.49 -25.35
N THR B 231 -31.38 -22.89 -26.61
CA THR B 231 -31.56 -21.91 -27.66
C THR B 231 -33.01 -21.47 -27.68
N THR B 232 -33.32 -20.39 -28.42
CA THR B 232 -34.68 -19.86 -28.41
C THR B 232 -35.70 -20.81 -29.04
N ALA B 233 -35.25 -21.66 -29.95
CA ALA B 233 -36.12 -22.66 -30.56
C ALA B 233 -36.40 -23.80 -29.62
N ASP B 234 -35.60 -23.93 -28.56
CA ASP B 234 -35.80 -24.96 -27.57
C ASP B 234 -36.64 -24.41 -26.43
N GLN B 235 -36.43 -23.12 -26.12
CA GLN B 235 -37.14 -22.45 -25.03
C GLN B 235 -38.63 -22.41 -25.27
N LYS B 236 -39.05 -22.16 -26.52
CA LYS B 236 -40.46 -22.13 -26.83
C LYS B 236 -41.10 -23.49 -26.60
N GLN B 237 -40.38 -24.56 -26.92
CA GLN B 237 -40.91 -25.90 -26.72
C GLN B 237 -40.92 -26.25 -25.25
N ALA B 238 -39.88 -25.82 -24.53
CA ALA B 238 -39.79 -26.06 -23.10
C ALA B 238 -40.93 -25.40 -22.36
N LEU B 239 -41.31 -24.20 -22.79
CA LEU B 239 -42.43 -23.50 -22.17
C LEU B 239 -43.72 -24.30 -22.29
N VAL B 240 -43.97 -24.85 -23.47
CA VAL B 240 -45.16 -25.67 -23.65
C VAL B 240 -45.09 -26.93 -22.81
N GLN B 241 -43.89 -27.51 -22.69
CA GLN B 241 -43.71 -28.69 -21.84
C GLN B 241 -44.06 -28.40 -20.40
N ILE B 242 -43.69 -27.20 -19.92
CA ILE B 242 -44.05 -26.77 -18.58
C ILE B 242 -45.55 -26.67 -18.46
N TYR B 243 -46.17 -26.02 -19.45
CA TYR B 243 -47.62 -25.84 -19.51
C TYR B 243 -48.36 -27.16 -19.36
N ASN B 244 -47.93 -28.17 -20.11
CA ASN B 244 -48.58 -29.49 -20.09
C ASN B 244 -48.56 -30.18 -18.73
N ILE B 245 -47.66 -29.79 -17.84
CA ILE B 245 -47.53 -30.40 -16.53
C ILE B 245 -48.29 -29.63 -15.49
N VAL B 246 -48.08 -28.31 -15.41
CA VAL B 246 -48.79 -27.50 -14.43
C VAL B 246 -50.26 -27.45 -14.76
N VAL B 247 -50.58 -27.25 -16.02
CA VAL B 247 -51.95 -27.27 -16.51
C VAL B 247 -52.11 -28.58 -17.25
N GLY B 248 -52.91 -29.50 -16.73
CA GLY B 248 -53.02 -30.79 -17.38
C GLY B 248 -53.43 -30.67 -18.84
N ALA B 249 -52.52 -31.03 -19.74
CA ALA B 249 -52.78 -30.90 -21.17
C ALA B 249 -51.86 -31.81 -21.96
N SER B 250 -52.30 -32.16 -23.17
CA SER B 250 -51.50 -33.03 -24.05
C SER B 250 -51.19 -32.31 -25.35
N VAL B 251 -50.05 -31.65 -25.39
CA VAL B 251 -49.57 -30.93 -26.56
C VAL B 251 -48.25 -31.57 -26.97
N PRO B 252 -48.11 -31.98 -28.26
CA PRO B 252 -46.94 -32.69 -28.80
C PRO B 252 -45.68 -31.85 -28.87
N VAL B 253 -45.01 -31.72 -27.72
CA VAL B 253 -43.77 -30.96 -27.60
C VAL B 253 -42.60 -31.69 -28.23
N SER B 254 -41.86 -30.99 -29.08
CA SER B 254 -40.65 -31.53 -29.68
C SER B 254 -39.46 -30.93 -28.96
N LEU B 255 -38.80 -31.73 -28.13
CA LEU B 255 -37.71 -31.21 -27.32
C LEU B 255 -36.68 -32.29 -27.05
N ASP B 256 -35.41 -31.89 -27.04
CA ASP B 256 -34.31 -32.80 -26.77
C ASP B 256 -34.51 -33.53 -25.45
N ALA B 257 -34.23 -34.84 -25.49
CA ALA B 257 -34.43 -35.70 -24.32
C ALA B 257 -33.63 -35.25 -23.12
N LYS B 258 -32.41 -34.75 -23.31
CA LYS B 258 -31.62 -34.27 -22.19
C LYS B 258 -32.20 -32.99 -21.66
N PHE B 259 -32.79 -32.18 -22.53
CA PHE B 259 -33.47 -31.00 -22.05
C PHE B 259 -34.72 -31.36 -21.29
N LYS B 260 -35.49 -32.34 -21.79
CA LYS B 260 -36.70 -32.79 -21.11
C LYS B 260 -36.39 -33.32 -19.73
N ALA B 261 -35.24 -33.97 -19.57
CA ALA B 261 -34.83 -34.50 -18.29
C ALA B 261 -34.77 -33.43 -17.22
N GLU B 262 -34.50 -32.17 -17.58
CA GLU B 262 -34.45 -31.09 -16.61
C GLU B 262 -35.71 -30.25 -16.60
N VAL B 263 -36.28 -30.01 -17.80
CA VAL B 263 -37.49 -29.19 -17.92
C VAL B 263 -38.65 -29.83 -17.15
N VAL B 264 -38.81 -31.15 -17.31
CA VAL B 264 -39.88 -31.87 -16.63
C VAL B 264 -39.71 -31.78 -15.14
N LYS B 265 -38.48 -31.97 -14.64
CA LYS B 265 -38.22 -31.89 -13.21
C LYS B 265 -38.65 -30.56 -12.63
N ALA B 266 -38.24 -29.47 -13.29
CA ALA B 266 -38.55 -28.14 -12.82
C ALA B 266 -40.05 -27.89 -12.85
N ALA B 267 -40.72 -28.32 -13.92
CA ALA B 267 -42.14 -28.12 -14.06
C ALA B 267 -42.93 -28.87 -13.01
N GLN B 268 -42.52 -30.10 -12.70
CA GLN B 268 -43.21 -30.88 -11.69
C GLN B 268 -43.04 -30.27 -10.32
N GLN B 269 -41.84 -29.76 -10.04
CA GLN B 269 -41.59 -29.09 -8.77
C GLN B 269 -42.41 -27.82 -8.66
N LEU B 270 -42.47 -27.05 -9.76
CA LEU B 270 -43.25 -25.82 -9.80
C LEU B 270 -44.70 -26.12 -9.50
N LYS B 271 -45.23 -27.15 -10.15
CA LYS B 271 -46.60 -27.60 -9.92
C LYS B 271 -46.84 -27.95 -8.47
N ALA B 272 -45.89 -28.67 -7.87
CA ALA B 272 -46.01 -29.06 -6.48
C ALA B 272 -46.10 -27.87 -5.56
N ALA B 273 -45.34 -26.80 -5.82
CA ALA B 273 -45.40 -25.61 -4.98
C ALA B 273 -46.59 -24.73 -5.32
N GLY B 274 -47.78 -25.22 -5.02
CA GLY B 274 -49.01 -24.46 -5.31
C GLY B 274 -49.05 -23.24 -4.43
N THR B 275 -49.27 -22.07 -5.04
CA THR B 275 -49.35 -20.73 -4.44
C THR B 275 -47.95 -20.18 -4.07
N LYS B 276 -46.89 -20.97 -4.18
CA LYS B 276 -45.54 -20.57 -3.81
C LYS B 276 -44.57 -20.73 -4.96
N GLY B 277 -44.99 -20.42 -6.17
CA GLY B 277 -44.09 -20.56 -7.31
C GLY B 277 -44.34 -19.48 -8.33
N ILE B 278 -43.42 -19.32 -9.25
CA ILE B 278 -43.60 -18.25 -10.21
C ILE B 278 -42.96 -18.58 -11.55
N LEU B 279 -43.71 -18.40 -12.61
CA LEU B 279 -43.17 -18.61 -13.94
C LEU B 279 -42.95 -17.27 -14.62
N VAL B 280 -41.72 -17.01 -15.01
CA VAL B 280 -41.39 -15.77 -15.70
C VAL B 280 -40.66 -16.10 -16.99
N SER B 281 -41.06 -15.45 -18.08
CA SER B 281 -40.38 -15.72 -19.32
C SER B 281 -40.35 -14.52 -20.25
N GLY B 282 -39.24 -14.37 -20.95
CA GLY B 282 -39.04 -13.26 -21.85
C GLY B 282 -38.99 -13.67 -23.31
N ILE B 283 -39.96 -14.45 -23.75
CA ILE B 283 -40.02 -14.84 -25.16
C ILE B 283 -40.84 -13.80 -25.91
N GLU B 284 -40.28 -13.26 -26.98
CA GLU B 284 -40.94 -12.21 -27.76
C GLU B 284 -42.01 -12.81 -28.68
N ASP B 285 -43.10 -13.25 -28.05
CA ASP B 285 -44.25 -13.83 -28.73
C ASP B 285 -45.42 -13.76 -27.79
N LYS B 286 -46.44 -12.99 -28.17
CA LYS B 286 -47.67 -12.86 -27.39
C LYS B 286 -48.24 -14.19 -26.91
N ASN B 287 -48.13 -15.23 -27.74
CA ASN B 287 -48.68 -16.54 -27.38
C ASN B 287 -47.92 -17.14 -26.21
N ALA B 288 -46.61 -16.91 -26.17
CA ALA B 288 -45.81 -17.40 -25.07
C ALA B 288 -46.15 -16.64 -23.81
N GLN B 289 -46.38 -15.33 -23.95
CA GLN B 289 -46.73 -14.51 -22.81
C GLN B 289 -48.10 -14.88 -22.26
N LEU B 290 -49.02 -15.27 -23.15
CA LEU B 290 -50.33 -15.74 -22.74
C LEU B 290 -50.23 -17.02 -21.93
N LEU B 291 -49.35 -17.93 -22.34
CA LEU B 291 -49.18 -19.17 -21.59
C LEU B 291 -48.64 -18.90 -20.20
N VAL B 292 -47.76 -17.92 -20.08
CA VAL B 292 -47.24 -17.53 -18.78
C VAL B 292 -48.35 -17.05 -17.88
N LEU B 293 -49.26 -16.24 -18.42
CA LEU B 293 -50.41 -15.77 -17.65
C LEU B 293 -51.27 -16.93 -17.20
N ALA B 294 -51.50 -17.91 -18.09
CA ALA B 294 -52.33 -19.06 -17.78
C ALA B 294 -51.75 -19.88 -16.64
N ILE B 295 -50.44 -20.13 -16.70
CA ILE B 295 -49.75 -20.92 -15.70
C ILE B 295 -49.73 -20.23 -14.35
N ASN B 296 -49.43 -18.93 -14.32
CA ASN B 296 -49.42 -18.24 -13.05
C ASN B 296 -50.80 -18.16 -12.43
N GLN B 297 -51.85 -18.12 -13.26
CA GLN B 297 -53.20 -18.19 -12.72
C GLN B 297 -53.48 -19.57 -12.13
N ALA B 298 -53.01 -20.62 -12.81
CA ALA B 298 -53.18 -21.98 -12.33
C ALA B 298 -52.45 -22.19 -11.00
N LEU B 299 -51.25 -21.62 -10.88
CA LEU B 299 -50.47 -21.70 -9.65
C LEU B 299 -51.11 -20.88 -8.55
N ALA B 300 -51.77 -19.78 -8.92
CA ALA B 300 -52.44 -18.88 -8.01
C ALA B 300 -51.49 -18.39 -6.91
N SER B 301 -50.31 -17.98 -7.33
CA SER B 301 -49.28 -17.61 -6.39
C SER B 301 -49.37 -16.19 -5.89
N GLU B 302 -48.87 -16.02 -4.67
CA GLU B 302 -48.84 -14.76 -3.96
C GLU B 302 -48.04 -13.69 -4.69
N ALA B 303 -47.05 -14.11 -5.48
CA ALA B 303 -46.23 -13.20 -6.25
C ALA B 303 -46.96 -12.59 -7.44
N PHE B 304 -48.07 -13.18 -7.87
CA PHE B 304 -48.82 -12.73 -9.03
C PHE B 304 -50.04 -11.91 -8.62
N SER B 305 -50.15 -10.69 -9.14
CA SER B 305 -51.29 -9.84 -8.82
C SER B 305 -51.43 -8.68 -9.79
N THR B 306 -52.67 -8.25 -9.98
CA THR B 306 -52.98 -7.12 -10.85
C THR B 306 -53.49 -5.93 -10.07
N ALA B 307 -53.39 -5.97 -8.74
CA ALA B 307 -53.86 -4.87 -7.91
C ALA B 307 -53.03 -3.61 -8.15
N GLY B 308 -51.73 -3.76 -8.37
CA GLY B 308 -50.89 -2.62 -8.68
C GLY B 308 -50.10 -2.88 -9.95
N THR B 309 -50.66 -2.51 -11.09
CA THR B 309 -49.98 -2.75 -12.35
C THR B 309 -48.93 -1.66 -12.59
N ARG B 310 -47.98 -1.96 -13.46
CA ARG B 310 -46.88 -1.06 -13.74
C ARG B 310 -47.18 -0.22 -14.98
N GLN B 311 -47.09 1.10 -14.83
CA GLN B 311 -47.46 2.05 -15.87
C GLN B 311 -46.27 2.53 -16.69
N ILE B 312 -45.09 1.94 -16.47
CA ILE B 312 -43.82 2.39 -17.03
C ILE B 312 -43.66 2.14 -18.55
N ARG B 313 -44.14 1.03 -19.08
CA ARG B 313 -43.94 0.72 -20.50
C ARG B 313 -45.28 0.61 -21.23
N LYS B 314 -45.56 1.58 -22.09
CA LYS B 314 -46.82 1.59 -22.84
C LYS B 314 -46.63 1.95 -24.31
N GLY B 315 -45.78 1.22 -25.04
CA GLY B 315 -45.56 1.48 -26.45
C GLY B 315 -46.31 0.50 -27.34
N SER B 316 -46.01 0.56 -28.64
CA SER B 316 -46.60 -0.33 -29.65
C SER B 316 -45.77 -0.38 -30.92
N ASN B 317 -45.38 -1.58 -31.30
CA ASN B 317 -44.60 -1.77 -32.50
C ASN B 317 -45.46 -1.72 -33.75
N ALA B 318 -46.77 -1.77 -33.60
CA ALA B 318 -47.65 -1.68 -34.75
C ALA B 318 -47.94 -0.24 -35.09
N VAL B 319 -48.14 0.57 -34.05
CA VAL B 319 -48.44 1.98 -34.25
C VAL B 319 -47.25 2.72 -34.82
N VAL B 320 -46.06 2.46 -34.28
CA VAL B 320 -44.84 3.12 -34.76
C VAL B 320 -44.59 2.80 -36.21
N ALA B 321 -44.78 1.53 -36.59
CA ALA B 321 -44.59 1.14 -37.97
C ALA B 321 -45.56 1.86 -38.89
N GLN B 322 -46.80 2.03 -38.44
CA GLN B 322 -47.82 2.74 -39.21
C GLN B 322 -47.43 4.20 -39.39
N LEU B 323 -46.89 4.81 -38.34
CA LEU B 323 -46.43 6.19 -38.39
C LEU B 323 -45.38 6.40 -39.46
N ILE B 324 -44.37 5.54 -39.44
CA ILE B 324 -43.25 5.62 -40.38
C ILE B 324 -43.75 5.54 -41.80
N LYS B 325 -44.61 4.56 -42.06
CA LYS B 325 -45.18 4.35 -43.37
C LYS B 325 -45.92 5.58 -43.85
N ASP B 326 -46.75 6.16 -42.98
CA ASP B 326 -47.53 7.34 -43.34
C ASP B 326 -46.68 8.57 -43.61
N MET B 327 -45.57 8.73 -42.90
CA MET B 327 -44.68 9.86 -43.16
C MET B 327 -44.17 9.83 -44.59
N ASN B 328 -43.83 8.64 -45.09
CA ASN B 328 -43.36 8.50 -46.45
C ASN B 328 -44.50 8.39 -47.46
N ALA B 329 -45.63 7.82 -47.05
CA ALA B 329 -46.75 7.60 -47.94
C ALA B 329 -47.58 8.85 -48.16
N GLY B 330 -48.14 9.40 -47.08
CA GLY B 330 -49.03 10.54 -47.17
C GLY B 330 -48.32 11.85 -46.88
N SER B 331 -49.12 12.87 -46.62
CA SER B 331 -48.62 14.20 -46.31
C SER B 331 -48.79 14.48 -44.82
N VAL B 332 -47.66 14.55 -44.11
CA VAL B 332 -47.70 14.79 -42.68
C VAL B 332 -47.10 16.16 -42.36
N HIS B 333 -47.86 16.96 -41.65
CA HIS B 333 -47.49 18.32 -41.28
C HIS B 333 -46.73 18.31 -39.97
N THR B 334 -46.64 19.49 -39.34
CA THR B 334 -45.91 19.70 -38.10
C THR B 334 -45.88 18.51 -37.17
N LEU B 335 -44.68 18.02 -36.96
CA LEU B 335 -44.41 16.91 -36.07
C LEU B 335 -43.52 17.44 -34.98
N ILE B 336 -43.93 17.26 -33.74
CA ILE B 336 -43.19 17.75 -32.60
C ILE B 336 -42.83 16.58 -31.72
N MET B 337 -41.57 16.44 -31.35
CA MET B 337 -41.20 15.31 -30.53
C MET B 337 -40.26 15.71 -29.41
N SER B 338 -40.35 14.96 -28.32
CA SER B 338 -39.52 15.24 -27.15
C SER B 338 -39.02 13.95 -26.53
N GLY B 339 -37.69 13.81 -26.45
CA GLY B 339 -37.10 12.61 -25.90
C GLY B 339 -37.19 11.41 -26.82
N VAL B 340 -37.36 11.66 -28.11
CA VAL B 340 -37.54 10.61 -29.10
C VAL B 340 -36.38 10.69 -30.09
N ASN B 341 -35.75 9.56 -30.37
CA ASN B 341 -34.55 9.55 -31.22
C ASN B 341 -34.50 8.36 -32.20
N PRO B 342 -35.41 8.34 -33.21
CA PRO B 342 -35.52 7.26 -34.21
C PRO B 342 -34.27 7.13 -35.03
N VAL B 343 -33.70 8.25 -35.45
CA VAL B 343 -32.44 8.11 -36.14
C VAL B 343 -31.45 7.69 -35.09
N TYR B 344 -30.76 6.56 -35.32
CA TYR B 344 -29.95 5.73 -34.42
C TYR B 344 -30.63 4.66 -33.57
N THR B 345 -31.86 4.83 -33.10
CA THR B 345 -32.45 3.69 -32.40
C THR B 345 -33.35 2.85 -33.31
N LEU B 346 -33.89 3.45 -34.35
CA LEU B 346 -34.80 2.77 -35.26
C LEU B 346 -34.04 2.02 -36.34
N ALA B 347 -34.30 0.71 -36.45
CA ALA B 347 -33.64 -0.13 -37.44
C ALA B 347 -33.93 0.31 -38.86
N ASP B 348 -35.09 0.92 -39.09
CA ASP B 348 -35.48 1.41 -40.41
C ASP B 348 -35.32 2.92 -40.53
N SER B 349 -34.41 3.52 -39.75
CA SER B 349 -34.21 4.98 -39.72
C SER B 349 -33.89 5.61 -41.08
N ALA B 350 -33.35 4.83 -42.02
CA ALA B 350 -33.11 5.38 -43.35
C ALA B 350 -34.40 5.83 -44.00
N SER B 351 -35.47 5.07 -43.78
CA SER B 351 -36.76 5.43 -44.33
C SER B 351 -37.43 6.50 -43.50
N PHE B 352 -37.10 6.52 -42.21
CA PHE B 352 -37.60 7.57 -41.33
C PHE B 352 -37.12 8.93 -41.80
N VAL B 353 -35.82 9.02 -42.13
CA VAL B 353 -35.25 10.26 -42.64
C VAL B 353 -35.88 10.67 -43.95
N SER B 354 -36.10 9.73 -44.86
CA SER B 354 -36.78 10.09 -46.10
C SER B 354 -38.19 10.57 -45.82
N GLY B 355 -38.80 10.08 -44.73
CA GLY B 355 -40.07 10.61 -44.28
C GLY B 355 -39.95 12.03 -43.76
N LEU B 356 -38.86 12.30 -43.02
CA LEU B 356 -38.62 13.65 -42.50
C LEU B 356 -38.46 14.66 -43.63
N LYS B 357 -37.90 14.23 -44.75
CA LYS B 357 -37.76 15.10 -45.90
C LYS B 357 -39.10 15.50 -46.49
N LYS B 358 -40.18 14.79 -46.18
CA LYS B 358 -41.50 15.11 -46.69
C LYS B 358 -42.39 15.85 -45.69
N VAL B 359 -41.87 16.22 -44.51
CA VAL B 359 -42.73 16.88 -43.53
C VAL B 359 -42.24 18.29 -43.30
N LYS B 360 -43.12 19.14 -42.77
CA LYS B 360 -42.76 20.53 -42.51
C LYS B 360 -42.78 20.83 -41.03
N THR B 361 -41.89 21.73 -40.60
CA THR B 361 -41.80 22.21 -39.22
C THR B 361 -41.51 21.09 -38.22
N SER B 362 -40.39 20.41 -38.42
CA SER B 362 -39.99 19.35 -37.49
C SER B 362 -39.40 19.94 -36.23
N VAL B 363 -40.02 19.70 -35.09
CA VAL B 363 -39.53 20.28 -33.84
C VAL B 363 -39.03 19.17 -32.92
N ALA B 364 -37.78 19.27 -32.48
CA ALA B 364 -37.22 18.25 -31.61
C ALA B 364 -36.66 18.84 -30.32
N PHE B 365 -37.08 18.28 -29.19
CA PHE B 365 -36.59 18.70 -27.90
C PHE B 365 -35.49 17.77 -27.39
N SER B 366 -34.33 18.35 -27.06
CA SER B 366 -33.21 17.54 -26.58
C SER B 366 -32.23 18.35 -25.75
N LEU B 367 -31.16 17.66 -25.35
CA LEU B 367 -30.07 18.26 -24.63
C LEU B 367 -28.90 18.49 -25.55
N LYS B 368 -28.83 17.74 -26.64
CA LYS B 368 -27.73 17.81 -27.56
C LYS B 368 -28.19 17.83 -29.01
N GLU B 369 -27.37 18.40 -29.88
CA GLU B 369 -27.65 18.38 -31.31
C GLU B 369 -27.31 17.01 -31.87
N ASP B 370 -28.17 16.04 -31.57
CA ASP B 370 -27.93 14.67 -31.98
C ASP B 370 -28.34 14.46 -33.43
N GLU B 371 -28.35 13.20 -33.84
CA GLU B 371 -28.67 12.82 -35.20
C GLU B 371 -30.08 13.24 -35.67
N THR B 372 -31.04 13.40 -34.75
CA THR B 372 -32.38 13.84 -35.15
C THR B 372 -32.52 15.32 -35.03
N ALA B 373 -31.78 15.92 -34.09
CA ALA B 373 -31.80 17.36 -33.98
C ALA B 373 -31.20 17.97 -35.23
N ALA B 374 -30.21 17.28 -35.80
CA ALA B 374 -29.62 17.68 -37.06
C ALA B 374 -30.66 17.69 -38.17
N VAL B 375 -31.28 16.55 -38.43
CA VAL B 375 -32.29 16.51 -39.49
C VAL B 375 -33.63 17.00 -38.94
N SER B 376 -33.77 18.33 -38.83
CA SER B 376 -35.01 18.90 -38.28
C SER B 376 -35.17 20.36 -38.69
N THR B 377 -36.20 21.01 -38.12
CA THR B 377 -36.45 22.43 -38.38
C THR B 377 -36.12 23.26 -37.15
N ILE B 378 -36.59 22.84 -35.99
CA ILE B 378 -36.31 23.57 -34.76
C ILE B 378 -35.64 22.67 -33.73
N ALA B 379 -34.46 23.09 -33.29
CA ALA B 379 -33.74 22.41 -32.23
C ALA B 379 -34.08 23.09 -30.93
N ALA B 380 -34.92 22.46 -30.13
CA ALA B 380 -35.34 23.06 -28.88
C ALA B 380 -34.44 22.62 -27.73
N ALA B 381 -34.07 23.58 -26.89
CA ALA B 381 -33.21 23.31 -25.75
C ALA B 381 -34.04 22.90 -24.54
N ALA B 382 -33.95 21.65 -24.18
CA ALA B 382 -34.67 21.10 -23.04
C ALA B 382 -33.82 21.19 -21.75
N PRO B 383 -34.52 21.32 -20.60
CA PRO B 383 -33.93 21.32 -19.26
C PRO B 383 -33.58 19.89 -18.83
N HIS B 384 -32.65 19.75 -17.89
CA HIS B 384 -32.17 18.42 -17.47
C HIS B 384 -32.73 17.92 -16.14
N TYR B 385 -34.02 17.67 -16.06
CA TYR B 385 -34.67 17.06 -14.89
C TYR B 385 -34.66 17.91 -13.64
N LEU B 386 -33.47 18.21 -13.11
CA LEU B 386 -33.28 19.04 -11.94
C LEU B 386 -33.53 20.52 -12.25
N GLU B 387 -33.69 20.84 -13.53
CA GLU B 387 -34.06 22.16 -14.00
C GLU B 387 -35.55 22.24 -14.37
N SER B 388 -36.38 21.28 -13.94
CA SER B 388 -37.78 21.28 -14.35
C SER B 388 -38.76 20.81 -13.26
N TRP B 389 -40.07 21.00 -13.52
CA TRP B 389 -41.16 20.59 -12.63
C TRP B 389 -41.96 19.46 -13.24
N GLY B 390 -42.47 18.55 -12.41
CA GLY B 390 -43.32 17.48 -12.93
C GLY B 390 -43.96 16.61 -11.87
N ASP B 391 -44.46 15.46 -12.31
CA ASP B 391 -45.10 14.47 -11.44
C ASP B 391 -45.08 13.09 -12.12
N VAL B 392 -44.90 12.02 -11.37
CA VAL B 392 -44.79 10.69 -11.98
C VAL B 392 -45.60 9.64 -11.24
N GLU B 393 -46.33 8.81 -12.01
CA GLU B 393 -47.02 7.65 -11.46
C GLU B 393 -46.41 6.36 -11.99
N ILE B 394 -45.45 5.80 -11.25
CA ILE B 394 -44.79 4.57 -11.67
C ILE B 394 -45.74 3.38 -11.67
N THR B 395 -46.44 3.18 -10.55
CA THR B 395 -47.40 2.10 -10.42
C THR B 395 -48.82 2.64 -10.44
N LYS B 396 -49.76 1.70 -10.46
CA LYS B 396 -51.19 2.00 -10.52
C LYS B 396 -51.69 2.85 -9.35
N GLY B 397 -51.19 2.60 -8.14
CA GLY B 397 -51.66 3.27 -6.94
C GLY B 397 -50.69 4.23 -6.28
N THR B 398 -50.13 5.17 -7.03
CA THR B 398 -49.19 6.09 -6.40
C THR B 398 -49.13 7.40 -7.17
N TYR B 399 -48.69 8.44 -6.49
CA TYR B 399 -48.53 9.73 -7.12
C TYR B 399 -47.34 10.44 -6.49
N SER B 400 -46.50 11.03 -7.32
CA SER B 400 -45.31 11.66 -6.78
C SER B 400 -44.99 12.93 -7.53
N LEU B 401 -44.27 13.83 -6.87
CA LEU B 401 -43.95 15.11 -7.49
C LEU B 401 -42.45 15.26 -7.72
N THR B 402 -42.09 15.99 -8.78
CA THR B 402 -40.69 16.23 -9.12
C THR B 402 -40.37 17.70 -8.93
N GLN B 403 -39.40 18.00 -8.08
CA GLN B 403 -38.97 19.38 -7.86
C GLN B 403 -37.67 19.65 -8.59
N PRO B 404 -37.50 20.86 -9.10
CA PRO B 404 -36.24 21.36 -9.62
C PRO B 404 -35.37 21.73 -8.44
N THR B 405 -34.06 21.52 -8.58
CA THR B 405 -33.13 21.82 -7.50
C THR B 405 -32.15 22.88 -7.88
N ILE B 406 -32.06 23.21 -9.16
CA ILE B 406 -31.13 24.21 -9.64
C ILE B 406 -31.83 25.10 -10.66
N ARG B 407 -31.56 26.39 -10.58
CA ARG B 407 -32.16 27.29 -11.53
C ARG B 407 -31.47 27.09 -12.88
N PRO B 408 -32.23 27.17 -13.98
CA PRO B 408 -31.78 26.90 -15.35
C PRO B 408 -30.42 27.46 -15.70
N ILE B 409 -29.51 26.56 -16.06
CA ILE B 409 -28.15 26.93 -16.43
C ILE B 409 -28.12 27.53 -17.82
N PHE B 410 -28.78 26.86 -18.76
CA PHE B 410 -28.81 27.27 -20.15
C PHE B 410 -30.18 27.80 -20.52
N ASP B 411 -30.30 28.38 -21.71
CA ASP B 411 -31.58 28.95 -22.14
C ASP B 411 -32.50 27.84 -22.64
N THR B 412 -33.20 27.22 -21.71
CA THR B 412 -34.12 26.13 -22.03
C THR B 412 -35.58 26.50 -21.83
N LYS B 413 -36.47 25.62 -22.29
CA LYS B 413 -37.91 25.78 -22.12
C LYS B 413 -38.56 24.41 -22.05
N GLN B 414 -39.47 24.22 -21.10
CA GLN B 414 -40.11 22.93 -20.92
C GLN B 414 -41.09 22.64 -22.04
N PHE B 415 -41.20 21.36 -22.37
CA PHE B 415 -42.11 20.87 -23.40
C PHE B 415 -43.54 21.27 -23.09
N GLN B 416 -43.96 21.05 -21.84
CA GLN B 416 -45.32 21.40 -21.45
C GLN B 416 -45.56 22.90 -21.50
N ASP B 417 -44.53 23.72 -21.24
CA ASP B 417 -44.68 25.16 -21.35
C ASP B 417 -44.98 25.55 -22.78
N VAL B 418 -44.35 24.85 -23.72
CA VAL B 418 -44.61 25.09 -25.14
C VAL B 418 -46.05 24.73 -25.48
N LEU B 419 -46.52 23.58 -24.98
CA LEU B 419 -47.90 23.17 -25.24
C LEU B 419 -48.89 24.17 -24.67
N LEU B 420 -48.62 24.70 -23.49
CA LEU B 420 -49.51 25.69 -22.89
C LEU B 420 -49.57 26.96 -23.73
N SER B 421 -48.42 27.38 -24.26
CA SER B 421 -48.39 28.61 -25.04
C SER B 421 -49.11 28.47 -26.37
N VAL B 422 -49.09 27.29 -26.98
CA VAL B 422 -49.80 27.13 -28.25
C VAL B 422 -51.28 26.86 -28.00
N ASN B 423 -51.61 26.30 -26.82
CA ASN B 423 -53.01 26.11 -26.48
C ASN B 423 -53.67 27.42 -26.10
N GLY B 424 -52.89 28.38 -25.60
CA GLY B 424 -53.42 29.67 -25.21
C GLY B 424 -53.70 29.75 -23.73
N THR B 425 -53.07 28.89 -22.94
CA THR B 425 -53.25 28.89 -21.50
C THR B 425 -52.21 29.80 -20.84
N PRO B 426 -52.64 30.79 -20.06
CA PRO B 426 -51.77 31.73 -19.35
C PRO B 426 -51.07 31.08 -18.17
N GLY B 427 -49.92 31.64 -17.80
CA GLY B 427 -49.14 31.10 -16.70
C GLY B 427 -48.03 30.19 -17.21
N ASN B 428 -47.77 29.12 -16.48
CA ASN B 428 -46.73 28.16 -16.87
C ASN B 428 -47.11 26.78 -16.38
N PHE B 429 -46.23 25.80 -16.62
CA PHE B 429 -46.52 24.42 -16.24
C PHE B 429 -46.60 24.26 -14.74
N TYR B 430 -45.78 24.98 -13.99
CA TYR B 430 -45.88 24.92 -12.53
C TYR B 430 -47.25 25.34 -12.06
N ASP B 431 -47.76 26.46 -12.57
CA ASP B 431 -49.10 26.93 -12.23
C ASP B 431 -50.15 25.92 -12.64
N TYR B 432 -49.95 25.30 -13.81
CA TYR B 432 -50.85 24.26 -14.31
C TYR B 432 -50.89 23.09 -13.35
N LEU B 433 -49.71 22.67 -12.88
CA LEU B 433 -49.60 21.59 -11.91
C LEU B 433 -50.31 21.92 -10.63
N LYS B 434 -50.19 23.16 -10.18
CA LYS B 434 -50.84 23.56 -8.93
C LYS B 434 -52.34 23.43 -9.06
N ALA B 435 -52.88 23.93 -10.17
CA ALA B 435 -54.31 23.89 -10.41
C ALA B 435 -54.85 22.47 -10.47
N ASN B 436 -54.06 21.56 -11.01
CA ASN B 436 -54.50 20.18 -11.15
C ASN B 436 -53.97 19.25 -10.07
N SER B 437 -53.42 19.79 -8.98
CA SER B 437 -52.90 18.92 -7.93
C SER B 437 -53.98 18.44 -6.98
N GLY B 438 -55.02 19.25 -6.77
CA GLY B 438 -56.11 18.93 -5.88
C GLY B 438 -56.97 17.78 -6.36
N ALA B 439 -56.88 17.46 -7.63
CA ALA B 439 -57.61 16.34 -8.21
C ALA B 439 -57.15 15.02 -7.64
N ILE B 440 -55.91 14.93 -7.19
CA ILE B 440 -55.35 13.69 -6.66
C ILE B 440 -55.06 13.79 -5.18
N ILE B 441 -54.43 14.88 -4.76
CA ILE B 441 -54.02 15.02 -3.37
C ILE B 441 -55.20 15.42 -2.50
N ALA B 442 -55.68 14.47 -1.70
CA ALA B 442 -56.76 14.70 -0.75
C ALA B 442 -56.27 15.26 0.57
N GLY B 443 -54.96 15.18 0.82
CA GLY B 443 -54.35 15.70 2.03
C GLY B 443 -53.84 17.11 1.81
N SER B 444 -52.90 17.54 2.65
CA SER B 444 -52.33 18.87 2.49
C SER B 444 -51.61 18.99 1.17
N SER B 445 -51.79 20.14 0.52
CA SER B 445 -51.39 20.41 -0.86
C SER B 445 -49.91 20.24 -1.14
N TRP B 446 -49.08 21.10 -0.56
CA TRP B 446 -47.65 21.07 -0.79
C TRP B 446 -46.85 20.66 0.42
N ASN B 447 -47.25 21.20 1.56
CA ASN B 447 -46.51 21.02 2.80
C ASN B 447 -46.33 19.57 3.19
N LYS B 448 -47.27 18.70 2.85
CA LYS B 448 -47.09 17.30 3.18
C LYS B 448 -46.86 16.44 1.96
N VAL B 449 -46.71 17.03 0.79
CA VAL B 449 -46.48 16.24 -0.42
C VAL B 449 -45.13 16.56 -1.06
N LEU B 450 -44.85 17.84 -1.31
CA LEU B 450 -43.54 18.19 -1.85
C LEU B 450 -42.47 17.92 -0.82
N HIS B 451 -42.81 18.18 0.44
CA HIS B 451 -41.88 17.96 1.53
C HIS B 451 -41.46 16.50 1.63
N ASP B 452 -42.41 15.58 1.51
CA ASP B 452 -42.11 14.16 1.61
C ASP B 452 -41.74 13.53 0.26
N GLY B 453 -42.37 13.99 -0.82
CA GLY B 453 -42.09 13.55 -2.17
C GLY B 453 -43.17 12.68 -2.80
N ILE B 454 -43.91 11.92 -1.99
CA ILE B 454 -44.90 10.99 -2.53
C ILE B 454 -46.27 11.14 -1.89
N PHE B 455 -47.26 10.52 -2.56
CA PHE B 455 -48.63 10.47 -2.09
C PHE B 455 -49.22 9.10 -2.42
N VAL B 456 -49.89 8.49 -1.45
CA VAL B 456 -50.42 7.14 -1.61
C VAL B 456 -51.85 7.14 -2.15
N VAL B 457 -52.09 6.35 -3.20
CA VAL B 457 -53.41 6.25 -3.82
C VAL B 457 -53.86 4.79 -3.81
N GLY B 458 -55.12 4.53 -3.49
CA GLY B 458 -55.59 3.15 -3.46
C GLY B 458 -55.76 2.56 -4.85
N SER B 459 -56.03 1.25 -4.91
CA SER B 459 -56.20 0.56 -6.20
C SER B 459 -56.99 -0.73 -5.99
N ALA B 460 -57.18 -1.47 -7.09
CA ALA B 460 -57.93 -2.72 -7.03
C ALA B 460 -57.49 -3.67 -8.15
N ALA B 461 -57.68 -4.96 -7.90
CA ALA B 461 -57.30 -6.00 -8.86
C ALA B 461 -58.18 -5.94 -10.11
N LEU B 462 -57.60 -6.34 -11.23
CA LEU B 462 -58.31 -6.31 -12.49
C LEU B 462 -59.06 -7.62 -12.71
N ALA B 463 -60.21 -7.52 -13.37
CA ALA B 463 -60.98 -8.71 -13.66
C ALA B 463 -60.34 -9.48 -14.80
N GLY B 464 -60.38 -10.81 -14.70
CA GLY B 464 -59.87 -11.68 -15.74
C GLY B 464 -61.00 -12.08 -16.65
N GLY B 465 -60.84 -13.22 -17.33
CA GLY B 465 -61.91 -13.69 -18.20
C GLY B 465 -61.50 -14.93 -18.98
N SER B 466 -62.46 -15.46 -19.72
CA SER B 466 -62.25 -16.67 -20.52
C SER B 466 -61.35 -16.40 -21.71
N TYR B 467 -60.46 -17.35 -21.99
CA TYR B 467 -59.58 -17.23 -23.13
C TYR B 467 -59.03 -18.60 -23.50
N ASP B 468 -58.97 -18.87 -24.80
CA ASP B 468 -58.49 -20.16 -25.27
C ASP B 468 -56.97 -20.24 -25.22
N PHE B 469 -56.45 -20.56 -24.04
CA PHE B 469 -55.01 -20.71 -23.87
C PHE B 469 -54.51 -22.01 -24.44
N ALA B 470 -55.38 -23.01 -24.54
CA ALA B 470 -55.01 -24.28 -25.14
C ALA B 470 -54.68 -24.07 -26.61
N GLY B 471 -55.46 -23.21 -27.27
CA GLY B 471 -55.18 -22.86 -28.64
C GLY B 471 -53.83 -22.20 -28.77
N ALA B 472 -53.56 -21.24 -27.87
CA ALA B 472 -52.27 -20.55 -27.85
C ALA B 472 -51.12 -21.53 -27.65
N ALA B 473 -51.33 -22.54 -26.80
CA ALA B 473 -50.31 -23.56 -26.55
C ALA B 473 -49.98 -24.32 -27.82
N SER B 474 -51.02 -24.68 -28.58
CA SER B 474 -50.77 -25.42 -29.81
C SER B 474 -50.12 -24.55 -30.86
N LEU B 475 -50.43 -23.25 -30.85
CA LEU B 475 -49.81 -22.35 -31.81
C LEU B 475 -48.32 -22.20 -31.53
N LEU B 476 -47.97 -22.12 -30.24
CA LEU B 476 -46.57 -22.02 -29.88
C LEU B 476 -45.81 -23.30 -30.18
N SER B 477 -46.42 -24.44 -29.89
CA SER B 477 -45.74 -25.70 -30.17
C SER B 477 -45.57 -25.94 -31.66
N LYS B 478 -46.51 -25.46 -32.47
CA LYS B 478 -46.39 -25.59 -33.91
C LYS B 478 -45.36 -24.62 -34.47
N ALA B 479 -45.23 -23.45 -33.84
CA ALA B 479 -44.25 -22.47 -34.28
C ALA B 479 -42.86 -23.06 -34.23
N LYS B 480 -42.11 -22.85 -35.31
CA LYS B 480 -40.77 -23.42 -35.39
C LYS B 480 -39.94 -22.75 -36.48
N SER B 481 -38.75 -22.32 -36.09
CA SER B 481 -37.80 -21.74 -37.02
C SER B 481 -36.42 -22.21 -36.61
N SER B 482 -36.07 -23.42 -37.05
CA SER B 482 -34.79 -24.00 -36.72
C SER B 482 -33.86 -23.91 -37.93
N GLY B 483 -32.91 -22.99 -37.85
CA GLY B 483 -31.96 -22.78 -38.93
C GLY B 483 -30.54 -22.82 -38.40
N GLU B 484 -29.73 -21.87 -38.85
CA GLU B 484 -28.34 -21.75 -38.46
C GLU B 484 -28.17 -20.71 -37.36
N LEU B 485 -26.90 -20.42 -37.05
CA LEU B 485 -26.41 -19.48 -36.03
C LEU B 485 -27.21 -18.20 -35.85
N GLU B 486 -27.52 -17.82 -34.61
CA GLU B 486 -28.37 -16.65 -34.39
C GLU B 486 -27.80 -15.76 -33.29
N LEU B 487 -28.26 -14.52 -33.23
CA LEU B 487 -27.78 -13.65 -32.16
C LEU B 487 -28.93 -13.08 -31.38
N VAL B 488 -28.63 -12.62 -30.17
CA VAL B 488 -29.61 -11.97 -29.32
C VAL B 488 -29.08 -10.64 -28.80
N LEU B 489 -29.84 -9.57 -29.03
CA LEU B 489 -29.46 -8.24 -28.60
C LEU B 489 -29.77 -8.00 -27.13
N TYR B 490 -28.91 -7.25 -26.43
CA TYR B 490 -29.18 -6.98 -25.02
C TYR B 490 -28.62 -5.62 -24.55
N THR B 491 -29.08 -5.15 -23.39
CA THR B 491 -28.62 -3.89 -22.80
C THR B 491 -27.70 -4.16 -21.61
N LYS B 492 -26.96 -3.14 -21.19
CA LYS B 492 -26.01 -3.31 -20.09
C LYS B 492 -26.36 -2.44 -18.89
N THR B 493 -25.73 -2.77 -17.76
CA THR B 493 -25.92 -2.01 -16.55
C THR B 493 -25.24 -0.66 -16.64
N GLY B 494 -24.18 -0.57 -17.43
CA GLY B 494 -23.50 0.69 -17.65
C GLY B 494 -23.99 1.40 -18.90
N MET B 495 -24.71 0.68 -19.75
CA MET B 495 -25.20 1.27 -21.00
C MET B 495 -26.61 0.78 -21.32
N GLY B 496 -27.60 1.47 -20.75
CA GLY B 496 -28.98 1.14 -21.00
C GLY B 496 -29.38 1.57 -22.40
N ASP B 497 -29.22 2.85 -22.69
CA ASP B 497 -29.52 3.36 -24.02
C ASP B 497 -28.56 4.52 -24.34
N GLY B 498 -28.89 5.28 -25.38
CA GLY B 498 -28.05 6.40 -25.76
C GLY B 498 -28.27 7.70 -24.99
N GLN B 499 -28.74 7.62 -23.75
CA GLN B 499 -28.84 8.82 -22.95
C GLN B 499 -27.57 9.04 -22.15
N HIS B 500 -26.65 8.08 -22.19
CA HIS B 500 -25.40 8.23 -21.49
C HIS B 500 -24.22 8.00 -22.41
N ALA B 501 -24.34 8.53 -23.64
CA ALA B 501 -23.33 8.32 -24.66
C ALA B 501 -21.98 8.88 -24.26
N ASN B 502 -21.96 10.01 -23.58
CA ASN B 502 -20.70 10.60 -23.17
C ASN B 502 -20.56 10.69 -21.66
N ASN B 503 -21.15 9.75 -20.92
CA ASN B 503 -21.02 9.77 -19.48
C ASN B 503 -19.78 8.97 -19.06
N PRO B 504 -18.71 9.65 -18.61
CA PRO B 504 -17.41 9.06 -18.29
C PRO B 504 -17.44 8.08 -17.15
N TRP B 505 -18.43 8.17 -16.27
CA TRP B 505 -18.49 7.23 -15.18
C TRP B 505 -19.05 5.91 -15.63
N LEU B 506 -19.92 5.95 -16.62
CA LEU B 506 -20.51 4.73 -17.11
C LEU B 506 -19.67 4.16 -18.23
N GLN B 507 -18.83 4.98 -18.85
CA GLN B 507 -17.89 4.46 -19.83
C GLN B 507 -16.78 3.72 -19.13
N GLU B 508 -16.33 4.26 -18.00
CA GLU B 508 -15.27 3.65 -17.23
C GLU B 508 -15.77 2.45 -16.44
N PHE B 509 -16.99 2.51 -15.92
CA PHE B 509 -17.56 1.40 -15.15
C PHE B 509 -17.51 0.10 -15.95
N PRO B 510 -16.78 -0.90 -15.45
CA PRO B 510 -16.57 -2.19 -16.12
C PRO B 510 -17.79 -3.08 -16.03
N ASP B 511 -17.93 -3.94 -17.04
CA ASP B 511 -19.05 -4.86 -17.08
C ASP B 511 -18.99 -5.83 -15.91
N PRO B 512 -20.10 -6.00 -15.18
CA PRO B 512 -20.19 -6.88 -14.01
C PRO B 512 -19.95 -8.33 -14.31
N ILE B 513 -20.09 -8.74 -15.57
CA ILE B 513 -19.89 -10.13 -15.93
C ILE B 513 -18.57 -10.34 -16.66
N THR B 514 -18.30 -9.55 -17.70
CA THR B 514 -17.09 -9.77 -18.49
C THR B 514 -15.87 -9.01 -18.01
N ARG B 515 -16.05 -7.99 -17.17
CA ARG B 515 -14.95 -7.26 -16.52
C ARG B 515 -14.09 -6.45 -17.48
N VAL B 516 -14.74 -5.75 -18.43
CA VAL B 516 -14.05 -4.90 -19.40
C VAL B 516 -14.72 -3.53 -19.44
N SER B 517 -14.01 -2.53 -19.95
CA SER B 517 -14.58 -1.18 -19.97
C SER B 517 -14.25 -0.44 -21.26
N TRP B 518 -14.90 0.72 -21.42
CA TRP B 518 -14.72 1.61 -22.57
C TRP B 518 -14.89 0.96 -23.94
N ASP B 519 -15.76 -0.05 -24.10
CA ASP B 519 -15.93 -0.63 -25.44
C ASP B 519 -17.08 -1.64 -25.53
N ASN B 520 -17.55 -1.88 -26.75
CA ASN B 520 -18.58 -2.89 -27.04
C ASN B 520 -17.88 -4.16 -27.51
N TYR B 521 -18.63 -5.27 -27.65
CA TYR B 521 -18.06 -6.54 -28.07
C TYR B 521 -19.13 -7.57 -28.42
N VAL B 522 -18.67 -8.70 -28.95
CA VAL B 522 -19.54 -9.81 -29.34
C VAL B 522 -19.29 -11.04 -28.48
N THR B 523 -20.33 -11.63 -27.93
CA THR B 523 -20.14 -12.80 -27.06
C THR B 523 -20.30 -14.11 -27.83
N VAL B 524 -19.22 -14.89 -27.89
CA VAL B 524 -19.19 -16.17 -28.60
C VAL B 524 -18.74 -17.28 -27.65
N SER B 525 -19.44 -18.42 -27.65
CA SER B 525 -19.04 -19.51 -26.76
C SER B 525 -17.78 -20.17 -27.27
N ASN B 526 -17.08 -20.86 -26.38
CA ASN B 526 -15.82 -21.48 -26.78
C ASN B 526 -16.02 -22.62 -27.78
N ALA B 527 -17.17 -23.29 -27.71
CA ALA B 527 -17.48 -24.34 -28.67
C ALA B 527 -17.65 -23.80 -30.08
N ASP B 528 -18.01 -22.53 -30.19
CA ASP B 528 -18.16 -21.89 -31.49
C ASP B 528 -16.84 -21.29 -31.91
N ALA B 529 -16.08 -20.79 -30.93
CA ALA B 529 -14.78 -20.19 -31.19
C ALA B 529 -13.84 -21.17 -31.88
N LYS B 530 -13.92 -22.43 -31.50
CA LYS B 530 -13.11 -23.47 -32.12
C LYS B 530 -13.48 -23.71 -33.57
N LYS B 531 -14.73 -23.42 -33.93
CA LYS B 531 -15.18 -23.61 -35.31
C LYS B 531 -14.83 -22.41 -36.17
N PHE B 532 -14.85 -21.23 -35.58
CA PHE B 532 -14.56 -20.01 -36.31
C PHE B 532 -13.14 -19.53 -36.12
N ASN B 533 -12.33 -20.26 -35.36
CA ASN B 533 -10.93 -19.91 -35.09
C ASN B 533 -10.79 -18.54 -34.43
N LEU B 534 -11.70 -18.23 -33.51
CA LEU B 534 -11.68 -16.95 -32.82
C LEU B 534 -11.03 -17.12 -31.46
N SER B 535 -10.42 -16.05 -30.94
CA SER B 535 -9.77 -16.19 -29.63
C SER B 535 -9.37 -14.87 -28.99
N ASN B 536 -9.04 -14.96 -27.70
CA ASN B 536 -8.55 -13.84 -26.92
C ASN B 536 -7.25 -14.27 -26.25
N GLU B 537 -6.40 -13.32 -25.86
CA GLU B 537 -5.15 -13.71 -25.24
C GLU B 537 -4.57 -12.63 -24.32
N ILE B 538 -3.86 -13.06 -23.27
CA ILE B 538 -3.19 -12.14 -22.36
C ILE B 538 -1.80 -11.84 -22.89
N VAL B 539 -1.47 -10.57 -23.04
CA VAL B 539 -0.19 -10.19 -23.56
C VAL B 539 0.77 -9.80 -22.45
N ALA B 540 2.02 -9.56 -22.82
CA ALA B 540 3.12 -9.27 -21.90
C ALA B 540 2.85 -8.07 -20.99
N ASN B 541 2.10 -7.08 -21.43
CA ASN B 541 1.86 -5.94 -20.56
C ASN B 541 0.68 -6.14 -19.61
N GLY B 542 0.04 -7.31 -19.63
CA GLY B 542 -1.03 -7.61 -18.71
C GLY B 542 -2.44 -7.48 -19.25
N GLY B 543 -2.66 -6.82 -20.38
CA GLY B 543 -4.00 -6.65 -20.88
C GLY B 543 -4.41 -7.76 -21.84
N LEU B 544 -5.56 -7.56 -22.51
CA LEU B 544 -6.08 -8.56 -23.44
C LEU B 544 -6.08 -8.09 -24.88
N ASN B 545 -5.83 -9.04 -25.77
CA ASN B 545 -5.97 -8.84 -27.19
C ASN B 545 -6.96 -9.88 -27.72
N GLY B 546 -7.52 -9.65 -28.90
CA GLY B 546 -8.44 -10.63 -29.45
C GLY B 546 -8.72 -10.42 -30.92
N SER B 547 -9.23 -11.46 -31.56
CA SER B 547 -9.51 -11.42 -32.99
C SER B 547 -10.76 -10.60 -33.32
N TYR B 548 -10.91 -10.22 -34.60
CA TYR B 548 -12.09 -9.51 -35.11
C TYR B 548 -12.98 -10.49 -35.88
N ALA B 549 -14.26 -10.12 -36.06
CA ALA B 549 -15.19 -10.99 -36.76
C ALA B 549 -16.27 -10.19 -37.48
N THR B 550 -16.89 -10.83 -38.48
CA THR B 550 -17.93 -10.21 -39.31
C THR B 550 -19.29 -10.90 -39.15
N ILE B 551 -20.32 -10.11 -38.88
CA ILE B 551 -21.68 -10.62 -38.78
C ILE B 551 -22.47 -10.26 -40.03
N THR B 552 -23.01 -11.28 -40.68
CA THR B 552 -23.81 -11.11 -41.90
C THR B 552 -25.25 -11.56 -41.67
N THR B 553 -26.20 -10.75 -42.12
CA THR B 553 -27.61 -11.05 -41.98
C THR B 553 -28.26 -11.05 -43.35
N ALA B 554 -29.56 -11.33 -43.38
CA ALA B 554 -30.25 -11.28 -44.65
C ALA B 554 -30.20 -9.87 -45.19
N ASP B 555 -29.56 -9.73 -46.35
CA ASP B 555 -29.40 -8.44 -47.02
C ASP B 555 -28.65 -7.39 -46.19
N GLY B 556 -27.59 -7.77 -45.46
CA GLY B 556 -26.82 -6.78 -44.72
C GLY B 556 -25.67 -7.39 -43.94
N ASN B 557 -24.87 -6.52 -43.30
CA ASN B 557 -23.72 -6.98 -42.52
C ASN B 557 -23.10 -5.86 -41.69
N LYS B 558 -22.18 -6.24 -40.80
CA LYS B 558 -21.47 -5.27 -39.96
C LYS B 558 -20.03 -5.04 -40.38
N LEU B 559 -19.36 -6.06 -40.93
CA LEU B 559 -18.01 -6.02 -41.48
C LEU B 559 -16.85 -5.83 -40.50
N GLU B 560 -17.10 -5.61 -39.20
CA GLU B 560 -16.00 -5.45 -38.24
C GLU B 560 -16.52 -5.42 -36.82
N ASN B 561 -16.45 -6.54 -36.13
CA ASN B 561 -16.91 -6.61 -34.76
C ASN B 561 -15.79 -7.12 -33.90
N VAL B 562 -15.91 -6.87 -32.61
CA VAL B 562 -14.89 -7.29 -31.66
C VAL B 562 -15.38 -8.39 -30.72
N PRO B 563 -15.14 -9.66 -31.02
CA PRO B 563 -15.55 -10.80 -30.20
C PRO B 563 -14.70 -11.07 -28.96
N VAL B 564 -15.41 -11.52 -27.93
CA VAL B 564 -14.86 -11.96 -26.66
C VAL B 564 -15.39 -13.36 -26.42
N ILE B 565 -14.48 -14.31 -26.22
CA ILE B 565 -14.90 -15.70 -26.12
C ILE B 565 -15.25 -16.03 -24.69
N VAL B 566 -16.51 -15.76 -24.32
CA VAL B 566 -17.01 -16.09 -22.99
C VAL B 566 -17.44 -17.53 -23.01
N GLN B 567 -16.65 -18.40 -22.38
CA GLN B 567 -16.86 -19.86 -22.38
C GLN B 567 -18.34 -20.32 -22.27
N PRO B 568 -19.09 -20.05 -21.18
CA PRO B 568 -20.50 -20.41 -21.02
C PRO B 568 -21.49 -19.35 -21.46
N GLY B 569 -20.97 -18.26 -22.03
CA GLY B 569 -21.73 -17.10 -22.43
C GLY B 569 -22.91 -17.49 -23.27
N GLN B 570 -22.63 -18.15 -24.35
CA GLN B 570 -23.69 -18.62 -25.22
C GLN B 570 -23.88 -20.10 -25.03
N ALA B 571 -25.13 -20.54 -25.18
CA ALA B 571 -25.45 -21.95 -25.05
C ALA B 571 -24.75 -22.75 -26.13
N VAL B 572 -25.23 -22.62 -27.36
CA VAL B 572 -24.62 -23.24 -28.51
C VAL B 572 -25.33 -22.71 -29.75
N GLY B 573 -24.57 -22.34 -30.77
CA GLY B 573 -25.22 -21.85 -31.97
C GLY B 573 -25.84 -20.48 -31.81
N THR B 574 -25.46 -19.73 -30.76
CA THR B 574 -26.01 -18.42 -30.52
C THR B 574 -24.89 -17.41 -30.25
N VAL B 575 -25.17 -16.12 -30.48
CA VAL B 575 -24.20 -15.03 -30.30
C VAL B 575 -24.80 -13.87 -29.49
N GLY B 576 -24.09 -13.37 -28.49
CA GLY B 576 -24.57 -12.23 -27.75
C GLY B 576 -24.07 -10.92 -28.34
N LEU B 577 -24.96 -9.92 -28.43
CA LEU B 577 -24.51 -8.63 -28.93
C LEU B 577 -25.15 -7.48 -28.17
N ALA B 578 -24.33 -6.68 -27.51
CA ALA B 578 -24.87 -5.53 -26.80
C ALA B 578 -25.23 -4.43 -27.78
N VAL B 579 -26.31 -3.73 -27.50
CA VAL B 579 -26.80 -2.70 -28.40
C VAL B 579 -26.80 -1.34 -27.71
N GLY B 580 -26.34 -0.30 -28.41
CA GLY B 580 -26.41 1.05 -27.87
C GLY B 580 -25.13 1.85 -27.68
N TYR B 581 -24.11 1.74 -28.55
CA TYR B 581 -22.93 2.56 -28.40
C TYR B 581 -22.54 3.50 -29.56
N GLY B 582 -22.87 3.13 -30.80
CA GLY B 582 -22.41 3.87 -31.97
C GLY B 582 -23.05 5.23 -32.26
N ARG B 583 -22.71 6.23 -31.45
CA ARG B 583 -23.16 7.61 -31.61
C ARG B 583 -22.06 8.46 -32.22
N LYS B 584 -22.44 9.47 -33.02
CA LYS B 584 -21.43 10.32 -33.63
C LYS B 584 -21.76 11.81 -33.63
N ALA B 585 -22.99 12.20 -33.37
CA ALA B 585 -23.31 13.62 -33.38
C ALA B 585 -23.15 14.26 -32.00
N ALA B 586 -22.58 15.47 -32.01
CA ALA B 586 -22.40 16.31 -30.82
C ALA B 586 -21.65 15.67 -29.66
N LEU B 587 -20.51 15.05 -29.93
CA LEU B 587 -19.69 14.51 -28.83
C LEU B 587 -18.26 14.31 -29.34
N LYS B 588 -17.31 14.25 -28.40
CA LYS B 588 -15.90 14.13 -28.76
C LYS B 588 -15.58 12.70 -29.17
N GLU B 589 -14.50 12.56 -29.96
CA GLU B 589 -14.07 11.26 -30.47
C GLU B 589 -13.60 10.31 -29.37
N GLU B 590 -13.35 10.82 -28.17
CA GLU B 590 -13.01 9.98 -27.05
C GLU B 590 -14.24 9.30 -26.51
N MET B 591 -15.41 9.86 -26.78
CA MET B 591 -16.66 9.29 -26.35
C MET B 591 -17.37 8.57 -27.48
N GLN B 592 -16.96 8.81 -28.72
CA GLN B 592 -17.52 8.09 -29.88
C GLN B 592 -16.92 6.69 -29.98
N VAL B 593 -17.27 5.82 -29.02
CA VAL B 593 -16.66 4.51 -28.91
C VAL B 593 -17.69 3.38 -28.86
N GLY B 594 -17.52 2.38 -29.72
CA GLY B 594 -18.33 1.18 -29.68
C GLY B 594 -19.14 0.96 -30.96
N ILE B 595 -20.06 -0.01 -30.87
CA ILE B 595 -20.93 -0.44 -31.96
C ILE B 595 -22.39 -0.21 -31.57
N ASN B 596 -23.18 0.27 -32.52
CA ASN B 596 -24.58 0.54 -32.24
C ASN B 596 -25.45 -0.70 -32.27
N ALA B 597 -25.55 -1.41 -33.40
CA ALA B 597 -26.31 -2.65 -33.56
C ALA B 597 -27.82 -2.45 -33.65
N TYR B 598 -28.34 -1.24 -33.45
CA TYR B 598 -29.78 -1.02 -33.56
C TYR B 598 -30.28 -1.30 -34.96
N ALA B 599 -29.41 -1.17 -35.96
CA ALA B 599 -29.78 -1.51 -37.34
C ALA B 599 -30.13 -2.99 -37.49
N LEU B 600 -29.71 -3.84 -36.56
CA LEU B 600 -30.01 -5.25 -36.59
C LEU B 600 -31.32 -5.58 -35.88
N TYR B 601 -31.97 -4.60 -35.25
CA TYR B 601 -33.22 -4.81 -34.51
C TYR B 601 -34.41 -4.77 -35.48
N LYS B 602 -34.39 -5.69 -36.45
CA LYS B 602 -35.37 -5.68 -37.53
C LYS B 602 -36.72 -6.11 -37.03
N ASN B 603 -37.72 -5.29 -37.33
CA ASN B 603 -39.10 -5.51 -36.89
C ASN B 603 -39.19 -5.57 -35.38
N PHE B 604 -38.27 -4.87 -34.71
CA PHE B 604 -38.21 -4.80 -33.26
C PHE B 604 -38.00 -6.16 -32.61
N ASN B 605 -37.39 -7.11 -33.30
CA ASN B 605 -37.10 -8.41 -32.72
C ASN B 605 -35.66 -8.49 -32.25
N SER B 606 -35.47 -9.05 -31.04
CA SER B 606 -34.13 -9.15 -30.48
C SER B 606 -33.37 -10.36 -30.97
N VAL B 607 -34.05 -11.30 -31.60
CA VAL B 607 -33.42 -12.53 -32.06
C VAL B 607 -33.30 -12.51 -33.58
N GLN B 608 -32.08 -12.62 -34.09
CA GLN B 608 -31.85 -12.57 -35.54
C GLN B 608 -30.95 -13.72 -36.00
N SER B 609 -31.21 -14.23 -37.21
CA SER B 609 -30.36 -15.29 -37.76
C SER B 609 -29.15 -14.70 -38.45
N ILE B 610 -27.94 -15.22 -38.17
CA ILE B 610 -26.71 -14.62 -38.68
C ILE B 610 -25.70 -15.63 -39.23
N THR B 611 -24.73 -15.09 -39.98
CA THR B 611 -23.56 -15.83 -40.43
C THR B 611 -22.32 -15.16 -39.86
N LEU B 612 -21.43 -15.93 -39.22
CA LEU B 612 -20.27 -15.36 -38.56
C LEU B 612 -18.98 -15.76 -39.27
N ALA B 613 -18.17 -14.77 -39.66
CA ALA B 613 -16.91 -15.02 -40.35
C ALA B 613 -15.74 -14.37 -39.61
N LYS B 614 -14.57 -14.99 -39.69
CA LYS B 614 -13.39 -14.43 -39.04
C LYS B 614 -12.75 -13.34 -39.90
N ALA B 615 -12.39 -12.21 -39.27
CA ALA B 615 -11.78 -11.09 -39.97
C ALA B 615 -10.24 -11.22 -39.98
N ASN B 616 -9.54 -10.13 -40.31
CA ASN B 616 -8.08 -10.16 -40.49
C ASN B 616 -7.23 -9.73 -39.29
N GLY B 617 -7.53 -8.61 -38.65
CA GLY B 617 -6.64 -8.03 -37.63
C GLY B 617 -6.81 -8.55 -36.20
N GLU B 618 -6.35 -7.72 -35.25
CA GLU B 618 -6.40 -8.03 -33.83
C GLU B 618 -6.67 -6.77 -33.01
N HIS B 619 -7.56 -6.89 -32.03
CA HIS B 619 -8.06 -5.77 -31.23
C HIS B 619 -7.48 -5.78 -29.82
N GLU B 620 -7.24 -4.59 -29.27
CA GLU B 620 -6.74 -4.46 -27.90
C GLU B 620 -7.87 -4.02 -26.98
N PHE B 621 -7.94 -4.64 -25.79
CA PHE B 621 -9.05 -4.40 -24.87
C PHE B 621 -8.62 -3.73 -23.56
N ALA B 622 -9.41 -2.75 -23.11
CA ALA B 622 -9.21 -2.19 -21.77
C ALA B 622 -9.88 -3.09 -20.75
N CYS B 623 -9.26 -4.23 -20.49
CA CYS B 623 -9.81 -5.24 -19.60
C CYS B 623 -9.36 -5.01 -18.17
N VAL B 624 -10.31 -5.03 -17.25
CA VAL B 624 -10.02 -4.78 -15.84
C VAL B 624 -9.48 -6.02 -15.13
N GLN B 625 -10.17 -7.14 -15.25
CA GLN B 625 -9.75 -8.35 -14.54
C GLN B 625 -9.02 -9.34 -15.45
N GLY B 626 -7.92 -9.91 -14.94
CA GLY B 626 -7.13 -10.85 -15.72
C GLY B 626 -7.60 -12.30 -15.70
N GLN B 627 -7.35 -13.00 -14.60
CA GLN B 627 -7.70 -14.42 -14.51
C GLN B 627 -9.21 -14.68 -14.40
N LYS B 628 -9.67 -15.69 -15.13
CA LYS B 628 -11.06 -16.09 -15.15
C LYS B 628 -11.47 -17.08 -14.07
N THR B 629 -10.58 -17.98 -13.65
CA THR B 629 -10.95 -19.04 -12.70
C THR B 629 -10.42 -18.79 -11.30
N LEU B 630 -10.90 -19.64 -10.40
CA LEU B 630 -10.43 -19.71 -9.03
C LEU B 630 -9.59 -20.97 -8.92
N MET B 631 -8.39 -20.84 -8.38
CA MET B 631 -7.42 -21.96 -8.34
C MET B 631 -7.72 -23.07 -7.32
N GLY B 632 -8.92 -23.15 -6.76
CA GLY B 632 -9.21 -24.13 -5.75
C GLY B 632 -8.97 -23.58 -4.37
N ARG B 633 -8.85 -22.27 -4.29
CA ARG B 633 -8.59 -21.61 -3.02
C ARG B 633 -9.89 -21.44 -2.25
N GLY B 634 -10.26 -22.51 -1.54
CA GLY B 634 -11.45 -22.57 -0.72
C GLY B 634 -11.42 -21.62 0.46
N ASP B 635 -10.26 -21.09 0.80
CA ASP B 635 -10.14 -20.10 1.86
C ASP B 635 -10.48 -18.67 1.39
N ILE B 636 -11.02 -18.53 0.19
CA ILE B 636 -11.44 -17.23 -0.31
C ILE B 636 -12.97 -17.18 -0.32
N ILE B 637 -13.62 -17.97 -1.16
CA ILE B 637 -15.08 -18.04 -1.10
C ILE B 637 -15.49 -19.41 -0.58
N LYS B 638 -15.89 -19.48 0.67
CA LYS B 638 -16.36 -20.75 1.18
C LYS B 638 -17.80 -20.95 0.82
N GLU B 639 -18.10 -22.10 0.24
CA GLU B 639 -19.45 -22.42 -0.13
C GLU B 639 -19.82 -23.77 0.44
N THR B 640 -21.12 -23.98 0.61
CA THR B 640 -21.61 -25.26 1.09
C THR B 640 -22.99 -25.47 0.53
N THR B 641 -23.68 -26.49 1.00
CA THR B 641 -25.05 -26.71 0.55
C THR B 641 -26.00 -26.55 1.72
N LEU B 642 -27.28 -26.42 1.38
CA LEU B 642 -28.29 -26.15 2.39
C LEU B 642 -28.44 -27.29 3.39
N GLU B 643 -28.46 -28.53 2.91
CA GLU B 643 -28.59 -29.66 3.83
C GLU B 643 -27.36 -29.85 4.70
N ILE B 644 -26.19 -29.39 4.26
CA ILE B 644 -25.01 -29.44 5.10
C ILE B 644 -25.12 -28.39 6.17
N PHE B 645 -25.51 -27.19 5.75
CA PHE B 645 -25.76 -26.09 6.66
C PHE B 645 -26.73 -26.50 7.75
N ASN B 646 -27.80 -27.19 7.35
CA ASN B 646 -28.84 -27.65 8.27
C ASN B 646 -28.44 -28.83 9.13
N THR B 647 -27.67 -29.81 8.62
CA THR B 647 -27.42 -31.02 9.40
C THR B 647 -26.02 -31.16 9.98
N GLN B 648 -25.02 -30.49 9.43
CA GLN B 648 -23.66 -30.66 9.92
C GLN B 648 -23.23 -29.51 10.82
N ASP B 649 -22.27 -29.80 11.69
CA ASP B 649 -21.71 -28.80 12.59
C ASP B 649 -20.89 -27.81 11.78
N ALA B 650 -20.71 -26.60 12.34
CA ALA B 650 -19.94 -25.56 11.69
C ALA B 650 -18.52 -26.02 11.38
N LYS B 651 -17.98 -26.93 12.17
CA LYS B 651 -16.65 -27.49 11.93
C LYS B 651 -16.50 -28.15 10.56
N HIS B 652 -17.58 -28.48 9.88
CA HIS B 652 -17.52 -29.16 8.61
C HIS B 652 -17.83 -28.26 7.42
N TRP B 653 -18.28 -27.04 7.65
CA TRP B 653 -18.55 -26.13 6.54
C TRP B 653 -17.95 -24.74 6.75
N ASN B 654 -17.76 -24.33 8.00
CA ASN B 654 -17.11 -23.07 8.31
C ASN B 654 -15.97 -23.32 9.29
N GLU B 655 -14.90 -23.94 8.78
CA GLU B 655 -13.74 -24.31 9.58
C GLU B 655 -12.65 -23.24 9.58
N GLN B 656 -12.20 -22.87 10.76
CA GLN B 656 -11.15 -21.89 10.93
C GLN B 656 -9.79 -22.60 11.13
N PRO B 657 -8.69 -21.94 10.72
CA PRO B 657 -7.33 -22.52 10.75
C PRO B 657 -6.79 -22.71 12.15
N MET B 658 -6.03 -23.79 12.32
CA MET B 658 -5.47 -24.17 13.61
C MET B 658 -3.94 -24.09 13.59
N VAL B 659 -3.34 -23.84 14.75
CA VAL B 659 -1.90 -23.76 14.91
C VAL B 659 -1.46 -24.67 16.05
N SER B 660 -0.34 -25.37 15.87
CA SER B 660 0.14 -26.27 16.90
C SER B 660 0.90 -25.57 18.04
N LEU B 661 0.54 -25.93 19.27
CA LEU B 661 1.16 -25.55 20.54
C LEU B 661 1.96 -26.72 21.03
N ASP B 662 2.03 -26.90 22.34
CA ASP B 662 2.73 -28.06 22.93
C ASP B 662 1.99 -29.36 22.62
N HIS B 663 2.13 -29.80 21.37
CA HIS B 663 1.50 -31.01 20.86
C HIS B 663 -0.02 -30.93 21.01
N GLN B 664 -0.57 -29.75 20.75
CA GLN B 664 -2.01 -29.47 20.86
C GLN B 664 -2.42 -28.50 19.76
N GLU B 665 -3.68 -28.53 19.35
CA GLU B 665 -4.15 -27.59 18.32
C GLU B 665 -4.96 -26.46 18.94
N VAL B 666 -4.82 -25.26 18.39
CA VAL B 666 -5.57 -24.11 18.89
C VAL B 666 -5.90 -23.18 17.74
N GLU B 667 -7.02 -22.47 17.85
CA GLU B 667 -7.40 -21.50 16.84
C GLU B 667 -6.27 -20.50 16.61
N ALA B 668 -5.90 -20.33 15.33
CA ALA B 668 -4.78 -19.50 14.91
C ALA B 668 -4.80 -18.08 15.47
N THR B 669 -5.97 -17.53 15.74
CA THR B 669 -6.12 -16.17 16.23
C THR B 669 -5.62 -15.98 17.66
N THR B 670 -5.33 -17.07 18.37
CA THR B 670 -4.85 -17.00 19.75
C THR B 670 -3.34 -16.91 19.85
N VAL B 671 -2.62 -17.11 18.75
CA VAL B 671 -1.16 -17.06 18.76
C VAL B 671 -0.68 -15.65 18.49
N ASP B 672 0.01 -15.03 19.46
CA ASP B 672 0.45 -13.65 19.27
C ASP B 672 1.59 -13.27 20.23
N LEU B 673 2.77 -13.00 19.67
CA LEU B 673 3.94 -12.56 20.45
C LEU B 673 3.84 -11.13 20.98
N TRP B 674 2.87 -10.35 20.51
CA TRP B 674 2.77 -8.95 20.87
C TRP B 674 1.65 -8.73 21.88
N GLU B 675 1.34 -7.46 22.16
CA GLU B 675 0.23 -7.13 23.03
C GLU B 675 -0.79 -6.30 22.27
N SER B 676 -2.06 -6.51 22.57
CA SER B 676 -3.13 -5.81 21.88
C SER B 676 -3.42 -4.46 22.51
N PHE B 677 -4.20 -3.67 21.79
CA PHE B 677 -4.60 -2.36 22.25
C PHE B 677 -6.07 -2.39 22.65
N ASP B 678 -6.46 -1.55 23.59
CA ASP B 678 -7.81 -1.56 24.13
C ASP B 678 -8.78 -0.78 23.27
N ARG B 679 -9.61 -1.48 22.52
CA ARG B 679 -10.67 -0.86 21.74
C ARG B 679 -12.02 -1.43 22.16
N THR B 680 -12.19 -1.64 23.46
CA THR B 680 -13.43 -2.20 23.99
C THR B 680 -14.46 -1.12 24.28
N THR B 681 -14.04 0.14 24.38
CA THR B 681 -14.96 1.24 24.59
C THR B 681 -14.73 2.27 23.50
N GLY B 682 -15.77 3.05 23.19
CA GLY B 682 -15.67 4.06 22.16
C GLY B 682 -15.68 3.58 20.72
N HIS B 683 -16.79 2.98 20.30
CA HIS B 683 -17.24 2.88 18.91
C HIS B 683 -16.25 2.10 18.02
N HIS B 684 -16.12 0.81 18.31
CA HIS B 684 -15.41 -0.09 17.42
C HIS B 684 -16.30 -0.45 16.24
N PHE B 685 -15.81 -0.25 15.02
CA PHE B 685 -16.60 -0.42 13.81
C PHE B 685 -16.31 -1.74 13.11
N ASN B 686 -17.29 -2.20 12.34
CA ASN B 686 -17.13 -3.33 11.43
C ASN B 686 -18.00 -3.10 10.19
N LEU B 687 -18.02 -4.09 9.30
CA LEU B 687 -18.69 -3.98 8.01
C LEU B 687 -18.94 -5.39 7.51
N SER B 688 -20.17 -5.67 7.04
CA SER B 688 -20.67 -7.03 6.91
C SER B 688 -21.18 -7.29 5.50
N ILE B 689 -20.54 -8.21 4.79
CA ILE B 689 -21.02 -8.73 3.52
C ILE B 689 -21.57 -10.14 3.74
N ASP B 690 -22.77 -10.41 3.24
CA ASP B 690 -23.26 -11.77 3.09
C ASP B 690 -23.36 -12.09 1.61
N LEU B 691 -22.75 -13.21 1.20
CA LEU B 691 -22.56 -13.50 -0.20
C LEU B 691 -23.84 -13.95 -0.91
N ASN B 692 -24.90 -14.28 -0.18
CA ASN B 692 -26.14 -14.64 -0.84
C ASN B 692 -26.83 -13.42 -1.44
N ALA B 693 -26.80 -12.29 -0.73
CA ALA B 693 -27.45 -11.08 -1.21
C ALA B 693 -26.68 -10.39 -2.32
N CYS B 694 -25.42 -10.76 -2.56
CA CYS B 694 -24.63 -10.15 -3.62
C CYS B 694 -25.09 -10.67 -4.98
N THR B 695 -26.03 -9.97 -5.62
CA THR B 695 -26.45 -10.37 -6.95
C THR B 695 -25.44 -9.91 -7.99
N GLY B 696 -25.26 -8.59 -8.13
CA GLY B 696 -24.16 -8.08 -8.90
C GLY B 696 -23.44 -6.93 -8.24
N CYS B 697 -24.08 -6.36 -7.21
CA CYS B 697 -23.59 -5.19 -6.45
C CYS B 697 -23.16 -4.04 -7.36
N GLY B 698 -23.99 -3.75 -8.36
CA GLY B 698 -23.66 -2.80 -9.40
C GLY B 698 -23.56 -1.35 -8.96
N ALA B 699 -24.63 -0.84 -8.35
CA ALA B 699 -24.68 0.56 -7.95
C ALA B 699 -23.90 0.86 -6.69
N CYS B 700 -23.32 -0.15 -6.03
CA CYS B 700 -22.48 0.08 -4.87
C CYS B 700 -21.14 0.71 -5.26
N VAL B 701 -20.73 0.55 -6.52
CA VAL B 701 -19.45 1.09 -6.96
C VAL B 701 -19.53 2.59 -7.16
N ILE B 702 -20.51 3.04 -7.95
CA ILE B 702 -20.60 4.44 -8.39
C ILE B 702 -20.88 5.37 -7.21
N ALA B 703 -21.60 4.88 -6.20
CA ALA B 703 -21.87 5.70 -5.03
C ALA B 703 -20.63 5.92 -4.17
N CYS B 704 -19.69 4.97 -4.18
CA CYS B 704 -18.45 5.16 -3.45
C CYS B 704 -17.50 6.10 -4.18
N HIS B 705 -17.60 6.20 -5.49
CA HIS B 705 -16.80 7.14 -6.27
C HIS B 705 -17.48 8.49 -6.43
N ALA B 706 -18.52 8.77 -5.64
CA ALA B 706 -19.27 10.01 -5.74
C ALA B 706 -18.77 11.07 -4.76
N GLU B 707 -18.61 10.72 -3.48
CA GLU B 707 -17.99 11.65 -2.55
C GLU B 707 -16.50 11.75 -2.80
N ASN B 708 -15.85 10.61 -3.00
CA ASN B 708 -14.42 10.50 -2.78
C ASN B 708 -13.59 11.06 -3.92
N ASN B 709 -14.21 11.59 -4.97
CA ASN B 709 -13.57 12.36 -6.03
C ASN B 709 -12.51 11.55 -6.77
N VAL B 710 -12.80 10.28 -7.01
CA VAL B 710 -11.90 9.40 -7.74
C VAL B 710 -11.92 9.80 -9.20
N PRO B 711 -10.78 10.12 -9.80
CA PRO B 711 -10.77 10.65 -11.16
C PRO B 711 -11.01 9.55 -12.19
N VAL B 712 -11.30 10.00 -13.42
CA VAL B 712 -11.64 9.11 -14.51
C VAL B 712 -10.41 8.92 -15.39
N VAL B 713 -10.09 7.67 -15.69
CA VAL B 713 -8.93 7.32 -16.50
C VAL B 713 -9.44 6.74 -17.82
N GLY B 714 -8.76 7.05 -18.91
CA GLY B 714 -9.21 6.66 -20.24
C GLY B 714 -9.09 5.19 -20.56
N LYS B 715 -9.15 4.87 -21.85
CA LYS B 715 -9.03 3.48 -22.28
C LYS B 715 -7.60 2.99 -22.10
N ALA B 716 -6.64 3.69 -22.71
CA ALA B 716 -5.26 3.56 -22.28
C ALA B 716 -5.11 4.10 -20.88
N GLU B 717 -4.12 3.57 -20.15
CA GLU B 717 -3.77 3.70 -18.73
C GLU B 717 -4.73 2.86 -17.86
N VAL B 718 -5.82 2.32 -18.43
CA VAL B 718 -6.53 1.19 -17.86
C VAL B 718 -6.19 -0.08 -18.63
N ARG B 719 -5.87 0.06 -19.94
CA ARG B 719 -5.36 -1.05 -20.75
C ARG B 719 -4.08 -1.64 -20.17
N ARG B 720 -3.27 -0.81 -19.52
CA ARG B 720 -2.05 -1.24 -18.86
C ARG B 720 -2.32 -1.64 -17.40
N SER B 721 -3.60 -1.85 -17.05
CA SER B 721 -4.07 -2.34 -15.75
C SER B 721 -3.66 -1.41 -14.61
N ARG B 722 -3.76 -0.11 -14.84
CA ARG B 722 -3.31 0.89 -13.88
C ARG B 722 -4.45 1.86 -13.58
N ASP B 723 -5.63 1.31 -13.24
CA ASP B 723 -6.83 2.10 -13.01
C ASP B 723 -6.92 2.55 -11.56
N MET B 724 -7.97 3.33 -11.25
CA MET B 724 -8.18 3.89 -9.93
C MET B 724 -9.59 3.51 -9.47
N HIS B 725 -9.70 2.52 -8.60
CA HIS B 725 -10.96 2.12 -8.01
C HIS B 725 -10.73 1.74 -6.56
N TRP B 726 -11.63 2.16 -5.67
CA TRP B 726 -11.42 1.88 -4.26
C TRP B 726 -12.03 0.57 -3.81
N LEU B 727 -13.14 0.15 -4.41
CA LEU B 727 -13.69 -1.18 -4.15
C LEU B 727 -13.99 -1.84 -5.48
N ARG B 728 -13.94 -3.17 -5.48
CA ARG B 728 -14.05 -3.95 -6.70
C ARG B 728 -14.95 -5.16 -6.47
N ILE B 729 -15.62 -5.58 -7.54
CA ILE B 729 -16.40 -6.80 -7.56
C ILE B 729 -15.61 -7.83 -8.36
N ASP B 730 -15.56 -9.06 -7.86
CA ASP B 730 -14.77 -10.10 -8.50
C ASP B 730 -15.64 -11.00 -9.38
N ARG B 731 -14.99 -11.99 -9.99
CA ARG B 731 -15.64 -12.86 -10.97
C ARG B 731 -14.80 -14.13 -11.02
N TYR B 732 -15.32 -15.24 -10.50
CA TYR B 732 -14.58 -16.48 -10.38
C TYR B 732 -15.38 -17.59 -11.03
N TYR B 733 -14.89 -18.09 -12.17
CA TYR B 733 -15.48 -19.25 -12.80
C TYR B 733 -14.96 -20.53 -12.15
N SER B 734 -15.21 -21.67 -12.79
CA SER B 734 -14.69 -22.93 -12.31
C SER B 734 -14.34 -23.82 -13.50
N SER B 735 -13.58 -24.87 -13.20
CA SER B 735 -13.35 -25.96 -14.14
C SER B 735 -14.16 -27.17 -13.69
N GLU B 736 -14.74 -27.87 -14.67
CA GLU B 736 -15.54 -29.10 -14.46
C GLU B 736 -16.77 -28.84 -13.58
N SER B 737 -17.47 -27.74 -13.90
CA SER B 737 -18.88 -27.51 -13.61
C SER B 737 -19.25 -27.24 -12.14
N THR B 738 -18.31 -27.40 -11.21
CA THR B 738 -18.57 -27.11 -9.80
C THR B 738 -17.35 -26.45 -9.18
N PHE B 739 -17.55 -25.89 -7.98
CA PHE B 739 -16.41 -25.47 -7.16
C PHE B 739 -15.82 -26.62 -6.35
N GLU B 740 -16.60 -27.66 -6.07
CA GLU B 740 -16.05 -28.84 -5.42
C GLU B 740 -15.26 -29.71 -6.40
N GLY B 741 -15.50 -29.55 -7.71
CA GLY B 741 -14.68 -30.20 -8.70
C GLY B 741 -13.30 -29.58 -8.85
N ASP B 742 -13.13 -28.34 -8.40
CA ASP B 742 -11.81 -27.72 -8.33
C ASP B 742 -11.18 -27.87 -6.96
N ASN B 743 -11.70 -28.78 -6.14
CA ASN B 743 -11.06 -29.13 -4.88
C ASN B 743 -10.81 -30.62 -4.77
N GLU B 744 -11.29 -31.41 -5.72
CA GLU B 744 -10.95 -32.83 -5.80
C GLU B 744 -9.74 -33.07 -6.70
N ARG B 745 -9.55 -32.23 -7.71
CA ARG B 745 -8.36 -32.34 -8.55
C ARG B 745 -7.11 -31.90 -7.81
N LYS B 746 -7.24 -31.01 -6.84
CA LYS B 746 -6.10 -30.43 -6.16
C LYS B 746 -5.64 -31.26 -4.96
N GLU B 747 -6.60 -31.73 -4.14
CA GLU B 747 -6.24 -32.52 -2.97
C GLU B 747 -5.71 -33.90 -3.36
N GLY B 748 -6.17 -34.44 -4.50
CA GLY B 748 -5.56 -35.62 -5.05
C GLY B 748 -4.49 -35.24 -6.06
N ILE B 749 -3.22 -35.24 -5.64
CA ILE B 749 -2.13 -34.75 -6.47
C ILE B 749 -0.90 -35.61 -6.18
N ALA B 750 0.02 -35.65 -7.13
CA ALA B 750 1.24 -36.45 -7.05
C ALA B 750 2.46 -35.53 -7.04
N GLY B 751 3.65 -36.13 -7.12
CA GLY B 751 4.87 -35.38 -6.94
C GLY B 751 5.53 -34.87 -8.21
N LEU B 752 5.31 -33.58 -8.52
CA LEU B 752 6.12 -32.73 -9.40
C LEU B 752 6.01 -33.08 -10.88
N SER B 753 5.37 -34.19 -11.22
CA SER B 753 5.13 -34.53 -12.62
C SER B 753 3.70 -34.28 -13.05
N SER B 754 2.74 -34.44 -12.12
CA SER B 754 1.35 -34.10 -12.39
C SER B 754 1.01 -32.69 -11.95
N SER B 755 1.70 -32.15 -10.95
CA SER B 755 1.43 -30.82 -10.44
C SER B 755 1.94 -29.71 -11.35
N LEU B 756 2.71 -30.05 -12.39
CA LEU B 756 3.03 -29.10 -13.45
C LEU B 756 1.97 -29.05 -14.53
N SER B 757 1.05 -30.02 -14.56
CA SER B 757 0.01 -30.08 -15.56
C SER B 757 -1.38 -29.77 -15.03
N THR B 758 -1.66 -30.06 -13.76
CA THR B 758 -2.98 -29.76 -13.22
C THR B 758 -3.15 -28.27 -12.97
N PHE B 759 -2.13 -27.62 -12.42
CA PHE B 759 -2.18 -26.18 -12.18
C PHE B 759 -2.13 -25.35 -13.46
N ASN B 760 -1.80 -25.96 -14.60
CA ASN B 760 -1.86 -25.28 -15.89
C ASN B 760 -3.20 -25.53 -16.59
N GLU B 761 -3.94 -26.54 -16.18
CA GLU B 761 -5.28 -26.78 -16.71
C GLU B 761 -6.37 -26.13 -15.89
N MET B 762 -6.10 -25.78 -14.63
CA MET B 762 -7.09 -25.15 -13.77
C MET B 762 -7.21 -23.64 -13.98
N GLU B 763 -6.63 -23.09 -15.04
CA GLU B 763 -6.90 -21.71 -15.43
C GLU B 763 -7.69 -21.63 -16.73
N LYS B 764 -8.08 -22.77 -17.29
CA LYS B 764 -8.98 -22.81 -18.43
C LYS B 764 -10.36 -23.18 -17.93
N PRO B 765 -11.32 -22.26 -17.91
CA PRO B 765 -12.63 -22.57 -17.35
C PRO B 765 -13.44 -23.46 -18.28
N GLY B 766 -13.99 -24.52 -17.71
CA GLY B 766 -14.77 -25.47 -18.48
C GLY B 766 -16.11 -24.91 -18.92
N ASP B 767 -16.80 -25.68 -19.75
CA ASP B 767 -18.13 -25.31 -20.19
C ASP B 767 -19.10 -25.38 -19.01
N ASN B 768 -20.16 -24.56 -19.10
CA ASN B 768 -21.21 -24.18 -18.14
C ASN B 768 -20.81 -24.25 -16.66
N PRO B 769 -19.84 -23.44 -16.21
CA PRO B 769 -19.41 -23.51 -14.82
C PRO B 769 -20.34 -22.75 -13.90
N GLN B 770 -19.95 -22.64 -12.64
CA GLN B 770 -20.66 -21.84 -11.65
C GLN B 770 -19.94 -20.51 -11.46
N VAL B 771 -20.71 -19.46 -11.26
CA VAL B 771 -20.20 -18.11 -11.13
C VAL B 771 -20.36 -17.68 -9.66
N ALA B 772 -19.39 -16.94 -9.15
CA ALA B 772 -19.47 -16.41 -7.80
C ALA B 772 -18.91 -15.01 -7.78
N PHE B 773 -19.58 -14.12 -7.06
CA PHE B 773 -19.16 -12.73 -6.91
C PHE B 773 -18.60 -12.51 -5.51
N GLN B 774 -17.73 -11.52 -5.40
CA GLN B 774 -17.13 -11.20 -4.12
C GLN B 774 -16.69 -9.74 -4.07
N PRO B 775 -17.32 -8.90 -3.27
CA PRO B 775 -16.84 -7.52 -3.13
C PRO B 775 -15.63 -7.46 -2.22
N VAL B 776 -14.58 -6.77 -2.70
CA VAL B 776 -13.31 -6.68 -1.99
C VAL B 776 -12.93 -5.21 -1.89
N MET B 777 -12.78 -4.72 -0.66
CA MET B 777 -12.29 -3.38 -0.41
C MET B 777 -11.18 -3.45 0.63
N CYS B 778 -10.69 -2.31 1.11
CA CYS B 778 -9.67 -2.31 2.15
C CYS B 778 -10.32 -2.58 3.49
N GLN B 779 -10.34 -3.85 3.90
CA GLN B 779 -10.69 -4.16 5.29
C GLN B 779 -9.62 -3.62 6.23
N HIS B 780 -10.01 -2.75 7.14
CA HIS B 780 -9.06 -2.06 7.99
C HIS B 780 -8.54 -3.02 9.04
N CYS B 781 -7.34 -3.54 8.80
CA CYS B 781 -6.73 -4.58 9.63
C CYS B 781 -6.35 -4.01 10.99
N ASN B 782 -5.94 -4.90 11.90
CA ASN B 782 -5.42 -4.48 13.19
C ASN B 782 -3.94 -4.74 13.32
N HIS B 783 -3.47 -5.94 12.94
CA HIS B 783 -2.05 -6.17 12.70
C HIS B 783 -1.80 -5.96 11.22
N ALA B 784 -1.80 -4.69 10.82
CA ALA B 784 -1.81 -4.33 9.41
C ALA B 784 -0.40 -4.31 8.87
N PRO B 785 -0.09 -5.08 7.82
CA PRO B 785 1.27 -5.05 7.27
C PRO B 785 1.58 -3.77 6.50
N CYS B 786 0.57 -3.04 6.04
CA CYS B 786 0.79 -1.80 5.30
C CYS B 786 1.21 -0.64 6.19
N GLU B 787 1.16 -0.81 7.51
CA GLU B 787 1.47 0.26 8.45
C GLU B 787 2.95 0.37 8.74
N THR B 788 3.55 -0.74 9.20
CA THR B 788 4.84 -0.73 9.89
C THR B 788 6.00 -0.33 9.02
N VAL B 789 5.84 -0.34 7.69
CA VAL B 789 6.96 -0.15 6.79
C VAL B 789 6.95 1.22 6.14
N CYS B 790 5.95 2.04 6.39
CA CYS B 790 5.93 3.39 5.87
C CYS B 790 6.99 4.24 6.54
N PRO B 791 8.04 4.66 5.83
CA PRO B 791 9.16 5.35 6.49
C PRO B 791 8.81 6.75 6.95
N VAL B 792 7.81 7.38 6.33
CA VAL B 792 7.48 8.76 6.60
C VAL B 792 6.24 8.85 7.51
N ALA B 793 5.70 7.70 7.94
CA ALA B 793 4.65 7.59 8.96
C ALA B 793 3.36 8.32 8.55
N ALA B 794 2.89 8.04 7.35
CA ALA B 794 1.68 8.67 6.84
C ALA B 794 0.41 7.91 7.22
N THR B 795 0.54 6.66 7.65
CA THR B 795 -0.59 5.84 8.05
C THR B 795 -0.53 5.54 9.54
N SER B 796 -1.70 5.44 10.15
CA SER B 796 -1.83 5.06 11.56
C SER B 796 -3.24 4.54 11.77
N HIS B 797 -3.49 4.03 12.98
CA HIS B 797 -4.80 3.53 13.36
C HIS B 797 -5.43 4.41 14.42
N GLY B 798 -6.76 4.36 14.49
CA GLY B 798 -7.52 5.07 15.48
C GLY B 798 -8.07 4.15 16.55
N ARG B 799 -8.75 4.77 17.52
CA ARG B 799 -9.44 3.98 18.53
C ARG B 799 -10.70 3.33 17.97
N GLN B 800 -11.31 3.94 16.96
CA GLN B 800 -12.49 3.36 16.36
C GLN B 800 -12.17 2.13 15.53
N GLY B 801 -10.96 2.03 15.00
CA GLY B 801 -10.54 0.85 14.27
C GLY B 801 -10.42 1.04 12.78
N GLN B 802 -10.20 2.26 12.31
CA GLN B 802 -9.99 2.51 10.90
C GLN B 802 -8.53 2.26 10.51
N ASN B 803 -8.19 2.63 9.28
CA ASN B 803 -6.81 2.84 8.83
C ASN B 803 -6.79 4.25 8.28
N HIS B 804 -6.33 5.18 9.11
CA HIS B 804 -6.29 6.57 8.71
C HIS B 804 -5.16 6.80 7.71
N MET B 805 -5.47 7.49 6.63
CA MET B 805 -4.53 7.71 5.53
C MET B 805 -4.33 9.21 5.37
N ALA B 806 -3.20 9.71 5.83
CA ALA B 806 -2.86 11.11 5.62
C ALA B 806 -2.31 11.28 4.21
N TYR B 807 -2.77 12.32 3.53
CA TYR B 807 -2.34 12.64 2.18
C TYR B 807 -1.19 13.64 2.17
N ASN B 808 -0.48 13.77 3.29
CA ASN B 808 0.52 14.81 3.46
C ASN B 808 1.93 14.26 3.64
N ARG B 809 2.15 13.38 4.61
CA ARG B 809 3.46 12.75 4.72
C ARG B 809 3.71 11.70 3.66
N CYS B 810 2.72 11.38 2.82
CA CYS B 810 2.91 10.32 1.84
C CYS B 810 3.85 10.80 0.74
N VAL B 811 5.14 10.64 0.96
CA VAL B 811 6.14 10.85 -0.07
C VAL B 811 6.36 9.50 -0.74
N GLY B 812 5.92 9.37 -1.98
CA GLY B 812 5.49 8.09 -2.51
C GLY B 812 6.56 7.04 -2.77
N THR B 813 7.19 6.57 -1.70
CA THR B 813 7.94 5.32 -1.73
C THR B 813 6.94 4.19 -1.62
N ARG B 814 6.72 3.48 -2.72
CA ARG B 814 5.56 2.61 -2.90
C ARG B 814 5.73 1.26 -2.20
N TYR B 815 5.92 1.30 -0.88
CA TYR B 815 6.01 0.02 -0.17
C TYR B 815 4.63 -0.54 0.11
N CYS B 816 3.75 0.27 0.70
CA CYS B 816 2.53 -0.24 1.31
C CYS B 816 1.52 -0.79 0.31
N ALA B 817 1.74 -0.60 -1.00
CA ALA B 817 1.00 -1.36 -2.00
C ALA B 817 1.46 -2.80 -2.08
N ASN B 818 2.65 -3.13 -1.57
CA ASN B 818 3.18 -4.48 -1.68
C ASN B 818 2.80 -5.37 -0.50
N ASN B 819 2.98 -4.89 0.75
CA ASN B 819 2.64 -5.74 1.88
C ASN B 819 1.16 -5.93 2.13
N CYS B 820 0.26 -5.33 1.38
CA CYS B 820 -1.14 -5.69 1.52
C CYS B 820 -1.37 -7.01 0.80
N PRO B 821 -1.73 -8.09 1.51
CA PRO B 821 -1.95 -9.36 0.81
C PRO B 821 -3.22 -9.35 -0.01
N TYR B 822 -4.22 -8.57 0.39
CA TYR B 822 -5.41 -8.40 -0.41
C TYR B 822 -5.13 -7.48 -1.59
N LYS B 823 -4.18 -6.56 -1.40
CA LYS B 823 -3.62 -5.69 -2.44
C LYS B 823 -4.71 -4.79 -3.05
N VAL B 824 -5.35 -4.02 -2.18
CA VAL B 824 -6.30 -2.99 -2.59
C VAL B 824 -5.69 -1.67 -2.14
N ARG B 825 -4.91 -1.05 -3.02
CA ARG B 825 -4.19 0.18 -2.71
C ARG B 825 -3.81 0.82 -4.03
N ARG B 826 -4.32 2.03 -4.28
CA ARG B 826 -4.24 2.63 -5.61
C ARG B 826 -3.37 3.88 -5.58
N PHE B 827 -2.11 3.72 -5.99
CA PHE B 827 -1.22 4.84 -6.20
C PHE B 827 -1.64 5.60 -7.46
N ASN B 828 -1.51 6.93 -7.43
CA ASN B 828 -1.78 7.71 -8.62
C ASN B 828 -0.47 8.14 -9.27
N TRP B 829 -0.49 8.27 -10.58
CA TRP B 829 0.72 8.24 -11.37
C TRP B 829 0.97 9.53 -12.12
N PHE B 830 -0.02 10.04 -12.83
CA PHE B 830 0.04 11.33 -13.47
C PHE B 830 -0.65 12.35 -12.57
N LEU B 831 -0.85 13.57 -13.07
CA LEU B 831 -1.71 14.55 -12.43
C LEU B 831 -3.03 14.54 -13.17
N TYR B 832 -4.10 14.14 -12.49
CA TYR B 832 -5.39 13.94 -13.11
C TYR B 832 -6.30 15.16 -13.04
N ASN B 833 -5.81 16.28 -12.50
CA ASN B 833 -6.70 17.38 -12.16
C ASN B 833 -7.00 18.28 -13.35
N LYS B 834 -5.98 18.97 -13.88
CA LYS B 834 -6.22 20.08 -14.78
C LYS B 834 -5.43 20.01 -16.09
N ASN B 835 -4.70 18.93 -16.36
CA ASN B 835 -3.92 18.88 -17.59
C ASN B 835 -4.78 18.43 -18.77
N SER B 836 -4.30 18.73 -19.97
CA SER B 836 -5.05 18.44 -21.20
C SER B 836 -4.91 16.99 -21.66
N GLU B 837 -4.12 16.17 -20.96
CA GLU B 837 -4.08 14.75 -21.28
C GLU B 837 -5.32 14.02 -20.78
N PHE B 838 -6.03 14.59 -19.83
CA PHE B 838 -7.27 14.02 -19.27
C PHE B 838 -8.32 15.10 -19.38
N ASP B 839 -9.09 15.06 -20.47
CA ASP B 839 -10.04 16.12 -20.82
C ASP B 839 -11.45 15.78 -20.34
N TYR B 840 -11.53 15.15 -19.17
CA TYR B 840 -12.77 14.68 -18.59
C TYR B 840 -13.35 15.78 -17.71
N HIS B 841 -14.31 15.44 -16.83
CA HIS B 841 -15.02 16.45 -16.04
C HIS B 841 -14.14 17.12 -14.99
N MET B 842 -12.97 16.56 -14.68
CA MET B 842 -12.06 17.22 -13.74
C MET B 842 -11.40 18.45 -14.34
N ASN B 843 -11.40 18.59 -15.66
CA ASN B 843 -10.67 19.64 -16.34
C ASN B 843 -11.49 20.92 -16.51
N ASP B 844 -12.66 20.80 -17.14
CA ASP B 844 -13.43 21.99 -17.52
C ASP B 844 -14.06 22.66 -16.32
N ASP B 845 -14.27 23.98 -16.46
CA ASP B 845 -14.71 24.79 -15.33
C ASP B 845 -16.18 24.60 -15.00
N LEU B 846 -17.02 24.34 -16.01
CA LEU B 846 -18.44 24.10 -15.77
C LEU B 846 -18.69 22.75 -15.13
N GLY B 847 -17.78 21.79 -15.29
CA GLY B 847 -18.00 20.45 -14.76
C GLY B 847 -17.24 20.13 -13.50
N ARG B 848 -16.84 21.14 -12.74
CA ARG B 848 -16.20 20.94 -11.45
C ARG B 848 -17.12 21.36 -10.33
N MET B 849 -18.40 21.00 -10.47
CA MET B 849 -19.39 21.23 -9.45
C MET B 849 -19.89 19.95 -8.79
N VAL B 850 -19.62 18.80 -9.40
CA VAL B 850 -19.95 17.51 -8.79
C VAL B 850 -19.08 17.30 -7.55
N LEU B 851 -17.85 17.80 -7.58
CA LEU B 851 -16.86 17.62 -6.52
C LEU B 851 -17.31 18.29 -5.23
N ASN B 852 -17.48 17.48 -4.17
CA ASN B 852 -17.85 18.06 -2.89
C ASN B 852 -16.66 18.74 -2.22
N PRO B 853 -16.90 19.82 -1.46
CA PRO B 853 -15.78 20.53 -0.84
C PRO B 853 -15.22 19.87 0.40
N ASP B 854 -15.84 18.81 0.91
CA ASP B 854 -15.42 18.22 2.18
C ASP B 854 -14.28 17.21 2.03
N VAL B 855 -14.02 16.73 0.82
CA VAL B 855 -12.96 15.75 0.57
C VAL B 855 -11.98 16.37 -0.41
N ASN B 856 -10.69 16.35 -0.06
CA ASN B 856 -9.67 16.97 -0.88
C ASN B 856 -9.44 16.17 -2.17
N VAL B 857 -8.76 16.80 -3.12
CA VAL B 857 -8.49 16.21 -4.41
C VAL B 857 -6.97 16.02 -4.54
N ARG B 858 -6.56 14.77 -4.78
CA ARG B 858 -5.16 14.40 -4.79
C ARG B 858 -4.47 14.91 -6.05
N SER B 859 -3.15 15.09 -5.98
CA SER B 859 -2.41 15.71 -7.07
C SER B 859 -1.46 14.74 -7.76
N ARG B 860 -0.41 14.28 -7.07
CA ARG B 860 0.63 13.43 -7.64
C ARG B 860 1.37 12.71 -6.53
N GLY B 861 1.64 11.42 -6.74
CA GLY B 861 2.57 10.70 -5.90
C GLY B 861 2.06 10.27 -4.55
N VAL B 862 0.78 10.46 -4.25
CA VAL B 862 0.21 10.09 -2.96
C VAL B 862 -0.79 8.95 -3.17
N MET B 863 -0.82 8.02 -2.24
CA MET B 863 -1.74 6.89 -2.39
C MET B 863 -3.09 7.20 -1.75
N GLU B 864 -4.09 6.42 -2.16
CA GLU B 864 -5.44 6.57 -1.68
C GLU B 864 -6.02 5.19 -1.50
N LYS B 865 -7.14 5.11 -0.77
CA LYS B 865 -7.53 3.86 -0.16
C LYS B 865 -9.00 3.95 0.23
N CYS B 866 -9.69 2.81 0.16
CA CYS B 866 -11.12 2.76 0.53
C CYS B 866 -11.25 2.84 2.05
N SER B 867 -11.23 4.07 2.55
CA SER B 867 -11.41 4.27 3.98
C SER B 867 -12.87 4.06 4.36
N PHE B 868 -13.10 3.83 5.65
CA PHE B 868 -14.45 3.95 6.19
C PHE B 868 -14.92 5.39 6.07
N CYS B 869 -16.24 5.56 6.11
CA CYS B 869 -16.86 6.85 5.79
C CYS B 869 -16.59 7.84 6.92
N ILE B 870 -15.38 8.39 6.93
CA ILE B 870 -14.97 9.32 7.97
C ILE B 870 -15.70 10.65 7.83
N GLN B 871 -15.83 11.15 6.59
CA GLN B 871 -16.47 12.45 6.37
C GLN B 871 -17.97 12.43 6.60
N SER B 872 -18.57 11.27 6.89
CA SER B 872 -19.95 11.20 7.35
C SER B 872 -20.04 10.87 8.83
N THR B 873 -19.27 9.88 9.31
CA THR B 873 -19.35 9.48 10.71
C THR B 873 -18.76 10.52 11.66
N GLN B 874 -17.87 11.39 11.18
CA GLN B 874 -17.49 12.53 12.00
C GLN B 874 -18.55 13.61 12.04
N ALA B 875 -19.55 13.55 11.16
CA ALA B 875 -20.69 14.43 11.23
C ALA B 875 -21.88 13.81 11.96
N VAL B 876 -21.94 12.48 12.04
CA VAL B 876 -23.01 11.83 12.79
C VAL B 876 -22.72 11.93 14.30
N ILE B 877 -21.45 11.77 14.69
CA ILE B 877 -21.04 12.04 16.06
C ILE B 877 -21.23 13.52 16.39
N LEU B 878 -20.98 14.39 15.40
CA LEU B 878 -21.15 15.83 15.59
C LEU B 878 -22.61 16.19 15.83
N GLU B 879 -23.52 15.68 14.99
CA GLU B 879 -24.93 16.02 15.13
C GLU B 879 -25.61 15.30 16.28
N ALA B 880 -24.93 14.35 16.93
CA ALA B 880 -25.43 13.71 18.13
C ALA B 880 -24.77 14.25 19.39
N LYS B 881 -23.83 15.16 19.25
CA LYS B 881 -23.13 15.76 20.40
C LYS B 881 -23.62 17.15 20.72
N ARG B 882 -24.02 17.92 19.70
CA ARG B 882 -24.60 19.23 19.93
C ARG B 882 -25.97 19.12 20.57
N GLN B 883 -26.74 18.11 20.20
CA GLN B 883 -28.07 17.94 20.77
C GLN B 883 -28.00 17.46 22.21
N GLY B 884 -27.13 16.49 22.48
CA GLY B 884 -27.03 15.91 23.81
C GLY B 884 -27.68 14.56 23.86
N ARG B 885 -27.50 13.76 22.81
CA ARG B 885 -28.14 12.46 22.68
C ARG B 885 -27.07 11.38 22.52
N VAL B 886 -27.52 10.14 22.49
CA VAL B 886 -26.72 8.99 22.11
C VAL B 886 -27.09 8.65 20.67
N VAL B 887 -26.11 8.17 19.90
CA VAL B 887 -26.34 7.82 18.50
C VAL B 887 -27.31 6.65 18.41
N GLY B 888 -28.25 6.75 17.48
CA GLY B 888 -29.31 5.76 17.36
C GLY B 888 -28.84 4.43 16.79
N LYS B 889 -29.81 3.56 16.53
CA LYS B 889 -29.50 2.20 16.08
C LYS B 889 -29.02 2.20 14.63
N ASP B 890 -29.87 2.66 13.71
CA ASP B 890 -29.57 2.64 12.28
C ASP B 890 -29.11 3.99 11.77
N GLU B 891 -28.36 4.75 12.58
CA GLU B 891 -27.92 6.06 12.16
C GLU B 891 -26.54 6.02 11.51
N PHE B 892 -25.66 5.13 11.95
CA PHE B 892 -24.39 4.92 11.25
C PHE B 892 -24.59 4.24 9.90
N ASN B 893 -25.62 3.41 9.77
CA ASN B 893 -25.82 2.65 8.55
C ASN B 893 -26.34 3.54 7.42
N ASN B 894 -27.08 4.59 7.75
CA ASN B 894 -27.72 5.42 6.74
C ASN B 894 -26.81 6.51 6.18
N ALA B 895 -25.62 6.70 6.73
CA ALA B 895 -24.75 7.79 6.31
C ALA B 895 -23.62 7.34 5.40
N CYS B 896 -23.03 6.17 5.64
CA CYS B 896 -21.94 5.68 4.81
C CYS B 896 -22.52 5.11 3.52
N ALA B 897 -22.22 5.76 2.39
CA ALA B 897 -22.84 5.41 1.12
C ALA B 897 -22.28 4.13 0.49
N CYS B 898 -21.26 3.52 1.09
CA CYS B 898 -20.88 2.17 0.69
C CYS B 898 -21.97 1.17 1.05
N SER B 899 -22.76 1.45 2.09
CA SER B 899 -23.85 0.59 2.52
C SER B 899 -25.23 1.20 2.34
N ALA B 900 -25.35 2.53 2.40
CA ALA B 900 -26.63 3.20 2.35
C ALA B 900 -27.11 3.49 0.93
N ALA B 901 -26.51 2.86 -0.06
CA ALA B 901 -26.93 3.04 -1.45
C ALA B 901 -27.09 1.75 -2.21
N CYS B 902 -26.68 0.62 -1.65
CA CYS B 902 -26.87 -0.67 -2.32
C CYS B 902 -28.33 -1.06 -2.29
N SER B 903 -28.75 -1.82 -3.31
CA SER B 903 -30.15 -2.16 -3.48
C SER B 903 -30.62 -3.14 -2.40
N SER B 904 -30.01 -4.31 -2.34
CA SER B 904 -30.38 -5.30 -1.35
C SER B 904 -29.77 -4.97 0.01
N GLY B 905 -29.98 -5.85 0.97
CA GLY B 905 -29.39 -5.70 2.29
C GLY B 905 -28.07 -6.44 2.42
N ALA B 906 -27.21 -6.29 1.42
CA ALA B 906 -25.92 -6.97 1.44
C ALA B 906 -24.92 -6.25 2.35
N MET B 907 -24.61 -5.00 2.02
CA MET B 907 -23.68 -4.20 2.81
C MET B 907 -24.37 -3.72 4.08
N VAL B 908 -23.77 -3.98 5.23
CA VAL B 908 -24.27 -3.50 6.52
C VAL B 908 -23.12 -2.86 7.27
N PHE B 909 -23.25 -1.57 7.54
CA PHE B 909 -22.26 -0.80 8.29
C PHE B 909 -22.86 -0.39 9.63
N GLY B 910 -22.01 -0.24 10.64
CA GLY B 910 -22.50 0.29 11.90
C GLY B 910 -21.54 -0.03 13.04
N ASP B 911 -22.08 0.03 14.25
CA ASP B 911 -21.32 -0.07 15.49
C ASP B 911 -21.38 -1.50 16.02
N VAL B 912 -20.42 -1.83 16.89
CA VAL B 912 -20.33 -3.15 17.49
C VAL B 912 -20.45 -3.09 19.02
N ASN B 913 -19.80 -2.11 19.65
CA ASN B 913 -19.92 -1.94 21.10
C ASN B 913 -21.34 -1.60 21.52
N ASP B 914 -22.09 -0.93 20.66
CA ASP B 914 -23.55 -0.87 20.82
C ASP B 914 -24.12 -2.25 20.52
N LYS B 915 -24.59 -2.93 21.54
CA LYS B 915 -25.04 -4.31 21.41
C LYS B 915 -26.47 -4.45 20.89
N GLU B 916 -27.05 -3.38 20.32
CA GLU B 916 -28.40 -3.42 19.79
C GLU B 916 -28.46 -3.00 18.32
N SER B 917 -27.32 -2.87 17.65
CA SER B 917 -27.29 -2.46 16.25
C SER B 917 -27.50 -3.67 15.34
N GLU B 918 -27.43 -3.43 14.03
CA GLU B 918 -27.57 -4.51 13.07
C GLU B 918 -26.27 -5.27 12.85
N VAL B 919 -25.13 -4.68 13.18
CA VAL B 919 -23.85 -5.37 12.97
C VAL B 919 -23.60 -6.36 14.10
N ALA B 920 -23.93 -5.99 15.34
CA ALA B 920 -23.66 -6.83 16.49
C ALA B 920 -24.51 -8.10 16.51
N LYS B 921 -25.66 -8.11 15.82
CA LYS B 921 -26.45 -9.32 15.69
C LYS B 921 -25.98 -10.19 14.53
N LEU B 922 -25.19 -9.63 13.61
CA LEU B 922 -24.63 -10.39 12.50
C LEU B 922 -23.26 -10.98 12.83
N ALA B 923 -22.51 -10.33 13.71
CA ALA B 923 -21.19 -10.84 14.08
C ALA B 923 -21.27 -12.09 14.93
N GLU B 924 -22.36 -12.26 15.68
CA GLU B 924 -22.57 -13.49 16.47
C GLU B 924 -23.42 -14.44 15.63
N SER B 925 -22.74 -15.15 14.73
CA SER B 925 -23.42 -16.04 13.81
C SER B 925 -22.55 -17.27 13.55
N GLU B 926 -23.18 -18.33 13.06
CA GLU B 926 -22.47 -19.54 12.69
C GLU B 926 -21.75 -19.41 11.36
N ARG B 927 -21.93 -18.29 10.66
CA ARG B 927 -21.28 -18.02 9.38
C ARG B 927 -20.18 -16.97 9.51
N MET B 928 -19.73 -16.69 10.73
CA MET B 928 -18.66 -15.73 10.97
C MET B 928 -17.36 -16.21 10.32
N TYR B 929 -16.76 -15.34 9.51
CA TYR B 929 -15.72 -15.75 8.57
C TYR B 929 -14.94 -14.57 8.02
N HIS B 930 -13.61 -14.59 8.15
CA HIS B 930 -12.73 -13.57 7.61
C HIS B 930 -11.96 -14.12 6.42
N LEU B 931 -11.45 -13.20 5.59
CA LEU B 931 -10.49 -13.59 4.57
C LEU B 931 -9.10 -13.74 5.17
N LEU B 932 -8.47 -14.89 4.92
CA LEU B 932 -7.05 -15.15 5.20
C LEU B 932 -6.74 -15.00 6.69
N GLU B 933 -7.36 -15.87 7.48
CA GLU B 933 -7.09 -15.85 8.91
C GLU B 933 -5.74 -16.46 9.24
N HIS B 934 -5.19 -17.30 8.36
CA HIS B 934 -3.87 -17.87 8.62
C HIS B 934 -2.75 -16.86 8.42
N VAL B 935 -3.03 -15.74 7.75
CA VAL B 935 -2.04 -14.67 7.67
C VAL B 935 -1.86 -14.00 9.03
N GLY B 936 -2.95 -13.84 9.77
CA GLY B 936 -2.88 -13.23 11.08
C GLY B 936 -2.79 -11.72 11.01
N THR B 937 -3.76 -11.10 10.35
CA THR B 937 -3.78 -9.66 10.19
C THR B 937 -4.95 -8.98 10.88
N LYS B 938 -5.91 -9.74 11.41
CA LYS B 938 -7.10 -9.30 12.12
C LYS B 938 -7.92 -8.27 11.34
N PRO B 939 -8.64 -8.66 10.29
CA PRO B 939 -9.42 -7.68 9.53
C PRO B 939 -10.68 -7.28 10.27
N ASN B 940 -11.28 -6.17 9.82
CA ASN B 940 -12.51 -5.66 10.40
C ASN B 940 -13.70 -5.78 9.47
N VAL B 941 -13.58 -6.55 8.39
CA VAL B 941 -14.69 -6.80 7.46
C VAL B 941 -14.80 -8.30 7.29
N PHE B 942 -15.96 -8.87 7.61
CA PHE B 942 -16.15 -10.31 7.57
C PHE B 942 -17.27 -10.68 6.61
N TYR B 943 -17.03 -11.75 5.84
CA TYR B 943 -17.96 -12.29 4.86
C TYR B 943 -18.68 -13.46 5.51
N HIS B 944 -19.82 -13.88 4.94
CA HIS B 944 -20.43 -15.01 5.63
C HIS B 944 -20.12 -16.38 5.02
N VAL B 945 -20.90 -16.83 4.02
CA VAL B 945 -20.82 -18.13 3.34
C VAL B 945 -21.83 -18.10 2.19
N LYS B 946 -21.48 -18.69 1.04
CA LYS B 946 -22.49 -18.97 0.02
C LYS B 946 -23.22 -20.27 0.36
N VAL B 947 -24.55 -20.22 0.41
CA VAL B 947 -25.34 -21.34 0.94
C VAL B 947 -26.23 -21.87 -0.19
N ARG B 948 -25.68 -21.92 -1.41
CA ARG B 948 -26.45 -22.37 -2.57
C ARG B 948 -26.83 -23.85 -2.45
N ASN B 949 -27.85 -24.24 -3.22
CA ASN B 949 -28.31 -25.62 -3.24
C ASN B 949 -28.51 -26.16 -4.66
N HIS C 4 65.74 -15.76 6.46
CA HIS C 4 64.62 -15.59 7.39
C HIS C 4 63.96 -16.98 7.57
N TYR C 5 62.63 -17.10 7.45
CA TYR C 5 61.94 -18.35 7.69
C TYR C 5 60.80 -18.58 6.70
N GLU C 6 60.86 -17.97 5.53
CA GLU C 6 59.78 -18.12 4.55
C GLU C 6 59.81 -19.50 3.92
N ALA C 7 58.63 -20.05 3.67
CA ALA C 7 58.54 -21.36 3.05
C ALA C 7 58.84 -21.30 1.55
N PRO C 8 59.57 -22.31 1.04
CA PRO C 8 59.99 -22.44 -0.38
C PRO C 8 58.86 -22.81 -1.30
N ILE C 9 57.72 -23.15 -0.71
CA ILE C 9 56.52 -23.54 -1.43
C ILE C 9 55.87 -22.37 -2.14
N ARG C 10 55.96 -21.19 -1.56
CA ARG C 10 55.23 -20.05 -2.11
C ARG C 10 55.91 -19.45 -3.34
N LYS C 11 55.09 -18.99 -4.26
CA LYS C 11 55.51 -18.34 -5.49
C LYS C 11 55.62 -16.82 -5.29
N PRO C 12 56.48 -16.17 -6.10
CA PRO C 12 56.74 -14.73 -6.04
C PRO C 12 55.55 -13.90 -6.47
N LEU C 13 55.29 -12.82 -5.73
CA LEU C 13 54.20 -11.93 -6.09
C LEU C 13 54.65 -10.76 -6.94
N VAL C 14 55.95 -10.53 -7.05
CA VAL C 14 56.49 -9.42 -7.84
C VAL C 14 57.40 -9.97 -8.92
N ILE C 15 57.09 -9.65 -10.18
CA ILE C 15 57.84 -10.20 -11.31
C ILE C 15 58.69 -9.14 -12.02
N GLY C 16 59.94 -9.49 -12.32
CA GLY C 16 60.84 -8.63 -13.06
C GLY C 16 62.05 -8.12 -12.30
N ASP C 17 62.36 -8.69 -11.13
CA ASP C 17 63.50 -8.26 -10.33
C ASP C 17 63.46 -6.77 -10.03
N LYS C 18 62.28 -6.24 -9.70
CA LYS C 18 62.10 -4.81 -9.52
C LYS C 18 62.51 -4.31 -8.14
N SER C 19 63.18 -3.16 -8.12
CA SER C 19 63.61 -2.51 -6.90
C SER C 19 62.60 -1.43 -6.48
N TYR C 20 63.01 -0.55 -5.58
CA TYR C 20 62.13 0.47 -5.05
C TYR C 20 61.81 1.55 -6.08
N HIS C 21 62.80 1.91 -6.89
CA HIS C 21 62.59 2.93 -7.90
C HIS C 21 61.80 2.39 -9.04
N ASP C 22 61.99 1.12 -9.33
CA ASP C 22 61.27 0.47 -10.39
C ASP C 22 59.79 0.50 -10.13
N VAL C 23 59.40 0.22 -8.89
CA VAL C 23 57.99 0.18 -8.52
C VAL C 23 57.36 1.56 -8.58
N THR C 24 58.01 2.55 -7.99
CA THR C 24 57.41 3.88 -7.99
C THR C 24 57.33 4.46 -9.38
N VAL C 25 58.37 4.28 -10.20
CA VAL C 25 58.32 4.79 -11.57
C VAL C 25 57.19 4.15 -12.35
N ASP C 26 57.04 2.82 -12.24
CA ASP C 26 55.99 2.11 -12.97
C ASP C 26 54.60 2.63 -12.64
N VAL C 27 54.33 2.83 -11.35
CA VAL C 27 53.00 3.26 -10.92
C VAL C 27 52.77 4.75 -11.17
N ALA C 28 53.79 5.57 -10.95
CA ALA C 28 53.64 7.02 -11.16
C ALA C 28 53.51 7.39 -12.64
N ALA C 29 54.15 6.62 -13.54
CA ALA C 29 54.15 6.89 -14.98
C ALA C 29 52.81 7.26 -15.63
N PRO C 30 51.71 6.50 -15.42
CA PRO C 30 50.38 6.84 -15.99
C PRO C 30 49.80 8.12 -15.43
N VAL C 31 50.26 8.54 -14.25
CA VAL C 31 49.81 9.79 -13.65
C VAL C 31 50.60 10.94 -14.24
N GLU C 32 51.89 10.72 -14.45
CA GLU C 32 52.82 11.73 -14.95
C GLU C 32 52.74 11.98 -16.45
N GLY C 33 51.86 11.33 -17.19
CA GLY C 33 51.78 11.58 -18.62
C GLY C 33 50.35 11.77 -19.15
N PRO C 34 50.26 12.08 -20.46
CA PRO C 34 49.02 12.37 -21.20
C PRO C 34 48.23 11.13 -21.59
N ALA C 35 46.92 11.31 -21.78
CA ALA C 35 46.03 10.24 -22.20
C ALA C 35 46.06 10.12 -23.71
N ASN C 36 45.84 8.91 -24.23
CA ASN C 36 45.88 8.72 -25.68
C ASN C 36 44.51 8.88 -26.32
N LYS C 37 44.47 8.73 -27.65
CA LYS C 37 43.24 8.87 -28.42
C LYS C 37 42.18 7.88 -28.01
N GLN C 38 42.57 6.63 -27.77
CA GLN C 38 41.63 5.59 -27.40
C GLN C 38 40.92 5.93 -26.10
N TRP C 39 41.66 6.52 -25.16
CA TRP C 39 41.09 6.95 -23.90
C TRP C 39 39.99 7.96 -24.13
N TRP C 40 40.25 8.91 -25.03
CA TRP C 40 39.28 9.94 -25.34
C TRP C 40 38.05 9.39 -26.02
N ILE C 41 38.22 8.37 -26.87
CA ILE C 41 37.09 7.75 -27.54
C ILE C 41 36.17 7.09 -26.55
N VAL C 42 36.74 6.29 -25.65
CA VAL C 42 35.97 5.59 -24.63
C VAL C 42 35.31 6.56 -23.70
N PHE C 43 36.06 7.58 -23.27
CA PHE C 43 35.54 8.60 -22.37
C PHE C 43 34.33 9.27 -22.95
N THR C 44 34.43 9.69 -24.21
CA THR C 44 33.32 10.33 -24.91
C THR C 44 32.08 9.48 -24.88
N ILE C 45 32.23 8.18 -25.17
CA ILE C 45 31.09 7.26 -25.20
C ILE C 45 30.40 7.19 -23.85
N ALA C 46 31.19 7.01 -22.80
CA ALA C 46 30.62 6.90 -21.46
C ALA C 46 29.91 8.17 -21.07
N LEU C 47 30.48 9.32 -21.43
CA LEU C 47 29.90 10.61 -21.11
C LEU C 47 28.55 10.80 -21.77
N VAL C 48 28.45 10.47 -23.06
CA VAL C 48 27.19 10.60 -23.79
C VAL C 48 26.10 9.77 -23.17
N ALA C 49 26.42 8.51 -22.82
CA ALA C 49 25.44 7.63 -22.20
C ALA C 49 24.92 8.23 -20.91
N PHE C 50 25.83 8.79 -20.11
CA PHE C 50 25.48 9.44 -18.86
C PHE C 50 24.55 10.63 -19.05
N LEU C 51 24.90 11.53 -19.98
CA LEU C 51 24.10 12.71 -20.20
C LEU C 51 22.70 12.37 -20.67
N TRP C 52 22.59 11.37 -21.54
CA TRP C 52 21.29 10.92 -22.01
C TRP C 52 20.46 10.37 -20.86
N GLY C 53 21.11 9.59 -19.99
CA GLY C 53 20.45 9.05 -18.81
C GLY C 53 19.89 10.14 -17.93
N LEU C 54 20.63 11.24 -17.76
CA LEU C 54 20.15 12.37 -16.97
C LEU C 54 18.88 12.94 -17.54
N GLY C 55 18.81 13.04 -18.87
CA GLY C 55 17.61 13.53 -19.53
C GLY C 55 16.41 12.68 -19.18
N CYS C 56 16.59 11.35 -19.18
CA CYS C 56 15.49 10.45 -18.83
C CYS C 56 15.07 10.62 -17.39
N ILE C 57 16.04 10.83 -16.49
CA ILE C 57 15.72 11.01 -15.07
C ILE C 57 14.90 12.26 -14.87
N ILE C 58 15.33 13.38 -15.47
CA ILE C 58 14.62 14.64 -15.34
C ILE C 58 13.21 14.52 -15.86
N TYR C 59 13.07 13.88 -17.02
CA TYR C 59 11.77 13.69 -17.63
C TYR C 59 10.80 12.97 -16.72
N THR C 60 11.21 11.83 -16.17
CA THR C 60 10.29 11.06 -15.36
C THR C 60 10.03 11.71 -14.01
N VAL C 61 10.98 12.45 -13.48
CA VAL C 61 10.73 13.16 -12.23
C VAL C 61 9.73 14.28 -12.44
N SER C 62 9.88 15.02 -13.53
CA SER C 62 9.01 16.14 -13.80
C SER C 62 7.67 15.76 -14.43
N THR C 63 7.53 14.59 -15.04
CA THR C 63 6.25 14.24 -15.64
C THR C 63 5.48 13.14 -14.93
N GLY C 64 6.12 12.25 -14.22
CA GLY C 64 5.39 11.21 -13.50
C GLY C 64 5.97 9.82 -13.59
N ILE C 65 5.82 9.07 -12.50
CA ILE C 65 6.29 7.70 -12.41
C ILE C 65 5.52 6.81 -13.35
N GLY C 66 4.31 7.22 -13.73
CA GLY C 66 3.48 6.46 -14.67
C GLY C 66 4.11 6.28 -16.04
N THR C 67 5.18 7.02 -16.35
CA THR C 67 5.92 6.83 -17.58
C THR C 67 6.74 5.54 -17.54
N TRP C 68 6.97 5.01 -16.34
CA TRP C 68 7.66 3.75 -16.14
C TRP C 68 6.70 2.60 -16.37
N GLY C 69 7.24 1.40 -16.55
CA GLY C 69 6.37 0.24 -16.73
C GLY C 69 5.84 -0.40 -15.45
N LEU C 70 5.63 0.39 -14.39
CA LEU C 70 5.14 -0.16 -13.14
C LEU C 70 3.65 -0.34 -13.17
N ASN C 71 3.18 -1.28 -12.38
CA ASN C 71 1.79 -1.66 -12.36
C ASN C 71 1.14 -1.30 -11.04
N LYS C 72 -0.18 -1.45 -10.95
CA LYS C 72 -0.85 -1.26 -9.66
C LYS C 72 -0.58 -2.42 -8.73
N THR C 73 -0.18 -3.56 -9.29
CA THR C 73 0.18 -4.76 -8.55
C THR C 73 1.66 -4.76 -8.23
N VAL C 74 2.48 -4.60 -9.25
CA VAL C 74 3.93 -4.58 -9.13
C VAL C 74 4.42 -3.15 -8.91
N GLY C 75 4.60 -2.76 -7.65
CA GLY C 75 5.06 -1.41 -7.32
C GLY C 75 6.55 -1.25 -7.45
N TRP C 76 7.29 -2.35 -7.31
CA TRP C 76 8.75 -2.36 -7.44
C TRP C 76 9.20 -3.29 -8.56
N ALA C 77 10.13 -2.80 -9.38
CA ALA C 77 10.75 -3.57 -10.45
C ALA C 77 11.71 -2.65 -11.18
N TRP C 78 12.92 -3.11 -11.49
CA TRP C 78 13.97 -2.33 -12.17
C TRP C 78 14.53 -1.12 -11.39
N ASP C 79 13.70 -0.44 -10.60
CA ASP C 79 14.18 0.64 -9.76
C ASP C 79 14.94 0.05 -8.58
N ILE C 80 14.25 -0.68 -7.70
CA ILE C 80 14.95 -1.30 -6.60
C ILE C 80 15.79 -2.48 -7.07
N THR C 81 15.47 -3.07 -8.23
CA THR C 81 16.27 -4.17 -8.76
C THR C 81 17.68 -3.69 -9.02
N ASN C 82 17.78 -2.55 -9.68
CA ASN C 82 19.08 -1.98 -9.98
C ASN C 82 19.73 -1.40 -8.76
N PHE C 83 18.93 -0.91 -7.81
CA PHE C 83 19.47 -0.43 -6.54
C PHE C 83 20.27 -1.50 -5.84
N VAL C 84 19.66 -2.66 -5.62
CA VAL C 84 20.34 -3.71 -4.88
C VAL C 84 21.47 -4.31 -5.71
N TRP C 85 21.36 -4.26 -7.04
CA TRP C 85 22.42 -4.78 -7.89
C TRP C 85 23.69 -3.95 -7.72
N TRP C 86 23.55 -2.62 -7.74
CA TRP C 86 24.71 -1.75 -7.52
C TRP C 86 25.24 -1.88 -6.11
N VAL C 87 24.36 -2.04 -5.11
CA VAL C 87 24.80 -2.22 -3.73
C VAL C 87 25.65 -3.47 -3.59
N GLY C 88 25.22 -4.56 -4.22
CA GLY C 88 25.98 -5.80 -4.19
C GLY C 88 27.38 -5.61 -4.74
N ILE C 89 27.50 -4.89 -5.86
CA ILE C 89 28.80 -4.60 -6.46
C ILE C 89 29.69 -3.86 -5.49
N GLY C 90 29.14 -2.90 -4.77
CA GLY C 90 29.92 -2.08 -3.85
C GLY C 90 30.26 -2.72 -2.51
N HIS C 91 30.38 -4.04 -2.44
CA HIS C 91 30.90 -4.69 -1.26
C HIS C 91 32.24 -5.35 -1.54
N ALA C 92 32.67 -5.39 -2.79
CA ALA C 92 33.90 -6.06 -3.13
C ALA C 92 35.12 -5.40 -2.49
N GLY C 93 35.21 -4.07 -2.62
CA GLY C 93 36.37 -3.35 -2.12
C GLY C 93 36.51 -3.41 -0.61
N THR C 94 35.39 -3.41 0.10
CA THR C 94 35.42 -3.46 1.54
C THR C 94 35.74 -4.86 2.06
N LEU C 95 35.72 -5.86 1.20
CA LEU C 95 36.17 -7.20 1.55
C LEU C 95 37.65 -7.31 1.33
N ILE C 96 38.09 -6.85 0.18
CA ILE C 96 39.49 -6.92 -0.22
C ILE C 96 40.36 -6.13 0.73
N SER C 97 39.95 -4.93 1.09
CA SER C 97 40.78 -4.12 1.96
C SER C 97 40.59 -4.39 3.45
N ALA C 98 39.53 -5.07 3.86
CA ALA C 98 39.35 -5.32 5.29
C ALA C 98 39.44 -6.78 5.66
N VAL C 99 38.73 -7.65 4.94
CA VAL C 99 38.71 -9.06 5.29
C VAL C 99 40.04 -9.72 4.99
N LEU C 100 40.58 -9.47 3.79
CA LEU C 100 41.87 -10.04 3.45
C LEU C 100 42.96 -9.52 4.37
N LEU C 101 42.80 -8.28 4.85
CA LEU C 101 43.69 -7.71 5.84
C LEU C 101 43.65 -8.54 7.11
N LEU C 102 42.45 -8.77 7.62
CA LEU C 102 42.27 -9.51 8.87
C LEU C 102 42.83 -10.92 8.77
N PHE C 103 42.82 -11.52 7.58
CA PHE C 103 43.41 -12.84 7.41
C PHE C 103 44.82 -12.80 6.85
N ARG C 104 45.54 -11.69 7.03
CA ARG C 104 46.93 -11.51 6.63
C ARG C 104 47.25 -12.04 5.22
N GLN C 105 46.41 -11.70 4.25
CA GLN C 105 46.58 -12.15 2.87
C GLN C 105 47.44 -11.17 2.08
N ARG C 106 48.74 -11.48 1.97
CA ARG C 106 49.72 -10.60 1.32
C ARG C 106 49.37 -10.19 -0.10
N TRP C 107 48.83 -11.11 -0.88
CA TRP C 107 48.51 -10.83 -2.28
C TRP C 107 47.52 -9.68 -2.49
N ARG C 108 46.77 -9.28 -1.47
CA ARG C 108 45.80 -8.20 -1.61
C ARG C 108 46.45 -6.84 -1.87
N MET C 109 47.77 -6.72 -1.61
CA MET C 109 48.45 -5.45 -1.70
C MET C 109 48.43 -4.86 -3.11
N ALA C 110 48.33 -5.70 -4.13
CA ALA C 110 48.31 -5.20 -5.49
C ALA C 110 46.91 -4.88 -5.99
N ILE C 111 45.89 -5.11 -5.18
CA ILE C 111 44.52 -4.91 -5.60
C ILE C 111 43.83 -3.77 -4.85
N ASN C 112 44.06 -3.67 -3.53
CA ASN C 112 43.35 -2.82 -2.55
C ASN C 112 42.90 -1.46 -3.04
N ARG C 113 43.79 -0.79 -3.76
CA ARG C 113 43.54 0.57 -4.21
C ARG C 113 42.49 0.66 -5.30
N SER C 114 42.50 -0.26 -6.26
CA SER C 114 41.49 -0.23 -7.30
C SER C 114 40.20 -0.79 -6.78
N ALA C 115 40.32 -1.70 -5.81
CA ALA C 115 39.15 -2.28 -5.17
C ALA C 115 38.36 -1.23 -4.42
N GLU C 116 39.05 -0.24 -3.84
CA GLU C 116 38.37 0.84 -3.17
C GLU C 116 37.59 1.70 -4.15
N ALA C 117 38.19 1.96 -5.31
CA ALA C 117 37.53 2.74 -6.37
C ALA C 117 36.21 2.10 -6.77
N MET C 118 36.19 0.77 -6.77
CA MET C 118 34.99 0.03 -7.15
C MET C 118 33.80 0.28 -6.23
N THR C 119 34.04 0.65 -4.97
CA THR C 119 32.90 0.84 -4.08
C THR C 119 32.49 2.29 -4.06
N ILE C 120 33.45 3.20 -4.12
CA ILE C 120 33.09 4.60 -4.08
C ILE C 120 32.42 5.06 -5.36
N PHE C 121 32.58 4.33 -6.45
CA PHE C 121 31.91 4.70 -7.69
C PHE C 121 30.68 3.86 -7.95
N SER C 122 30.31 2.97 -7.04
CA SER C 122 29.15 2.11 -7.27
C SER C 122 28.08 2.31 -6.21
N VAL C 123 28.49 2.59 -4.98
CA VAL C 123 27.54 2.93 -3.93
C VAL C 123 26.83 4.21 -4.31
N VAL C 124 27.58 5.12 -4.92
CA VAL C 124 27.05 6.37 -5.44
C VAL C 124 25.99 6.14 -6.48
N GLN C 125 26.18 5.13 -7.35
CA GLN C 125 25.20 4.84 -8.37
C GLN C 125 23.91 4.36 -7.73
N ALA C 126 24.07 3.49 -6.74
CA ALA C 126 22.93 2.95 -6.02
C ALA C 126 22.17 4.04 -5.32
N GLY C 127 22.87 5.04 -4.78
CA GLY C 127 22.26 6.16 -4.07
C GLY C 127 21.28 6.99 -4.89
N LEU C 128 21.26 6.84 -6.21
CA LEU C 128 20.31 7.58 -7.03
C LEU C 128 18.91 6.99 -6.98
N PHE C 129 18.79 5.67 -6.93
CA PHE C 129 17.48 5.02 -7.00
C PHE C 129 16.50 5.29 -5.85
N PRO C 130 16.96 5.35 -4.58
CA PRO C 130 16.14 5.75 -3.43
C PRO C 130 15.50 7.11 -3.57
N ILE C 131 15.98 7.94 -4.47
CA ILE C 131 15.41 9.25 -4.70
C ILE C 131 14.57 9.27 -5.95
N ILE C 132 15.13 8.77 -7.06
CA ILE C 132 14.46 8.83 -8.35
C ILE C 132 13.09 8.17 -8.35
N HIS C 133 12.94 7.01 -7.71
CA HIS C 133 11.65 6.32 -7.75
C HIS C 133 10.57 6.98 -6.88
N MET C 134 10.92 7.98 -6.09
CA MET C 134 9.97 8.59 -5.16
C MET C 134 8.89 9.38 -5.88
N GLY C 135 7.69 9.36 -5.29
CA GLY C 135 6.56 10.07 -5.87
C GLY C 135 6.71 11.58 -5.75
N ARG C 136 7.19 12.05 -4.61
CA ARG C 136 7.40 13.48 -4.37
C ARG C 136 8.77 13.75 -3.76
N PRO C 137 9.84 13.54 -4.54
CA PRO C 137 11.25 13.58 -4.09
C PRO C 137 11.71 14.90 -3.53
N TRP C 138 11.04 16.01 -3.85
CA TRP C 138 11.43 17.29 -3.28
C TRP C 138 11.06 17.40 -1.80
N LEU C 139 10.33 16.44 -1.27
CA LEU C 139 9.98 16.38 0.13
C LEU C 139 10.78 15.32 0.87
N ALA C 140 11.82 14.78 0.23
CA ALA C 140 12.63 13.70 0.78
C ALA C 140 13.25 14.05 2.12
N TYR C 141 13.51 15.34 2.37
CA TYR C 141 14.11 15.78 3.62
C TYR C 141 13.28 15.39 4.87
N TRP C 142 11.98 15.10 4.70
CA TRP C 142 11.14 14.65 5.81
C TRP C 142 11.57 13.32 6.40
N VAL C 143 12.40 12.57 5.68
CA VAL C 143 12.93 11.30 6.18
C VAL C 143 13.77 11.49 7.43
N LEU C 144 14.41 12.63 7.56
CA LEU C 144 15.26 12.86 8.72
C LEU C 144 14.45 13.41 9.89
N PRO C 145 14.75 12.94 11.12
CA PRO C 145 14.11 13.32 12.40
C PRO C 145 14.57 14.68 12.89
N ILE C 146 14.18 15.71 12.15
CA ILE C 146 14.58 17.09 12.43
C ILE C 146 13.42 17.85 13.08
N PRO C 147 13.65 18.50 14.23
CA PRO C 147 12.68 19.36 14.94
C PRO C 147 12.04 20.36 14.01
N ASN C 148 10.72 20.48 14.09
CA ASN C 148 10.00 21.29 13.12
C ASN C 148 8.73 21.94 13.68
N GLN C 149 8.09 22.72 12.82
CA GLN C 149 6.86 23.45 13.11
C GLN C 149 5.60 22.62 13.00
N PHE C 150 5.69 21.31 12.98
CA PHE C 150 4.48 20.52 12.91
C PHE C 150 4.20 19.90 14.26
N GLY C 151 4.58 20.60 15.31
CA GLY C 151 4.47 20.07 16.65
C GLY C 151 5.53 19.04 16.88
N SER C 152 6.75 19.30 16.39
CA SER C 152 7.85 18.35 16.46
C SER C 152 7.45 17.00 15.91
N LEU C 153 6.96 17.00 14.67
CA LEU C 153 6.50 15.76 14.04
C LEU C 153 7.70 14.92 13.63
N TRP C 154 7.73 13.67 14.09
CA TRP C 154 8.88 12.81 13.89
C TRP C 154 8.63 11.74 12.82
N VAL C 155 9.56 10.79 12.74
CA VAL C 155 9.49 9.63 11.87
C VAL C 155 9.40 8.41 12.75
N ASN C 156 8.95 7.30 12.22
CA ASN C 156 8.96 6.11 13.06
C ASN C 156 10.31 5.46 12.92
N PHE C 157 10.60 4.51 13.78
CA PHE C 157 11.84 3.79 13.67
C PHE C 157 11.53 2.31 13.67
N ASN C 158 10.67 1.89 12.76
CA ASN C 158 10.31 0.49 12.62
C ASN C 158 10.45 0.01 11.19
N SER C 159 10.60 0.91 10.24
CA SER C 159 10.70 0.50 8.84
C SER C 159 12.13 0.30 8.37
N PRO C 160 12.37 -0.81 7.66
CA PRO C 160 13.65 -1.13 7.02
C PRO C 160 14.03 -0.16 5.93
N LEU C 161 13.08 0.62 5.44
CA LEU C 161 13.43 1.65 4.49
C LEU C 161 14.20 2.75 5.19
N LEU C 162 13.85 3.02 6.44
CA LEU C 162 14.59 4.00 7.21
C LEU C 162 15.90 3.41 7.65
N TRP C 163 15.89 2.13 8.06
CA TRP C 163 17.11 1.47 8.46
C TRP C 163 18.11 1.51 7.33
N ASP C 164 17.62 1.36 6.10
CA ASP C 164 18.43 1.43 4.89
C ASP C 164 19.09 2.79 4.74
N VAL C 165 18.36 3.87 5.04
CA VAL C 165 18.94 5.21 4.99
C VAL C 165 20.17 5.30 5.87
N PHE C 166 20.08 4.76 7.09
CA PHE C 166 21.22 4.79 7.98
C PHE C 166 22.32 3.85 7.51
N ALA C 167 21.93 2.69 7.00
CA ALA C 167 22.91 1.69 6.56
C ALA C 167 23.75 2.20 5.41
N ILE C 168 23.12 2.77 4.39
CA ILE C 168 23.84 3.21 3.20
C ILE C 168 24.63 4.48 3.46
N SER C 169 24.02 5.45 4.13
CA SER C 169 24.72 6.71 4.33
C SER C 169 25.93 6.56 5.23
N THR C 170 25.91 5.63 6.19
CA THR C 170 27.08 5.45 7.03
C THR C 170 28.07 4.50 6.40
N TYR C 171 27.60 3.58 5.57
CA TYR C 171 28.50 2.67 4.87
C TYR C 171 29.43 3.45 3.98
N LEU C 172 28.84 4.33 3.17
CA LEU C 172 29.62 5.16 2.27
C LEU C 172 30.54 6.08 3.04
N SER C 173 29.99 6.81 4.01
CA SER C 173 30.75 7.77 4.80
C SER C 173 32.02 7.18 5.40
N VAL C 174 31.90 6.03 6.04
CA VAL C 174 33.05 5.37 6.66
C VAL C 174 34.06 4.91 5.62
N SER C 175 33.58 4.29 4.54
CA SER C 175 34.52 3.80 3.54
C SER C 175 35.26 4.93 2.85
N LEU C 176 34.65 6.12 2.75
CA LEU C 176 35.30 7.25 2.13
C LEU C 176 36.51 7.72 2.92
N VAL C 177 36.40 7.80 4.23
CA VAL C 177 37.57 8.25 4.99
C VAL C 177 38.61 7.16 5.06
N PHE C 178 38.19 5.90 5.00
CA PHE C 178 39.12 4.78 5.06
C PHE C 178 40.09 4.78 3.89
N TRP C 179 39.56 4.79 2.66
CA TRP C 179 40.45 4.67 1.52
C TRP C 179 41.19 5.97 1.32
N TRP C 180 40.59 7.09 1.73
CA TRP C 180 41.26 8.38 1.57
C TRP C 180 42.50 8.46 2.42
N THR C 181 42.43 8.01 3.68
CA THR C 181 43.60 8.03 4.56
C THR C 181 44.76 7.26 3.95
N GLY C 182 44.45 6.13 3.31
CA GLY C 182 45.48 5.34 2.65
C GLY C 182 46.20 6.02 1.49
N LEU C 183 45.65 7.13 0.99
CA LEU C 183 46.26 7.88 -0.11
C LEU C 183 47.34 8.85 0.34
N LEU C 184 47.42 9.16 1.62
CA LEU C 184 48.36 10.18 2.08
C LEU C 184 49.83 9.95 1.68
N PRO C 185 50.41 8.75 1.86
CA PRO C 185 51.78 8.46 1.44
C PRO C 185 51.93 8.30 -0.06
N ASP C 186 50.83 8.17 -0.79
CA ASP C 186 50.95 8.04 -2.23
C ASP C 186 50.83 9.40 -2.90
N PHE C 187 50.02 10.29 -2.35
CA PHE C 187 50.00 11.65 -2.87
C PHE C 187 51.30 12.35 -2.58
N ALA C 188 51.92 12.01 -1.45
CA ALA C 188 53.22 12.55 -1.10
C ALA C 188 54.26 12.24 -2.16
N MET C 189 54.17 11.08 -2.80
CA MET C 189 55.12 10.71 -3.83
C MET C 189 54.83 11.40 -5.16
N LEU C 190 53.70 12.08 -5.28
CA LEU C 190 53.36 12.82 -6.48
C LEU C 190 53.64 14.31 -6.31
N ARG C 191 53.43 14.84 -5.10
CA ARG C 191 53.74 16.24 -4.85
C ARG C 191 55.23 16.45 -4.89
N ASP C 192 56.00 15.39 -4.64
CA ASP C 192 57.44 15.48 -4.70
C ASP C 192 57.97 15.36 -6.12
N ARG C 193 57.09 15.22 -7.11
CA ARG C 193 57.49 15.23 -8.50
C ARG C 193 57.36 16.62 -9.06
N ALA C 194 56.22 17.26 -8.75
CA ALA C 194 55.92 18.64 -9.11
C ALA C 194 56.47 19.07 -10.46
N ILE C 195 56.05 18.41 -11.54
CA ILE C 195 56.58 18.71 -12.86
C ILE C 195 56.08 20.05 -13.38
N THR C 196 54.93 20.52 -12.90
CA THR C 196 54.38 21.82 -13.20
C THR C 196 53.95 22.43 -11.87
N PRO C 197 53.95 23.77 -11.78
CA PRO C 197 53.51 24.50 -10.57
C PRO C 197 52.05 24.26 -10.27
N PHE C 198 51.28 23.98 -11.32
CA PHE C 198 49.88 23.63 -11.14
C PHE C 198 49.75 22.32 -10.41
N ASN C 199 50.43 21.28 -10.93
CA ASN C 199 50.36 19.98 -10.30
C ASN C 199 50.97 20.01 -8.92
N LYS C 200 52.03 20.80 -8.76
CA LYS C 200 52.67 21.01 -7.48
C LYS C 200 51.66 21.42 -6.44
N ARG C 201 50.90 22.46 -6.77
CA ARG C 201 49.85 22.96 -5.89
C ARG C 201 48.80 21.91 -5.62
N VAL C 202 48.33 21.23 -6.67
CA VAL C 202 47.27 20.23 -6.57
C VAL C 202 47.62 19.13 -5.57
N TYR C 203 48.80 18.54 -5.70
CA TYR C 203 49.15 17.45 -4.81
C TYR C 203 49.58 17.94 -3.44
N SER C 204 50.08 19.18 -3.34
CA SER C 204 50.37 19.71 -2.02
C SER C 204 49.08 19.95 -1.24
N ILE C 205 47.96 20.10 -1.94
CA ILE C 205 46.66 20.25 -1.31
C ILE C 205 45.98 18.89 -1.10
N LEU C 206 46.07 17.99 -2.09
CA LEU C 206 45.47 16.68 -1.94
C LEU C 206 46.10 15.91 -0.80
N SER C 207 47.42 15.97 -0.71
CA SER C 207 48.06 15.36 0.43
C SER C 207 47.96 16.31 1.60
N PHE C 208 48.04 15.76 2.79
CA PHE C 208 48.06 16.60 3.98
C PHE C 208 49.53 16.79 4.25
N GLY C 209 49.90 17.39 5.39
CA GLY C 209 51.32 17.54 5.74
C GLY C 209 52.04 16.23 6.10
N TRP C 210 51.90 15.21 5.25
CA TRP C 210 52.36 13.84 5.50
C TRP C 210 53.85 13.69 5.26
N SER C 211 54.64 14.13 6.21
CA SER C 211 56.06 13.85 6.17
C SER C 211 56.23 12.52 6.88
N GLY C 212 56.43 11.46 6.11
CA GLY C 212 56.48 10.12 6.70
C GLY C 212 57.54 9.98 7.77
N ARG C 213 57.08 9.74 9.00
CA ARG C 213 57.94 9.61 10.16
C ARG C 213 57.54 8.40 10.99
N ALA C 214 58.50 7.91 11.78
CA ALA C 214 58.32 6.76 12.67
C ALA C 214 56.98 6.75 13.39
N LYS C 215 56.70 7.84 14.13
CA LYS C 215 55.47 7.98 14.89
C LYS C 215 54.25 8.00 13.99
N ASP C 216 54.33 8.73 12.89
CA ASP C 216 53.23 8.85 11.96
C ASP C 216 52.85 7.50 11.38
N TRP C 217 53.84 6.69 11.03
CA TRP C 217 53.58 5.36 10.50
C TRP C 217 53.01 4.45 11.56
N GLN C 218 53.50 4.58 12.79
CA GLN C 218 53.01 3.75 13.89
C GLN C 218 51.52 3.93 14.08
N ARG C 219 51.09 5.19 14.14
CA ARG C 219 49.68 5.50 14.31
C ARG C 219 48.87 5.09 13.11
N PHE C 220 49.43 5.32 11.92
CA PHE C 220 48.79 5.00 10.64
C PHE C 220 48.38 3.54 10.60
N GLU C 221 49.32 2.66 10.98
CA GLU C 221 49.04 1.23 10.99
C GLU C 221 47.92 0.88 11.94
N GLU C 222 47.94 1.48 13.14
CA GLU C 222 46.92 1.17 14.13
C GLU C 222 45.54 1.61 13.69
N VAL C 223 45.46 2.78 13.06
CA VAL C 223 44.17 3.27 12.57
C VAL C 223 43.58 2.32 11.55
N SER C 224 44.41 1.85 10.62
CA SER C 224 43.91 0.96 9.59
C SER C 224 43.45 -0.37 10.16
N LEU C 225 44.08 -0.82 11.25
CA LEU C 225 43.65 -2.06 11.89
C LEU C 225 42.29 -1.92 12.53
N VAL C 226 42.07 -0.78 13.18
CA VAL C 226 40.79 -0.51 13.85
C VAL C 226 39.68 -0.41 12.83
N LEU C 227 39.92 0.34 11.76
CA LEU C 227 38.89 0.54 10.77
C LEU C 227 38.58 -0.74 10.02
N ALA C 228 39.58 -1.60 9.78
CA ALA C 228 39.30 -2.88 9.16
C ALA C 228 38.41 -3.73 10.04
N GLY C 229 38.66 -3.67 11.35
CA GLY C 229 37.84 -4.36 12.33
C GLY C 229 36.41 -3.89 12.30
N LEU C 230 36.19 -2.58 12.18
CA LEU C 230 34.85 -2.01 12.09
C LEU C 230 34.20 -2.25 10.74
N ALA C 231 35.01 -2.29 9.68
CA ALA C 231 34.51 -2.44 8.31
C ALA C 231 33.83 -3.77 8.06
N THR C 232 34.41 -4.89 8.53
CA THR C 232 33.78 -6.18 8.26
C THR C 232 32.32 -6.28 8.77
N PRO C 233 32.02 -5.90 10.03
CA PRO C 233 30.65 -5.75 10.53
C PRO C 233 29.77 -4.90 9.64
N LEU C 234 30.30 -3.79 9.10
CA LEU C 234 29.52 -2.97 8.19
C LEU C 234 29.21 -3.69 6.90
N VAL C 235 30.16 -4.44 6.37
CA VAL C 235 29.91 -5.19 5.15
C VAL C 235 28.72 -6.09 5.31
N LEU C 236 28.65 -6.75 6.45
CA LEU C 236 27.58 -7.69 6.73
C LEU C 236 26.27 -7.00 7.08
N SER C 237 26.31 -6.03 7.99
CA SER C 237 25.08 -5.42 8.50
C SER C 237 24.38 -4.54 7.49
N VAL C 238 25.14 -3.90 6.61
CA VAL C 238 24.53 -3.01 5.63
C VAL C 238 23.77 -3.81 4.59
N HIS C 239 24.38 -4.87 4.08
CA HIS C 239 23.68 -5.65 3.08
C HIS C 239 22.52 -6.41 3.71
N THR C 240 22.65 -6.76 4.99
CA THR C 240 21.56 -7.42 5.71
C THR C 240 20.37 -6.51 5.87
N ILE C 241 20.60 -5.23 6.20
CA ILE C 241 19.48 -4.31 6.29
C ILE C 241 18.77 -4.19 4.96
N VAL C 242 19.52 -4.16 3.86
CA VAL C 242 18.91 -4.19 2.53
C VAL C 242 18.08 -5.46 2.34
N SER C 243 18.65 -6.59 2.76
CA SER C 243 18.01 -7.90 2.64
C SER C 243 16.66 -7.96 3.33
N MET C 244 16.55 -7.31 4.49
CA MET C 244 15.34 -7.32 5.28
C MET C 244 14.17 -6.56 4.65
N ASP C 245 14.40 -5.85 3.54
CA ASP C 245 13.28 -5.22 2.83
C ASP C 245 12.31 -6.25 2.28
N PHE C 246 12.78 -7.48 2.12
CA PHE C 246 11.95 -8.55 1.59
C PHE C 246 11.74 -9.63 2.63
N ALA C 247 12.78 -9.89 3.44
CA ALA C 247 12.69 -10.95 4.43
C ALA C 247 11.62 -10.69 5.48
N THR C 248 11.42 -9.42 5.84
CA THR C 248 10.42 -9.02 6.86
C THR C 248 9.00 -8.89 6.33
N SER C 249 8.72 -9.30 5.09
CA SER C 249 7.39 -9.12 4.53
C SER C 249 6.43 -10.25 4.89
N VAL C 250 5.19 -10.14 4.40
CA VAL C 250 4.17 -11.17 4.57
C VAL C 250 3.88 -11.87 3.26
N ILE C 251 4.55 -11.45 2.21
CA ILE C 251 4.38 -11.99 0.85
C ILE C 251 5.06 -13.34 0.73
N PRO C 252 4.34 -14.35 0.21
CA PRO C 252 4.87 -15.69 0.00
C PRO C 252 5.92 -15.63 -1.08
N GLY C 253 7.03 -16.30 -0.85
CA GLY C 253 8.17 -16.17 -1.71
C GLY C 253 9.19 -15.15 -1.23
N TRP C 254 8.78 -14.20 -0.39
CA TRP C 254 9.70 -13.23 0.20
C TRP C 254 9.98 -13.49 1.66
N HIS C 255 8.93 -13.76 2.43
CA HIS C 255 9.11 -14.00 3.85
C HIS C 255 10.03 -15.18 4.09
N THR C 256 11.15 -14.92 4.74
CA THR C 256 12.10 -15.99 5.02
C THR C 256 13.11 -15.57 6.08
N THR C 257 14.01 -16.47 6.39
CA THR C 257 15.11 -16.19 7.30
C THR C 257 16.45 -16.41 6.63
N ILE C 258 16.47 -17.06 5.46
CA ILE C 258 17.73 -17.30 4.77
C ILE C 258 18.35 -16.06 4.13
N PHE C 259 17.57 -15.02 3.81
CA PHE C 259 18.11 -13.86 3.07
C PHE C 259 19.29 -13.10 3.70
N PRO C 260 19.29 -12.78 5.01
CA PRO C 260 20.36 -12.03 5.67
C PRO C 260 21.78 -12.54 5.38
N PRO C 261 22.08 -13.88 5.39
CA PRO C 261 23.37 -14.40 4.91
C PRO C 261 23.39 -14.76 3.42
N TYR C 262 22.22 -15.05 2.86
CA TYR C 262 22.15 -15.47 1.46
C TYR C 262 22.51 -14.37 0.50
N PHE C 263 21.87 -13.21 0.66
CA PHE C 263 22.16 -12.09 -0.22
C PHE C 263 23.59 -11.63 -0.06
N VAL C 264 24.14 -11.74 1.15
CA VAL C 264 25.53 -11.37 1.39
C VAL C 264 26.46 -12.25 0.60
N ALA C 265 26.24 -13.57 0.63
CA ALA C 265 27.07 -14.48 -0.14
C ALA C 265 27.03 -14.14 -1.62
N GLY C 266 25.84 -13.80 -2.10
CA GLY C 266 25.68 -13.38 -3.48
C GLY C 266 26.42 -12.08 -3.78
N ALA C 267 26.42 -11.15 -2.82
CA ALA C 267 27.11 -9.89 -2.99
C ALA C 267 28.61 -10.09 -3.15
N VAL C 268 29.18 -11.02 -2.38
CA VAL C 268 30.61 -11.31 -2.48
C VAL C 268 30.93 -11.86 -3.84
N PHE C 269 30.11 -12.82 -4.26
CA PHE C 269 30.23 -13.53 -5.53
C PHE C 269 30.19 -12.57 -6.71
N SER C 270 29.17 -11.71 -6.77
CA SER C 270 29.04 -10.79 -7.89
C SER C 270 30.07 -9.68 -7.85
N GLY C 271 30.46 -9.27 -6.65
CA GLY C 271 31.42 -8.20 -6.51
C GLY C 271 32.78 -8.57 -7.06
N PHE C 272 33.25 -9.76 -6.71
CA PHE C 272 34.56 -10.18 -7.18
C PHE C 272 34.55 -10.48 -8.65
N ALA C 273 33.43 -10.96 -9.17
CA ALA C 273 33.34 -11.19 -10.59
C ALA C 273 33.53 -9.89 -11.36
N MET C 274 32.96 -8.80 -10.87
CA MET C 274 33.12 -7.50 -11.49
C MET C 274 34.58 -7.04 -11.45
N VAL C 275 35.17 -7.06 -10.24
CA VAL C 275 36.54 -6.61 -10.01
C VAL C 275 37.52 -7.31 -10.92
N ASN C 276 37.35 -8.63 -11.05
CA ASN C 276 38.24 -9.44 -11.86
C ASN C 276 38.29 -9.00 -13.31
N THR C 277 37.19 -8.49 -13.89
CA THR C 277 37.24 -8.12 -15.30
C THR C 277 38.01 -6.83 -15.49
N LEU C 278 37.91 -5.92 -14.53
CA LEU C 278 38.63 -4.68 -14.65
C LEU C 278 40.11 -4.90 -14.42
N LEU C 279 40.49 -5.80 -13.52
CA LEU C 279 41.91 -6.07 -13.31
C LEU C 279 42.53 -6.68 -14.55
N ILE C 280 41.78 -7.54 -15.24
CA ILE C 280 42.27 -8.17 -16.47
C ILE C 280 42.58 -7.16 -17.56
N VAL C 281 41.71 -6.17 -17.76
CA VAL C 281 42.05 -5.19 -18.79
C VAL C 281 43.05 -4.15 -18.26
N MET C 282 43.02 -3.88 -16.96
CA MET C 282 43.90 -2.88 -16.36
C MET C 282 45.36 -3.25 -16.49
N ARG C 283 45.70 -4.49 -16.16
CA ARG C 283 47.08 -4.95 -16.23
C ARG C 283 47.69 -4.91 -17.64
N LYS C 284 46.88 -4.71 -18.68
CA LYS C 284 47.42 -4.60 -20.03
C LYS C 284 47.44 -3.16 -20.51
N VAL C 285 46.43 -2.38 -20.17
CA VAL C 285 46.38 -0.99 -20.60
C VAL C 285 47.40 -0.16 -19.84
N SER C 286 47.42 -0.30 -18.52
CA SER C 286 48.34 0.45 -17.68
C SER C 286 49.74 -0.18 -17.61
N ASN C 287 49.89 -1.38 -18.16
CA ASN C 287 51.17 -2.10 -18.17
C ASN C 287 51.66 -2.45 -16.77
N LEU C 288 50.73 -2.83 -15.89
CA LEU C 288 51.07 -3.19 -14.53
C LEU C 288 50.92 -4.69 -14.29
N GLU C 289 51.16 -5.47 -15.34
CA GLU C 289 51.06 -6.92 -15.32
C GLU C 289 52.13 -7.59 -14.47
N ALA C 290 53.15 -6.85 -14.07
CA ALA C 290 54.20 -7.33 -13.18
C ALA C 290 53.75 -7.30 -11.73
N TYR C 291 52.60 -6.67 -11.47
CA TYR C 291 52.06 -6.56 -10.13
C TYR C 291 50.79 -7.36 -10.02
N ILE C 292 49.98 -7.35 -11.06
CA ILE C 292 48.79 -8.17 -11.12
C ILE C 292 49.18 -9.43 -11.88
N THR C 293 49.43 -10.52 -11.16
CA THR C 293 49.91 -11.74 -11.79
C THR C 293 48.80 -12.75 -11.90
N LEU C 294 49.13 -13.87 -12.54
CA LEU C 294 48.20 -14.98 -12.67
C LEU C 294 47.85 -15.60 -11.33
N GLN C 295 48.66 -15.36 -10.30
CA GLN C 295 48.35 -15.86 -8.98
C GLN C 295 47.27 -15.01 -8.35
N HIS C 296 47.20 -13.74 -8.74
CA HIS C 296 46.16 -12.88 -8.22
C HIS C 296 44.86 -13.25 -8.88
N ILE C 297 44.94 -13.51 -10.18
CA ILE C 297 43.78 -13.89 -10.96
C ILE C 297 43.24 -15.22 -10.50
N GLU C 298 44.12 -16.21 -10.32
CA GLU C 298 43.70 -17.53 -9.86
C GLU C 298 43.02 -17.45 -8.51
N LEU C 299 43.59 -16.69 -7.58
CA LEU C 299 42.99 -16.57 -6.26
C LEU C 299 41.62 -15.91 -6.31
N MET C 300 41.43 -14.94 -7.21
CA MET C 300 40.10 -14.35 -7.37
C MET C 300 39.12 -15.39 -7.84
N ASN C 301 39.55 -16.25 -8.77
CA ASN C 301 38.70 -17.30 -9.30
C ASN C 301 38.32 -18.31 -8.24
N ILE C 302 39.27 -18.65 -7.36
CA ILE C 302 39.02 -19.60 -6.28
C ILE C 302 37.97 -19.08 -5.33
N ILE C 303 38.08 -17.81 -4.94
CA ILE C 303 37.11 -17.24 -4.03
C ILE C 303 35.72 -17.24 -4.63
N ILE C 304 35.63 -16.88 -5.91
CA ILE C 304 34.34 -16.88 -6.62
C ILE C 304 33.73 -18.26 -6.60
N MET C 305 34.55 -19.29 -6.88
CA MET C 305 34.12 -20.68 -6.84
C MET C 305 33.49 -21.04 -5.50
N ILE C 306 34.16 -20.65 -4.42
CA ILE C 306 33.71 -20.95 -3.06
C ILE C 306 32.36 -20.35 -2.76
N THR C 307 32.20 -19.05 -3.03
CA THR C 307 30.94 -18.40 -2.70
C THR C 307 29.83 -18.84 -3.64
N GLY C 308 30.19 -19.26 -4.85
CA GLY C 308 29.20 -19.81 -5.76
C GLY C 308 28.56 -21.05 -5.19
N SER C 309 29.37 -21.92 -4.57
CA SER C 309 28.84 -23.14 -3.98
C SER C 309 27.96 -22.84 -2.77
N ILE C 310 28.26 -21.76 -2.05
CA ILE C 310 27.42 -21.37 -0.91
C ILE C 310 26.04 -21.00 -1.38
N VAL C 311 25.98 -20.22 -2.46
CA VAL C 311 24.71 -19.83 -3.07
C VAL C 311 23.94 -21.04 -3.53
N GLY C 312 24.63 -22.01 -4.15
CA GLY C 312 23.99 -23.24 -4.60
C GLY C 312 23.32 -23.99 -3.47
N VAL C 313 23.98 -24.06 -2.32
CA VAL C 313 23.40 -24.71 -1.14
C VAL C 313 22.15 -24.00 -0.69
N ALA C 314 22.18 -22.67 -0.70
CA ALA C 314 20.99 -21.93 -0.32
C ALA C 314 19.83 -22.19 -1.27
N TYR C 315 20.10 -22.38 -2.56
CA TYR C 315 19.02 -22.67 -3.51
C TYR C 315 18.32 -23.98 -3.18
N ILE C 316 19.09 -25.01 -2.85
CA ILE C 316 18.46 -26.28 -2.55
C ILE C 316 17.85 -26.27 -1.16
N THR C 317 18.32 -25.37 -0.29
CA THR C 317 17.73 -25.22 1.04
C THR C 317 16.32 -24.69 0.92
N GLU C 318 16.13 -23.66 0.10
CA GLU C 318 14.80 -23.08 -0.09
C GLU C 318 13.84 -24.09 -0.70
N LEU C 319 14.31 -24.84 -1.69
CA LEU C 319 13.44 -25.80 -2.34
C LEU C 319 13.04 -26.93 -1.41
N PHE C 320 13.98 -27.40 -0.57
CA PHE C 320 13.65 -28.43 0.39
C PHE C 320 12.58 -27.96 1.34
N VAL C 321 12.80 -26.79 1.94
CA VAL C 321 11.86 -26.24 2.91
C VAL C 321 10.51 -26.02 2.29
N ALA C 322 10.46 -25.52 1.05
CA ALA C 322 9.19 -25.31 0.38
C ALA C 322 8.40 -26.60 0.29
N TRP C 323 9.08 -27.69 -0.11
CA TRP C 323 8.42 -29.00 -0.17
C TRP C 323 8.01 -29.47 1.21
N TYR C 324 8.90 -29.30 2.18
CA TYR C 324 8.68 -29.76 3.54
C TYR C 324 7.51 -29.05 4.17
N SER C 325 7.39 -27.75 3.92
CA SER C 325 6.29 -26.93 4.40
C SER C 325 4.97 -27.37 3.81
N GLY C 326 3.92 -27.26 4.61
CA GLY C 326 2.59 -27.58 4.14
C GLY C 326 1.85 -26.41 3.56
N VAL C 327 2.52 -25.27 3.39
CA VAL C 327 1.85 -24.07 2.89
C VAL C 327 1.79 -24.08 1.36
N GLU C 328 0.57 -24.11 0.84
CA GLU C 328 0.30 -24.16 -0.59
C GLU C 328 0.78 -22.93 -1.31
N TYR C 329 0.70 -21.77 -0.65
CA TYR C 329 1.08 -20.52 -1.26
C TYR C 329 2.57 -20.44 -1.52
N GLU C 330 3.37 -21.03 -0.62
CA GLU C 330 4.80 -21.00 -0.81
C GLU C 330 5.17 -21.96 -1.92
N GLN C 331 4.52 -23.12 -1.94
CA GLN C 331 4.83 -24.11 -2.95
C GLN C 331 4.44 -23.64 -4.32
N TYR C 332 3.29 -22.97 -4.43
CA TYR C 332 2.86 -22.45 -5.71
C TYR C 332 3.83 -21.40 -6.22
N ALA C 333 4.33 -20.55 -5.33
CA ALA C 333 5.30 -19.52 -5.73
C ALA C 333 6.52 -20.13 -6.39
N PHE C 334 7.01 -21.25 -5.85
CA PHE C 334 8.15 -21.90 -6.48
C PHE C 334 7.75 -22.59 -7.77
N LEU C 335 6.52 -23.10 -7.85
CA LEU C 335 6.06 -23.69 -9.10
C LEU C 335 5.99 -22.65 -10.19
N ASN C 336 5.56 -21.44 -9.82
CA ASN C 336 5.48 -20.32 -10.75
C ASN C 336 6.84 -19.96 -11.32
N ARG C 337 7.87 -19.99 -10.48
CA ARG C 337 9.22 -19.70 -10.95
C ARG C 337 9.71 -20.78 -11.90
N ALA C 338 9.46 -22.04 -11.57
CA ALA C 338 9.89 -23.14 -12.43
C ALA C 338 9.15 -23.14 -13.75
N THR C 339 7.84 -22.94 -13.71
CA THR C 339 7.02 -22.89 -14.92
C THR C 339 6.02 -21.75 -14.85
N GLY C 340 6.15 -20.81 -15.77
CA GLY C 340 5.30 -19.65 -15.82
C GLY C 340 5.84 -18.72 -16.89
N PRO C 341 5.25 -17.51 -16.99
CA PRO C 341 5.60 -16.50 -18.01
C PRO C 341 7.00 -15.94 -17.88
N TYR C 342 7.63 -16.11 -16.72
CA TYR C 342 8.99 -15.65 -16.51
C TYR C 342 9.96 -16.80 -16.35
N TRP C 343 9.60 -18.00 -16.86
CA TRP C 343 10.45 -19.18 -16.77
C TRP C 343 11.86 -18.96 -17.30
N TRP C 344 11.99 -18.11 -18.31
CA TRP C 344 13.25 -17.84 -18.95
C TRP C 344 14.16 -16.99 -18.09
N ALA C 345 13.57 -16.20 -17.19
CA ALA C 345 14.38 -15.41 -16.31
C ALA C 345 14.94 -16.30 -15.24
N TYR C 346 14.07 -17.18 -14.74
CA TYR C 346 14.45 -18.11 -13.69
C TYR C 346 15.49 -19.10 -14.16
N TRP C 347 15.26 -19.73 -15.30
CA TRP C 347 16.17 -20.78 -15.74
C TRP C 347 17.47 -20.23 -16.29
N SER C 348 17.47 -19.04 -16.90
CA SER C 348 18.74 -18.49 -17.33
C SER C 348 19.56 -18.04 -16.13
N MET C 349 18.86 -17.59 -15.09
CA MET C 349 19.49 -17.22 -13.84
C MET C 349 20.16 -18.41 -13.21
N MET C 350 19.42 -19.52 -13.09
CA MET C 350 19.94 -20.73 -12.48
C MET C 350 21.09 -21.30 -13.28
N THR C 351 21.00 -21.26 -14.61
CA THR C 351 22.08 -21.78 -15.45
C THR C 351 23.39 -21.10 -15.15
N CYS C 352 23.37 -19.77 -15.07
CA CYS C 352 24.58 -19.01 -14.81
C CYS C 352 25.12 -19.26 -13.41
N ASN C 353 24.28 -19.14 -12.39
CA ASN C 353 24.76 -19.28 -11.02
C ASN C 353 25.19 -20.69 -10.67
N VAL C 354 24.56 -21.70 -11.26
CA VAL C 354 24.91 -23.08 -10.95
C VAL C 354 26.18 -23.53 -11.63
N PHE C 355 26.32 -23.27 -12.92
CA PHE C 355 27.44 -23.86 -13.64
C PHE C 355 28.69 -22.99 -13.73
N SER C 356 28.56 -21.66 -13.82
CA SER C 356 29.75 -20.81 -13.96
C SER C 356 30.87 -21.04 -12.93
N PRO C 357 30.60 -21.07 -11.62
CA PRO C 357 31.64 -21.28 -10.59
C PRO C 357 32.16 -22.70 -10.52
N GLN C 358 31.54 -23.63 -11.22
CA GLN C 358 31.99 -25.00 -11.14
C GLN C 358 33.07 -25.30 -12.16
N PHE C 359 33.31 -24.39 -13.10
CA PHE C 359 34.37 -24.62 -14.06
C PHE C 359 35.73 -24.42 -13.42
N MET C 360 35.75 -23.69 -12.32
CA MET C 360 36.96 -23.37 -11.59
C MET C 360 37.59 -24.56 -10.89
N TRP C 361 36.92 -25.70 -10.85
CA TRP C 361 37.54 -26.88 -10.29
C TRP C 361 38.60 -27.43 -11.22
N PHE C 362 38.52 -27.11 -12.49
CA PHE C 362 39.47 -27.59 -13.47
C PHE C 362 40.59 -26.58 -13.60
N LYS C 363 41.81 -27.00 -13.24
CA LYS C 363 42.96 -26.11 -13.31
C LYS C 363 43.17 -25.54 -14.71
N LYS C 364 42.92 -26.35 -15.73
CA LYS C 364 43.06 -25.90 -17.11
C LYS C 364 42.10 -24.77 -17.48
N LEU C 365 41.03 -24.59 -16.72
CA LEU C 365 40.08 -23.52 -16.95
C LEU C 365 40.29 -22.39 -15.98
N ARG C 366 40.63 -22.74 -14.74
CA ARG C 366 40.86 -21.74 -13.70
C ARG C 366 42.07 -20.89 -14.02
N THR C 367 43.15 -21.52 -14.44
CA THR C 367 44.38 -20.79 -14.77
C THR C 367 44.37 -20.36 -16.23
N SER C 368 43.42 -19.49 -16.56
CA SER C 368 43.28 -18.97 -17.92
C SER C 368 42.65 -17.59 -17.86
N ILE C 369 43.41 -16.58 -18.26
CA ILE C 369 42.88 -15.22 -18.23
C ILE C 369 41.79 -15.06 -19.26
N MET C 370 41.83 -15.82 -20.35
CA MET C 370 40.82 -15.77 -21.38
C MET C 370 39.51 -16.32 -20.88
N PHE C 371 39.56 -17.52 -20.32
CA PHE C 371 38.36 -18.20 -19.85
C PHE C 371 37.74 -17.45 -18.69
N SER C 372 38.57 -17.08 -17.71
CA SER C 372 38.07 -16.41 -16.52
C SER C 372 37.52 -15.02 -16.82
N PHE C 373 38.04 -14.35 -17.84
CA PHE C 373 37.47 -13.05 -18.21
C PHE C 373 36.03 -13.21 -18.64
N ILE C 374 35.79 -14.19 -19.50
CA ILE C 374 34.45 -14.47 -20.02
C ILE C 374 33.50 -14.85 -18.89
N ILE C 375 33.92 -15.79 -18.04
CA ILE C 375 33.08 -16.26 -16.95
C ILE C 375 32.75 -15.14 -15.99
N SER C 376 33.73 -14.30 -15.69
CA SER C 376 33.52 -13.19 -14.77
C SER C 376 32.43 -12.26 -15.28
N ILE C 377 32.37 -12.04 -16.59
CA ILE C 377 31.30 -11.24 -17.16
C ILE C 377 29.95 -11.93 -16.99
N VAL C 378 29.89 -13.22 -17.33
CA VAL C 378 28.65 -14.00 -17.26
C VAL C 378 27.99 -13.92 -15.89
N VAL C 379 28.79 -14.07 -14.84
CA VAL C 379 28.30 -14.02 -13.47
C VAL C 379 27.43 -12.81 -13.18
N ASN C 380 27.80 -11.65 -13.72
CA ASN C 380 27.05 -10.44 -13.44
C ASN C 380 25.68 -10.45 -14.06
N ILE C 381 25.54 -11.17 -15.18
CA ILE C 381 24.26 -11.27 -15.86
C ILE C 381 23.32 -12.11 -15.03
N GLY C 382 23.82 -13.26 -14.60
CA GLY C 382 23.04 -14.17 -13.78
C GLY C 382 22.59 -13.50 -12.49
N MET C 383 23.48 -12.73 -11.87
CA MET C 383 23.14 -12.05 -10.64
C MET C 383 22.14 -10.92 -10.85
N TRP C 384 22.14 -10.28 -12.01
CA TRP C 384 21.11 -9.28 -12.25
C TRP C 384 19.74 -9.96 -12.25
N PHE C 385 19.66 -11.12 -12.89
CA PHE C 385 18.41 -11.86 -12.90
C PHE C 385 18.04 -12.39 -11.54
N GLU C 386 19.04 -12.75 -10.74
CA GLU C 386 18.76 -13.19 -9.37
C GLU C 386 17.91 -12.20 -8.62
N ARG C 387 18.28 -10.94 -8.72
CA ARG C 387 17.55 -9.89 -8.03
C ARG C 387 16.19 -9.66 -8.68
N PHE C 388 16.17 -9.66 -10.01
CA PHE C 388 14.94 -9.43 -10.79
C PHE C 388 13.88 -10.48 -10.51
N VAL C 389 14.26 -11.75 -10.62
CA VAL C 389 13.35 -12.87 -10.43
C VAL C 389 12.68 -12.84 -9.07
N ILE C 390 13.46 -12.65 -8.02
CA ILE C 390 12.89 -12.66 -6.67
C ILE C 390 11.81 -11.61 -6.51
N ILE C 391 12.06 -10.41 -7.00
CA ILE C 391 11.10 -9.32 -6.85
C ILE C 391 9.87 -9.48 -7.72
N VAL C 392 10.05 -9.75 -9.01
CA VAL C 392 8.89 -9.79 -9.93
C VAL C 392 8.06 -11.05 -9.80
N THR C 393 8.67 -12.24 -9.78
CA THR C 393 7.89 -13.48 -9.78
C THR C 393 7.06 -13.65 -8.52
N SER C 394 7.46 -12.99 -7.45
CA SER C 394 6.73 -13.06 -6.20
C SER C 394 5.60 -12.04 -6.10
N LEU C 395 5.52 -11.06 -7.00
CA LEU C 395 4.47 -10.05 -6.91
C LEU C 395 3.35 -10.23 -7.92
N HIS C 396 3.65 -10.65 -9.14
CA HIS C 396 2.58 -10.80 -10.14
C HIS C 396 1.68 -12.00 -9.85
N ARG C 397 2.06 -12.87 -8.90
CA ARG C 397 1.26 -14.02 -8.47
C ARG C 397 1.29 -14.13 -6.95
N ASP C 398 0.13 -13.98 -6.31
CA ASP C 398 0.05 -14.09 -4.85
C ASP C 398 -1.39 -14.37 -4.39
N TYR C 399 -1.71 -14.01 -3.15
CA TYR C 399 -3.06 -14.14 -2.59
C TYR C 399 -4.12 -13.49 -3.47
N LEU C 400 -5.31 -14.12 -3.59
CA LEU C 400 -6.44 -13.60 -4.42
C LEU C 400 -6.17 -13.55 -5.92
N PRO C 401 -6.45 -14.68 -6.63
CA PRO C 401 -6.25 -14.85 -8.08
C PRO C 401 -6.71 -13.70 -8.96
N SER C 402 -7.71 -12.93 -8.52
CA SER C 402 -8.18 -11.80 -9.31
C SER C 402 -7.14 -10.69 -9.47
N SER C 403 -6.13 -10.67 -8.61
CA SER C 403 -5.09 -9.66 -8.67
C SER C 403 -3.87 -10.09 -9.48
N TRP C 404 -3.91 -11.27 -10.10
CA TRP C 404 -2.77 -11.76 -10.87
C TRP C 404 -2.55 -10.94 -12.14
N THR C 405 -1.29 -10.64 -12.45
CA THR C 405 -0.96 -9.82 -13.63
C THR C 405 0.36 -10.21 -14.29
N MET C 406 0.91 -9.29 -15.09
CA MET C 406 2.19 -9.44 -15.78
C MET C 406 3.11 -8.26 -15.44
N PHE C 407 4.16 -8.07 -16.23
CA PHE C 407 5.09 -6.95 -16.07
C PHE C 407 6.02 -6.83 -17.25
N SER C 408 6.13 -5.61 -17.79
CA SER C 408 7.04 -5.29 -18.86
C SER C 408 7.57 -3.85 -18.72
N PRO C 409 8.89 -3.67 -18.73
CA PRO C 409 9.57 -2.38 -18.56
C PRO C 409 9.50 -1.52 -19.81
N THR C 410 9.67 -0.22 -19.62
CA THR C 410 9.63 0.75 -20.70
C THR C 410 11.02 1.31 -20.96
N PHE C 411 11.16 2.07 -22.06
CA PHE C 411 12.45 2.61 -22.44
C PHE C 411 13.04 3.57 -21.40
N VAL C 412 12.20 4.19 -20.57
CA VAL C 412 12.70 5.07 -19.53
C VAL C 412 13.14 4.31 -18.28
N ASP C 413 12.83 3.03 -18.20
CA ASP C 413 13.31 2.22 -17.09
C ASP C 413 14.69 1.72 -17.46
N ILE C 414 14.80 1.36 -18.74
CA ILE C 414 16.03 0.88 -19.32
C ILE C 414 17.05 2.00 -19.40
N GLY C 415 16.60 3.16 -19.87
CA GLY C 415 17.46 4.31 -20.05
C GLY C 415 18.14 4.77 -18.77
N ILE C 416 17.40 4.81 -17.66
CA ILE C 416 18.01 5.23 -16.40
C ILE C 416 19.09 4.28 -15.99
N PHE C 417 18.85 2.97 -16.14
CA PHE C 417 19.88 1.99 -15.81
C PHE C 417 21.13 2.20 -16.64
N ILE C 418 20.97 2.41 -17.95
CA ILE C 418 22.09 2.69 -18.85
C ILE C 418 22.87 3.89 -18.37
N GLY C 419 22.14 4.94 -17.96
CA GLY C 419 22.76 6.14 -17.45
C GLY C 419 23.67 5.89 -16.26
N THR C 420 23.25 5.02 -15.33
CA THR C 420 24.10 4.76 -14.16
C THR C 420 25.34 3.98 -14.56
N ILE C 421 25.24 3.14 -15.59
CA ILE C 421 26.41 2.42 -16.08
C ILE C 421 27.39 3.39 -16.69
N GLY C 422 26.89 4.30 -17.54
CA GLY C 422 27.73 5.29 -18.17
C GLY C 422 28.44 6.16 -17.16
N PHE C 423 27.72 6.56 -16.11
CA PHE C 423 28.30 7.41 -15.08
C PHE C 423 29.37 6.69 -14.33
N PHE C 424 29.15 5.40 -14.04
CA PHE C 424 30.14 4.57 -13.38
C PHE C 424 31.46 4.63 -14.12
N PHE C 425 31.41 4.41 -15.43
CA PHE C 425 32.63 4.41 -16.20
C PHE C 425 33.23 5.78 -16.36
N VAL C 426 32.43 6.85 -16.38
CA VAL C 426 33.02 8.19 -16.42
C VAL C 426 33.89 8.42 -15.21
N LEU C 427 33.37 8.07 -14.04
CA LEU C 427 34.10 8.27 -12.80
C LEU C 427 35.32 7.40 -12.70
N PHE C 428 35.17 6.12 -13.02
CA PHE C 428 36.28 5.17 -12.91
C PHE C 428 37.37 5.47 -13.91
N LEU C 429 36.98 5.80 -15.14
CA LEU C 429 37.96 6.08 -16.18
C LEU C 429 38.80 7.30 -15.83
N LEU C 430 38.15 8.37 -15.34
CA LEU C 430 38.90 9.56 -14.92
C LEU C 430 39.81 9.26 -13.75
N TYR C 431 39.34 8.44 -12.81
CA TYR C 431 40.14 8.01 -11.66
C TYR C 431 41.48 7.45 -12.07
N SER C 432 41.46 6.57 -13.08
CA SER C 432 42.66 5.88 -13.51
C SER C 432 43.74 6.80 -14.09
N ARG C 433 43.42 8.04 -14.43
CA ARG C 433 44.42 8.93 -14.97
C ARG C 433 44.86 10.00 -14.00
N THR C 434 44.33 10.02 -12.78
CA THR C 434 44.71 11.06 -11.84
C THR C 434 45.16 10.50 -10.49
N PHE C 435 44.75 9.31 -10.14
CA PHE C 435 45.10 8.70 -8.88
C PHE C 435 46.18 7.62 -9.03
N PRO C 436 47.00 7.45 -7.96
CA PRO C 436 48.01 6.40 -7.85
C PRO C 436 47.32 5.06 -7.67
N VAL C 437 47.26 4.30 -8.76
CA VAL C 437 46.53 3.03 -8.82
C VAL C 437 47.08 1.90 -7.94
N ILE C 438 48.35 1.95 -7.54
CA ILE C 438 48.89 0.92 -6.65
C ILE C 438 49.58 1.57 -5.45
N ALA C 439 49.15 1.19 -4.25
CA ALA C 439 49.72 1.73 -3.03
C ALA C 439 51.21 1.44 -2.93
N GLN C 440 52.00 2.50 -2.76
CA GLN C 440 53.44 2.38 -2.71
C GLN C 440 53.90 1.98 -1.33
N ALA C 441 53.24 2.54 -0.32
CA ALA C 441 53.55 2.22 1.05
C ALA C 441 53.33 0.75 1.33
N GLU C 442 52.37 0.15 0.63
CA GLU C 442 52.08 -1.26 0.82
C GLU C 442 53.06 -2.14 0.06
N VAL C 443 53.25 -1.89 -1.24
CA VAL C 443 54.12 -2.74 -2.05
C VAL C 443 55.56 -2.76 -1.54
N LYS C 444 56.08 -1.61 -1.13
CA LYS C 444 57.46 -1.56 -0.69
C LYS C 444 57.73 -2.33 0.60
N THR C 445 56.69 -2.79 1.31
CA THR C 445 56.89 -3.61 2.50
C THR C 445 56.93 -5.08 2.17
N ILE C 446 56.61 -5.45 0.94
CA ILE C 446 56.62 -6.85 0.53
C ILE C 446 57.65 -7.12 -0.54
N LEU C 447 58.24 -6.10 -1.15
CA LEU C 447 59.22 -6.30 -2.23
C LEU C 447 60.39 -7.16 -1.81
N LYS C 448 60.81 -7.05 -0.57
CA LYS C 448 61.95 -7.84 -0.11
C LYS C 448 61.50 -9.20 0.40
N GLY C 449 60.29 -9.26 0.96
CA GLY C 449 59.74 -10.51 1.45
C GLY C 449 59.40 -11.48 0.34
N THR C 450 58.87 -10.97 -0.78
CA THR C 450 58.49 -11.82 -1.91
C THR C 450 58.82 -11.16 -3.23
N GLY C 451 59.12 -11.99 -4.21
CA GLY C 451 59.47 -11.50 -5.53
C GLY C 451 60.45 -12.45 -6.14
N ASP C 452 60.55 -12.39 -7.47
CA ASP C 452 61.38 -13.33 -8.22
C ASP C 452 62.88 -13.05 -8.17
N ASN C 453 63.33 -12.15 -7.29
CA ASN C 453 64.73 -11.90 -7.09
C ASN C 453 65.17 -12.50 -5.77
N TYR C 454 64.52 -12.05 -4.70
CA TYR C 454 64.86 -12.46 -3.35
C TYR C 454 64.62 -13.93 -3.12
N ILE C 455 63.57 -14.49 -3.71
CA ILE C 455 63.34 -15.92 -3.55
C ILE C 455 64.46 -16.73 -4.16
N ARG C 456 64.94 -16.31 -5.34
CA ARG C 456 66.05 -17.00 -5.99
C ARG C 456 67.29 -16.90 -5.15
N GLU C 457 67.49 -15.75 -4.50
CA GLU C 457 68.62 -15.58 -3.60
C GLU C 457 68.54 -16.54 -2.43
N ARG C 458 67.33 -16.67 -1.85
CA ARG C 458 67.11 -17.58 -0.72
C ARG C 458 67.34 -19.03 -1.08
N ALA C 459 67.07 -19.40 -2.32
CA ALA C 459 67.23 -20.77 -2.79
C ALA C 459 68.68 -21.19 -3.01
N ASN C 460 69.61 -20.24 -3.07
CA ASN C 460 71.01 -20.56 -3.34
C ASN C 460 71.91 -20.08 -2.22
N SER D 2 71.68 28.47 18.14
CA SER D 2 72.32 28.10 16.89
C SER D 2 72.68 26.62 16.87
N ASN D 3 71.68 25.75 16.87
CA ASN D 3 71.94 24.33 16.87
C ASN D 3 72.04 23.80 15.45
N LYS D 4 72.83 22.74 15.29
CA LYS D 4 73.00 22.09 14.01
C LYS D 4 72.46 20.69 14.10
N VAL D 5 72.08 20.11 12.96
CA VAL D 5 71.51 18.77 12.94
C VAL D 5 72.24 17.89 11.94
N ILE D 6 72.58 16.68 12.36
CA ILE D 6 73.20 15.71 11.47
C ILE D 6 72.15 14.91 10.76
N TYR D 7 72.24 14.87 9.45
CA TYR D 7 71.31 14.13 8.63
C TYR D 7 71.99 12.89 8.08
N ALA D 8 71.70 11.74 8.69
CA ALA D 8 72.29 10.49 8.27
C ALA D 8 71.36 9.81 7.26
N ILE D 9 71.81 9.72 6.02
CA ILE D 9 71.04 9.12 4.94
C ILE D 9 71.49 7.70 4.67
N TYR D 10 70.53 6.78 4.65
CA TYR D 10 70.76 5.36 4.52
C TYR D 10 70.29 4.82 3.16
N ASN D 11 70.20 3.49 3.05
CA ASN D 11 69.81 2.82 1.82
C ASN D 11 68.74 1.74 2.02
N ASP D 12 68.73 1.06 3.17
CA ASP D 12 67.78 -0.04 3.43
C ASP D 12 67.44 -0.12 4.92
N ASP D 13 66.45 -0.96 5.23
CA ASP D 13 66.04 -1.16 6.61
C ASP D 13 67.11 -1.88 7.42
N ASP D 14 67.88 -2.74 6.76
CA ASP D 14 68.94 -3.48 7.45
C ASP D 14 69.95 -2.56 8.09
N VAL D 15 70.37 -1.54 7.35
CA VAL D 15 71.33 -0.61 7.90
C VAL D 15 70.65 0.33 8.89
N LEU D 16 69.35 0.60 8.73
CA LEU D 16 68.66 1.39 9.73
C LEU D 16 68.64 0.70 11.07
N MET D 17 68.36 -0.60 11.06
CA MET D 17 68.26 -1.29 12.33
C MET D 17 69.59 -1.37 13.01
N ASN D 18 70.65 -1.55 12.24
CA ASN D 18 71.97 -1.55 12.84
C ASN D 18 72.33 -0.17 13.35
N ALA D 19 72.00 0.86 12.58
CA ALA D 19 72.33 2.23 12.96
C ALA D 19 71.56 2.67 14.18
N VAL D 20 70.26 2.40 14.22
CA VAL D 20 69.45 2.81 15.35
C VAL D 20 69.92 2.14 16.61
N LYS D 21 70.17 0.83 16.54
CA LYS D 21 70.64 0.12 17.72
C LYS D 21 71.97 0.66 18.21
N LYS D 22 72.85 1.08 17.29
CA LYS D 22 74.12 1.67 17.72
C LYS D 22 73.94 3.04 18.36
N THR D 23 72.99 3.85 17.87
CA THR D 23 72.75 5.15 18.52
C THR D 23 72.13 4.96 19.88
N ARG D 24 71.38 3.87 20.06
CA ARG D 24 70.80 3.61 21.36
C ARG D 24 71.89 3.19 22.33
N ALA D 25 72.78 2.30 21.88
CA ALA D 25 73.89 1.84 22.69
C ALA D 25 74.86 2.97 23.02
N ALA D 26 75.10 3.86 22.06
CA ALA D 26 76.01 4.97 22.23
C ALA D 26 75.33 6.22 22.79
N HIS D 27 74.04 6.13 23.08
CA HIS D 27 73.28 7.22 23.71
C HIS D 27 73.22 8.50 22.88
N HIS D 28 72.94 8.37 21.58
CA HIS D 28 72.78 9.55 20.73
C HIS D 28 71.29 9.76 20.55
N HIS D 29 70.74 10.76 21.22
CA HIS D 29 69.30 11.03 21.15
C HIS D 29 68.85 11.30 19.72
N ILE D 30 67.98 10.45 19.22
CA ILE D 30 67.43 10.61 17.87
C ILE D 30 66.30 11.60 17.92
N GLU D 31 66.35 12.59 17.05
CA GLU D 31 65.28 13.56 17.02
C GLU D 31 64.12 13.04 16.18
N GLU D 32 64.40 12.65 14.94
CA GLU D 32 63.37 12.08 14.07
C GLU D 32 63.91 11.05 13.10
N VAL D 33 63.03 10.15 12.67
CA VAL D 33 63.36 9.18 11.64
C VAL D 33 62.32 9.26 10.54
N PHE D 34 62.77 9.45 9.31
CA PHE D 34 61.87 9.61 8.18
C PHE D 34 61.97 8.42 7.25
N THR D 35 60.84 7.82 6.88
CA THR D 35 60.88 6.69 5.97
C THR D 35 59.80 6.82 4.90
N PRO D 36 60.08 6.29 3.68
CA PRO D 36 59.16 6.22 2.55
C PRO D 36 58.03 5.21 2.72
N PHE D 37 58.21 4.28 3.65
CA PHE D 37 57.22 3.23 3.89
C PHE D 37 57.45 2.66 5.29
N PRO D 38 56.47 1.91 5.84
CA PRO D 38 56.56 1.25 7.15
C PRO D 38 57.74 0.30 7.28
N VAL D 39 58.42 0.38 8.42
CA VAL D 39 59.59 -0.47 8.68
C VAL D 39 59.21 -1.78 9.35
N HIS D 40 58.25 -1.72 10.26
CA HIS D 40 57.74 -2.85 11.05
C HIS D 40 58.75 -3.33 12.09
N GLY D 41 59.80 -2.54 12.36
CA GLY D 41 60.72 -2.73 13.48
C GLY D 41 61.36 -1.46 14.01
N LEU D 42 60.93 -0.30 13.51
CA LEU D 42 61.59 0.96 13.79
C LEU D 42 61.25 1.48 15.18
N ASP D 43 59.96 1.51 15.49
CA ASP D 43 59.51 1.99 16.79
C ASP D 43 60.01 1.09 17.90
N LYS D 44 60.17 -0.19 17.60
CA LYS D 44 60.74 -1.13 18.55
C LYS D 44 62.18 -0.77 18.86
N ALA D 45 62.98 -0.58 17.80
CA ALA D 45 64.38 -0.23 17.97
C ALA D 45 64.55 1.13 18.64
N MET D 46 63.72 2.10 18.25
CA MET D 46 63.78 3.44 18.82
C MET D 46 63.30 3.46 20.26
N GLY D 47 62.34 2.61 20.59
CA GLY D 47 61.77 2.58 21.92
C GLY D 47 60.64 3.58 22.04
N LEU D 48 59.82 3.68 21.01
CA LEU D 48 58.70 4.61 21.02
C LEU D 48 57.55 4.00 21.81
N ALA D 49 56.80 4.86 22.51
CA ALA D 49 55.69 4.40 23.30
C ALA D 49 54.51 3.97 22.41
N PRO D 50 53.76 2.93 22.84
CA PRO D 50 52.54 2.43 22.19
C PRO D 50 51.48 3.50 22.05
N THR D 51 50.66 3.37 20.99
CA THR D 51 49.59 4.30 20.73
C THR D 51 48.36 3.91 21.52
N ARG D 52 47.40 4.81 21.52
CA ARG D 52 46.20 4.63 22.28
C ARG D 52 44.96 4.87 21.47
N LEU D 53 45.08 4.88 20.17
CA LEU D 53 43.92 5.17 19.37
C LEU D 53 42.81 4.15 19.52
N ALA D 54 43.15 2.90 19.73
CA ALA D 54 42.12 1.94 19.96
C ALA D 54 41.40 2.27 21.22
N ILE D 55 42.11 2.70 22.26
CA ILE D 55 41.47 3.10 23.52
C ILE D 55 40.60 4.34 23.31
N CYS D 56 40.92 5.15 22.31
CA CYS D 56 40.12 6.33 22.02
C CYS D 56 38.77 5.96 21.40
N ALA D 57 38.73 4.97 20.50
CA ALA D 57 37.45 4.67 19.85
C ALA D 57 36.46 3.99 20.74
N PHE D 58 36.82 2.90 21.29
CA PHE D 58 35.92 2.16 22.15
C PHE D 58 34.95 3.07 22.91
N LEU D 59 35.51 4.16 23.46
CA LEU D 59 34.72 5.15 24.15
C LEU D 59 33.78 5.89 23.22
N TYR D 60 34.22 6.14 21.98
CA TYR D 60 33.38 6.82 21.01
C TYR D 60 32.18 5.95 20.65
N GLY D 61 32.37 4.64 20.61
CA GLY D 61 31.26 3.72 20.37
C GLY D 61 30.23 3.79 21.48
N CYS D 62 30.70 3.92 22.73
CA CYS D 62 29.81 4.05 23.87
C CYS D 62 28.99 5.33 23.79
N VAL D 63 29.59 6.39 23.27
CA VAL D 63 28.83 7.62 23.05
C VAL D 63 27.71 7.36 22.06
N GLY D 64 28.04 6.66 20.97
CA GLY D 64 27.09 6.36 19.93
C GLY D 64 25.87 5.60 20.40
N ILE D 65 26.06 4.58 21.24
CA ILE D 65 24.89 3.83 21.71
C ILE D 65 24.01 4.68 22.62
N SER D 66 24.57 5.63 23.36
CA SER D 66 23.73 6.45 24.20
C SER D 66 22.90 7.39 23.35
N VAL D 67 23.44 7.79 22.21
CA VAL D 67 22.69 8.66 21.30
C VAL D 67 21.53 7.91 20.70
N ALA D 68 21.79 6.71 20.18
CA ALA D 68 20.78 5.92 19.50
C ALA D 68 19.63 5.56 20.42
N THR D 69 19.93 5.11 21.64
CA THR D 69 18.88 4.67 22.55
C THR D 69 18.11 5.82 23.17
N THR D 70 18.75 6.95 23.43
CA THR D 70 17.97 8.04 24.00
C THR D 70 17.12 8.71 22.95
N MET D 71 17.55 8.67 21.69
CA MET D 71 16.74 9.22 20.61
C MET D 71 15.45 8.43 20.43
N MET D 72 15.58 7.13 20.17
CA MET D 72 14.44 6.30 19.85
C MET D 72 13.52 6.08 21.05
N SER D 73 14.07 5.94 22.26
CA SER D 73 13.22 5.78 23.42
C SER D 73 12.47 7.05 23.77
N TYR D 74 12.87 8.18 23.23
CA TYR D 74 12.14 9.41 23.48
C TYR D 74 11.00 9.54 22.50
N ILE D 75 11.32 9.49 21.21
CA ILE D 75 10.35 9.72 20.15
C ILE D 75 9.28 8.65 20.09
N MET D 76 9.68 7.39 20.08
CA MET D 76 8.74 6.32 19.81
C MET D 76 7.84 5.98 20.98
N ILE D 77 8.30 6.10 22.22
CA ILE D 77 7.47 5.69 23.33
C ILE D 77 7.18 6.79 24.34
N HIS D 78 7.87 7.92 24.32
CA HIS D 78 7.61 8.97 25.30
C HIS D 78 7.13 10.29 24.71
N ASP D 79 7.03 10.43 23.39
CA ASP D 79 6.46 11.64 22.82
C ASP D 79 5.14 11.37 22.10
N TRP D 80 5.13 10.53 21.06
CA TRP D 80 3.88 10.04 20.46
C TRP D 80 3.88 8.52 20.51
N PRO D 81 3.24 7.91 21.50
CA PRO D 81 3.11 6.44 21.54
C PRO D 81 1.95 5.92 20.69
N GLN D 82 1.91 6.31 19.42
CA GLN D 82 0.87 5.86 18.53
C GLN D 82 1.13 4.44 18.06
N ASP D 83 0.11 3.82 17.48
CA ASP D 83 0.24 2.49 16.92
C ASP D 83 0.50 2.54 15.42
N ILE D 84 1.59 1.94 15.00
CA ILE D 84 1.92 1.76 13.60
C ILE D 84 2.00 0.26 13.41
N GLY D 85 0.88 -0.34 13.04
CA GLY D 85 0.76 -1.79 12.99
C GLY D 85 0.28 -2.31 14.33
N GLY D 86 0.63 -3.55 14.64
CA GLY D 86 0.31 -4.09 15.95
C GLY D 86 1.50 -4.06 16.88
N LYS D 87 2.45 -3.19 16.58
CA LYS D 87 3.71 -3.13 17.33
C LYS D 87 3.47 -2.57 18.72
N PRO D 88 3.78 -3.31 19.78
CA PRO D 88 3.54 -2.80 21.14
C PRO D 88 4.51 -1.71 21.55
N SER D 89 4.04 -0.47 21.58
CA SER D 89 4.87 0.68 21.94
C SER D 89 4.64 1.09 23.39
N PHE D 90 4.43 0.10 24.27
CA PHE D 90 4.15 0.39 25.67
C PHE D 90 5.42 0.72 26.43
N SER D 91 6.52 0.04 26.13
CA SER D 91 7.77 0.18 26.86
C SER D 91 8.93 0.09 25.87
N PHE D 92 10.15 0.08 26.40
CA PHE D 92 11.33 -0.02 25.55
C PHE D 92 11.82 -1.46 25.43
N ILE D 93 11.46 -2.32 26.38
CA ILE D 93 11.64 -3.74 26.16
C ILE D 93 10.73 -4.21 25.03
N GLN D 94 9.47 -3.82 25.09
CA GLN D 94 8.56 -4.17 24.02
C GLN D 94 8.93 -3.37 22.80
N ASN D 95 8.90 -4.01 21.64
CA ASN D 95 9.29 -3.39 20.38
C ASN D 95 10.78 -3.06 20.34
N MET D 96 11.59 -3.65 21.22
CA MET D 96 13.04 -3.44 21.16
C MET D 96 13.73 -3.90 19.87
N PRO D 97 13.48 -5.14 19.36
CA PRO D 97 14.16 -5.67 18.17
C PRO D 97 14.16 -4.78 16.96
N SER D 98 13.10 -4.02 16.75
CA SER D 98 13.02 -3.14 15.59
C SER D 98 13.96 -1.94 15.69
N PHE D 99 14.56 -1.70 16.85
CA PHE D 99 15.48 -0.60 16.98
C PHE D 99 16.93 -1.02 16.79
N VAL D 100 17.17 -2.33 16.87
CA VAL D 100 18.55 -2.87 16.76
C VAL D 100 19.29 -2.48 15.47
N PRO D 101 18.68 -2.57 14.27
CA PRO D 101 19.31 -2.17 13.01
C PRO D 101 19.85 -0.76 13.00
N ILE D 102 19.28 0.14 13.81
CA ILE D 102 19.78 1.51 13.88
C ILE D 102 20.84 1.65 14.94
N MET D 103 20.58 1.06 16.11
CA MET D 103 21.53 1.17 17.22
C MET D 103 22.90 0.67 16.83
N PHE D 104 22.94 -0.44 16.11
CA PHE D 104 24.19 -1.02 15.66
C PHE D 104 24.96 -0.02 14.80
N GLU D 105 24.30 0.53 13.79
CA GLU D 105 24.94 1.39 12.81
C GLU D 105 25.49 2.64 13.46
N MET D 106 24.80 3.17 14.48
CA MET D 106 25.27 4.36 15.15
C MET D 106 26.53 4.12 15.95
N THR D 107 26.66 2.96 16.59
CA THR D 107 27.86 2.74 17.37
C THR D 107 29.08 2.61 16.50
N VAL D 108 28.92 2.04 15.31
CA VAL D 108 30.05 1.93 14.41
C VAL D 108 30.40 3.28 13.85
N PHE D 109 29.37 4.04 13.45
CA PHE D 109 29.54 5.35 12.87
C PHE D 109 30.37 6.26 13.74
N PHE D 110 30.01 6.37 15.02
CA PHE D 110 30.76 7.24 15.90
C PHE D 110 32.13 6.68 16.24
N ALA D 111 32.23 5.36 16.42
CA ALA D 111 33.52 4.76 16.74
C ALA D 111 34.52 4.99 15.61
N ALA D 112 34.05 4.92 14.37
CA ALA D 112 34.91 5.09 13.21
C ALA D 112 35.32 6.53 12.99
N HIS D 113 34.34 7.42 12.84
CA HIS D 113 34.66 8.80 12.46
C HIS D 113 35.30 9.62 13.56
N LEU D 114 34.95 9.37 14.81
CA LEU D 114 35.53 10.18 15.86
C LEU D 114 36.99 9.83 16.13
N MET D 115 37.44 8.63 15.77
CA MET D 115 38.84 8.32 16.01
C MET D 115 39.68 8.68 14.80
N VAL D 116 39.09 8.66 13.60
CA VAL D 116 39.82 9.11 12.41
C VAL D 116 40.21 10.57 12.54
N ILE D 117 39.27 11.40 13.02
CA ILE D 117 39.60 12.80 13.20
C ILE D 117 40.53 12.99 14.39
N THR D 118 40.52 12.06 15.35
CA THR D 118 41.46 12.13 16.46
C THR D 118 42.87 11.94 15.95
N PHE D 119 43.04 10.98 15.04
CA PHE D 119 44.30 10.72 14.37
C PHE D 119 44.80 11.96 13.65
N TYR D 120 43.95 12.59 12.86
CA TYR D 120 44.36 13.78 12.13
C TYR D 120 44.72 14.94 13.06
N MET D 121 44.00 15.07 14.17
CA MET D 121 44.29 16.15 15.10
C MET D 121 45.60 15.92 15.84
N ARG D 122 45.87 14.67 16.22
CA ARG D 122 47.09 14.40 16.96
C ARG D 122 48.30 14.27 16.05
N SER D 123 48.10 13.90 14.81
CA SER D 123 49.19 13.81 13.87
C SER D 123 49.37 15.09 13.10
N ARG D 124 48.49 16.06 13.33
CA ARG D 124 48.54 17.38 12.72
C ARG D 124 48.47 17.29 11.21
N LEU D 125 47.42 16.65 10.69
CA LEU D 125 47.25 16.51 9.26
C LEU D 125 45.99 17.24 8.77
N TRP D 126 46.16 18.15 7.82
CA TRP D 126 45.02 18.85 7.23
C TRP D 126 45.41 19.36 5.84
N PRO D 127 44.40 19.64 4.96
CA PRO D 127 44.55 19.98 3.54
C PRO D 127 45.54 21.07 3.18
N PHE D 128 45.69 22.07 4.01
CA PHE D 128 46.62 23.13 3.66
C PHE D 128 47.82 23.19 4.58
N LYS D 129 48.21 22.05 5.14
CA LYS D 129 49.40 22.04 5.98
C LYS D 129 50.66 21.96 5.16
N GLN D 130 51.62 22.81 5.48
CA GLN D 130 52.93 22.80 4.83
C GLN D 130 53.67 21.49 5.09
N ALA D 131 54.10 20.84 4.01
CA ALA D 131 54.84 19.59 4.09
C ALA D 131 56.20 19.82 4.72
N GLU D 132 56.70 18.81 5.42
CA GLU D 132 57.94 18.92 6.17
C GLU D 132 58.98 17.89 5.75
N ASN D 133 59.32 17.86 4.47
CA ASN D 133 60.35 16.95 3.99
C ASN D 133 61.73 17.61 4.04
N PRO D 134 62.66 17.07 4.85
CA PRO D 134 64.04 17.55 4.96
C PRO D 134 64.87 17.17 3.75
N ASP D 135 64.39 16.20 2.97
CA ASP D 135 65.05 15.75 1.75
C ASP D 135 64.00 15.04 0.91
N VAL D 136 63.71 15.62 -0.25
CA VAL D 136 62.70 15.12 -1.19
C VAL D 136 62.87 13.65 -1.55
N ARG D 137 64.11 13.19 -1.62
CA ARG D 137 64.37 11.82 -2.05
C ARG D 137 63.84 10.77 -1.09
N THR D 138 63.57 11.15 0.17
CA THR D 138 63.15 10.22 1.23
C THR D 138 61.78 9.61 1.02
N THR D 139 60.90 10.27 0.28
CA THR D 139 59.59 9.67 0.13
C THR D 139 59.67 8.47 -0.77
N ASP D 140 60.23 8.66 -1.96
CA ASP D 140 60.49 7.58 -2.90
C ASP D 140 61.53 6.63 -2.33
N ASP D 141 62.61 7.17 -1.79
CA ASP D 141 63.73 6.37 -1.33
C ASP D 141 64.64 7.04 -0.30
N HIS D 142 65.50 6.23 0.29
CA HIS D 142 66.50 6.67 1.24
C HIS D 142 65.95 6.85 2.62
N PHE D 143 66.59 6.34 3.63
CA PHE D 143 66.00 6.52 4.92
C PHE D 143 66.78 7.58 5.67
N LEU D 144 66.12 8.33 6.55
CA LEU D 144 66.81 9.44 7.18
C LEU D 144 66.67 9.47 8.69
N ILE D 145 67.80 9.44 9.38
CA ILE D 145 67.82 9.58 10.83
C ILE D 145 68.49 10.90 11.17
N GLU D 146 67.78 11.79 11.82
CA GLU D 146 68.40 13.06 12.16
C GLU D 146 68.66 13.16 13.65
N VAL D 147 69.87 13.64 13.98
CA VAL D 147 70.35 13.80 15.35
C VAL D 147 70.96 15.18 15.55
N ALA D 148 70.50 15.89 16.58
CA ALA D 148 71.01 17.21 16.85
C ALA D 148 72.44 17.19 17.38
N VAL D 149 73.21 18.20 17.00
CA VAL D 149 74.61 18.37 17.40
C VAL D 149 74.70 19.10 18.72
N ASN D 150 75.41 18.51 19.68
CA ASN D 150 75.63 19.21 20.93
C ASN D 150 76.80 20.18 20.80
N ASP D 151 78.00 19.63 20.63
CA ASP D 151 79.17 20.47 20.40
C ASP D 151 80.27 19.74 19.61
N ASN D 152 80.35 18.42 19.78
CA ASN D 152 81.41 17.65 19.14
C ASN D 152 80.95 17.18 17.78
N GLU D 153 81.04 18.07 16.81
CA GLU D 153 80.65 17.78 15.44
C GLU D 153 81.50 16.68 14.84
N ALA D 154 82.80 16.70 15.12
CA ALA D 154 83.76 15.78 14.52
C ALA D 154 83.42 14.33 14.85
N GLU D 155 83.22 14.03 16.13
CA GLU D 155 82.97 12.66 16.50
C GLU D 155 81.55 12.23 16.25
N LEU D 156 80.60 13.15 16.36
CA LEU D 156 79.23 12.78 16.04
C LEU D 156 79.13 12.35 14.59
N VAL D 157 79.84 13.07 13.72
CA VAL D 157 79.87 12.70 12.31
C VAL D 157 80.64 11.41 12.09
N SER D 158 81.81 11.26 12.74
CA SER D 158 82.61 10.05 12.55
C SER D 158 81.83 8.80 12.92
N PHE D 159 80.95 8.94 13.92
CA PHE D 159 80.04 7.88 14.30
C PHE D 159 79.14 7.51 13.13
N PHE D 160 78.49 8.51 12.54
CA PHE D 160 77.56 8.27 11.44
C PHE D 160 78.26 7.88 10.16
N GLU D 161 79.55 8.12 10.06
CA GLU D 161 80.33 7.68 8.91
C GLU D 161 80.67 6.18 8.95
N GLY D 162 80.27 5.47 10.01
CA GLY D 162 80.55 4.05 10.08
C GLY D 162 79.56 3.15 9.36
N THR D 163 78.38 2.94 9.95
CA THR D 163 77.39 2.03 9.40
C THR D 163 76.27 2.75 8.64
N GLY D 164 76.09 2.37 7.38
CA GLY D 164 75.02 2.89 6.56
C GLY D 164 75.25 4.29 6.07
N ALA D 165 76.50 4.70 5.99
CA ALA D 165 76.84 6.08 5.65
C ALA D 165 76.76 6.31 4.15
N VAL D 166 75.53 6.43 3.63
CA VAL D 166 75.38 6.78 2.22
C VAL D 166 75.69 8.24 2.03
N GLU D 167 75.06 9.08 2.85
CA GLU D 167 75.32 10.50 2.80
C GLU D 167 75.09 11.12 4.18
N VAL D 168 76.05 11.91 4.66
CA VAL D 168 75.92 12.55 5.97
C VAL D 168 76.06 14.05 5.85
N LYS D 169 75.06 14.79 6.31
CA LYS D 169 75.10 16.24 6.24
C LYS D 169 75.03 16.87 7.62
N VAL D 170 75.64 18.04 7.77
CA VAL D 170 75.54 18.81 9.02
C VAL D 170 74.94 20.15 8.65
N ILE D 171 73.70 20.38 9.04
CA ILE D 171 73.00 21.59 8.63
C ILE D 171 72.50 22.37 9.83
N GLU D 172 72.85 23.65 9.87
CA GLU D 172 72.40 24.53 10.95
C GLU D 172 70.90 24.75 10.86
N LYS D 173 70.21 24.59 11.99
CA LYS D 173 68.77 24.80 12.11
C LYS D 173 67.96 23.90 11.19
N CYS E 1 11.50 37.83 1.08
CA CYS E 1 11.23 38.28 2.43
C CYS E 1 9.77 38.50 2.68
N HIS E 2 9.33 38.34 3.93
CA HIS E 2 7.92 38.44 4.26
C HIS E 2 7.43 39.83 4.64
N ASN E 3 6.42 40.29 3.92
CA ASN E 3 5.73 41.54 4.15
C ASN E 3 4.42 41.25 4.88
N ASN E 4 3.87 42.26 5.55
CA ASN E 4 2.64 42.07 6.29
C ASN E 4 1.39 42.56 5.58
N SER E 5 1.54 43.37 4.53
CA SER E 5 0.42 43.80 3.70
C SER E 5 0.20 42.86 2.51
N ALA E 6 0.79 41.67 2.54
CA ALA E 6 0.71 40.69 1.48
C ALA E 6 1.08 39.34 2.08
N PRO E 7 0.51 38.24 1.62
CA PRO E 7 0.78 36.94 2.24
C PRO E 7 2.20 36.45 1.96
N ASN E 8 2.62 35.48 2.75
CA ASN E 8 4.01 35.04 2.79
C ASN E 8 4.27 34.00 1.71
N TYR E 9 5.55 33.79 1.41
CA TYR E 9 5.95 32.87 0.35
C TYR E 9 5.75 31.43 0.80
N GLN E 10 5.64 30.53 -0.19
CA GLN E 10 5.30 29.14 0.06
C GLN E 10 6.26 28.23 -0.69
N TYR E 11 6.37 27.01 -0.21
CA TYR E 11 7.30 26.00 -0.75
C TYR E 11 6.48 24.84 -1.32
N PHE E 12 6.38 24.80 -2.66
CA PHE E 12 5.65 23.81 -3.44
C PHE E 12 4.21 23.63 -2.98
N PRO E 13 3.30 24.56 -3.34
CA PRO E 13 1.90 24.41 -2.92
C PRO E 13 1.19 23.29 -3.64
N ASN E 14 1.35 22.06 -3.15
CA ASN E 14 0.73 20.91 -3.81
C ASN E 14 -0.77 20.91 -3.61
N MET E 15 -1.24 20.79 -2.37
CA MET E 15 -2.67 20.83 -2.08
C MET E 15 -2.91 21.99 -1.12
N TYR E 16 -2.92 23.21 -1.66
CA TYR E 16 -3.26 24.38 -0.87
C TYR E 16 -4.51 25.07 -1.41
N GLU E 17 -4.53 25.45 -2.68
CA GLU E 17 -5.72 26.00 -3.29
C GLU E 17 -6.66 24.86 -3.69
N SER E 18 -7.90 25.22 -4.00
CA SER E 18 -8.97 24.24 -4.10
C SER E 18 -9.32 23.92 -5.54
N VAL E 19 -9.54 22.64 -5.80
CA VAL E 19 -10.13 22.19 -7.05
C VAL E 19 -11.65 22.21 -6.97
N ALA E 20 -12.20 21.85 -5.81
CA ALA E 20 -13.64 21.89 -5.59
C ALA E 20 -14.08 23.31 -5.29
N TYR E 21 -15.34 23.47 -4.91
CA TYR E 21 -15.97 24.78 -4.76
C TYR E 21 -16.39 25.00 -3.30
N GLU E 22 -15.46 25.51 -2.51
CA GLU E 22 -15.73 25.96 -1.15
C GLU E 22 -16.64 27.21 -1.23
N PRO E 23 -17.51 27.43 -0.21
CA PRO E 23 -18.76 28.18 -0.48
C PRO E 23 -18.65 29.66 -0.86
N TYR E 24 -17.91 30.48 -0.12
CA TYR E 24 -18.06 31.92 -0.34
C TYR E 24 -17.07 32.54 -1.33
N THR E 25 -16.17 31.78 -1.95
CA THR E 25 -15.13 32.38 -2.79
C THR E 25 -15.71 32.94 -4.09
N GLU E 26 -14.83 33.52 -4.91
CA GLU E 26 -15.22 34.10 -6.18
C GLU E 26 -14.94 33.10 -7.30
N ALA E 27 -15.86 33.03 -8.26
CA ALA E 27 -15.64 32.22 -9.45
C ALA E 27 -15.94 33.02 -10.71
N LYS E 28 -15.94 32.36 -11.86
CA LYS E 28 -16.13 33.02 -13.15
C LYS E 28 -17.37 32.54 -13.90
N ILE E 29 -17.78 31.28 -13.67
CA ILE E 29 -18.72 30.61 -14.56
C ILE E 29 -20.16 30.98 -14.23
N PHE E 30 -20.44 31.32 -12.98
CA PHE E 30 -21.80 31.40 -12.44
C PHE E 30 -22.56 32.61 -13.02
N LYS E 31 -23.81 32.75 -12.56
CA LYS E 31 -24.70 33.79 -13.05
C LYS E 31 -24.19 35.17 -12.68
N GLY E 32 -23.98 35.40 -11.39
CA GLY E 32 -23.24 36.55 -10.93
C GLY E 32 -21.77 36.22 -10.79
N GLY E 33 -21.06 37.08 -10.09
CA GLY E 33 -19.70 36.76 -9.71
C GLY E 33 -19.57 35.95 -8.45
N LYS E 34 -20.70 35.64 -7.82
CA LYS E 34 -20.73 34.99 -6.52
C LYS E 34 -20.49 33.49 -6.67
N GLU E 35 -20.73 32.76 -5.58
CA GLU E 35 -20.70 31.30 -5.58
C GLU E 35 -21.89 30.79 -4.78
N GLY E 36 -22.84 31.66 -4.48
CA GLY E 36 -23.98 31.38 -3.62
C GLY E 36 -25.32 31.52 -4.30
N GLN E 37 -25.47 30.92 -5.49
CA GLN E 37 -26.66 31.07 -6.33
C GLN E 37 -27.95 30.74 -5.58
N LEU E 38 -28.99 31.47 -5.93
CA LEU E 38 -30.26 31.44 -5.22
C LEU E 38 -31.06 30.18 -5.59
N PRO E 39 -31.79 29.61 -4.65
CA PRO E 39 -32.66 28.48 -4.98
C PRO E 39 -33.90 28.95 -5.73
N VAL E 40 -34.53 27.99 -6.40
CA VAL E 40 -35.73 28.29 -7.19
C VAL E 40 -36.89 28.58 -6.24
N GLU E 41 -37.78 29.47 -6.68
CA GLU E 41 -38.93 29.85 -5.86
C GLU E 41 -39.95 28.73 -5.81
N GLY E 42 -40.58 28.57 -4.66
CA GLY E 42 -41.64 27.62 -4.49
C GLY E 42 -41.24 26.22 -4.08
N THR E 43 -39.95 25.93 -3.98
CA THR E 43 -39.53 24.59 -3.59
C THR E 43 -39.42 24.49 -2.07
N ILE E 44 -39.37 23.26 -1.58
CA ILE E 44 -39.38 22.97 -0.14
C ILE E 44 -38.34 21.88 0.12
N ASN E 45 -37.36 22.19 0.96
CA ASN E 45 -36.39 21.19 1.39
C ASN E 45 -36.92 20.39 2.58
N ARG E 46 -36.21 19.32 2.90
CA ARG E 46 -36.63 18.39 3.94
C ARG E 46 -36.29 18.97 5.31
N GLY E 47 -37.32 19.30 6.08
CA GLY E 47 -37.14 19.81 7.42
C GLY E 47 -37.43 21.29 7.56
N PHE E 48 -38.42 21.78 6.81
CA PHE E 48 -38.74 23.20 6.75
C PHE E 48 -40.12 23.39 6.16
N GLU E 49 -40.90 24.29 6.76
CA GLU E 49 -42.19 24.65 6.21
C GLU E 49 -42.24 26.15 5.91
N PRO E 50 -42.93 26.56 4.86
CA PRO E 50 -43.01 27.99 4.55
C PRO E 50 -44.06 28.69 5.40
N TYR E 51 -43.74 29.92 5.79
CA TYR E 51 -44.67 30.71 6.59
C TYR E 51 -45.80 31.22 5.71
N GLU E 52 -47.04 31.00 6.17
CA GLU E 52 -48.22 31.11 5.32
C GLU E 52 -48.99 32.41 5.49
N TYR E 53 -48.43 33.38 6.21
CA TYR E 53 -49.06 34.67 6.42
C TYR E 53 -48.21 35.74 5.75
N GLU E 54 -48.86 36.64 5.00
CA GLU E 54 -48.13 37.65 4.23
C GLU E 54 -47.77 38.84 5.11
N ASN E 55 -47.36 39.94 4.49
CA ASN E 55 -46.78 41.08 5.20
C ASN E 55 -47.85 41.88 5.95
N SER E 56 -47.43 43.03 6.47
CA SER E 56 -48.13 43.74 7.53
C SER E 56 -49.43 44.38 7.04
N THR E 57 -50.22 44.83 8.02
CA THR E 57 -51.50 45.55 7.98
C THR E 57 -52.68 44.70 7.49
N ALA E 58 -52.43 43.50 6.99
CA ALA E 58 -53.52 42.60 6.64
C ALA E 58 -53.21 41.20 7.17
N GLY E 59 -51.93 40.90 7.33
CA GLY E 59 -51.50 39.63 7.87
C GLY E 59 -50.89 39.76 9.23
N TYR E 60 -50.79 41.00 9.72
CA TYR E 60 -50.24 41.25 11.05
C TYR E 60 -51.23 40.83 12.14
N GLU E 61 -52.42 41.43 12.13
CA GLU E 61 -53.43 41.12 13.13
C GLU E 61 -54.11 39.79 12.89
N LEU E 62 -54.05 39.27 11.66
CA LEU E 62 -54.51 37.91 11.41
C LEU E 62 -53.56 36.89 12.03
N ALA E 63 -52.28 37.23 12.13
CA ALA E 63 -51.32 36.39 12.85
C ALA E 63 -51.40 36.62 14.35
N LYS E 64 -51.82 37.81 14.78
CA LYS E 64 -51.92 38.11 16.20
C LYS E 64 -53.08 37.36 16.84
N ALA E 65 -54.13 37.08 16.07
CA ALA E 65 -55.33 36.46 16.64
C ALA E 65 -55.18 34.95 16.76
N ASN E 66 -55.01 34.26 15.64
CA ASN E 66 -55.10 32.80 15.58
C ASN E 66 -53.79 32.21 15.07
N LEU E 67 -52.83 32.03 15.98
CA LEU E 67 -51.52 31.45 15.68
C LEU E 67 -50.86 31.08 17.00
N LYS E 68 -50.45 29.81 17.16
CA LYS E 68 -50.04 29.29 18.44
C LYS E 68 -48.63 28.72 18.39
N SER E 69 -48.10 28.40 19.58
CA SER E 69 -46.72 27.96 19.73
C SER E 69 -46.64 26.44 19.69
N PRO E 70 -45.97 25.84 18.70
CA PRO E 70 -45.87 24.38 18.61
C PRO E 70 -44.70 23.78 19.38
N LEU E 71 -44.57 24.15 20.66
CA LEU E 71 -43.52 23.61 21.50
C LEU E 71 -44.11 22.70 22.57
N THR E 72 -43.23 22.21 23.45
CA THR E 72 -43.61 21.39 24.59
C THR E 72 -43.01 22.00 25.85
N GLU E 73 -43.46 21.50 27.00
CA GLU E 73 -42.99 22.03 28.28
C GLU E 73 -41.59 21.58 28.63
N GLU E 74 -41.09 20.51 28.00
CA GLU E 74 -39.72 20.08 28.24
C GLU E 74 -38.71 21.05 27.65
N GLU E 75 -39.07 21.73 26.56
CA GLU E 75 -38.14 22.59 25.85
C GLU E 75 -38.20 24.04 26.33
N LYS E 76 -39.34 24.47 26.89
CA LYS E 76 -39.46 25.84 27.37
C LYS E 76 -38.62 26.07 28.60
N ASN E 77 -38.60 25.12 29.53
CA ASN E 77 -37.85 25.25 30.79
C ASN E 77 -36.45 24.66 30.63
N SER E 78 -35.71 25.21 29.68
CA SER E 78 -34.35 24.75 29.41
C SER E 78 -33.30 25.84 29.54
N GLY E 79 -33.68 27.11 29.50
CA GLY E 79 -32.73 28.19 29.57
C GLY E 79 -32.12 28.61 28.25
N LYS E 80 -32.38 27.86 27.17
CA LYS E 80 -31.87 28.24 25.86
C LYS E 80 -32.61 29.42 25.27
N GLY E 81 -33.82 29.70 25.74
CA GLY E 81 -34.54 30.88 25.27
C GLY E 81 -33.98 32.17 25.82
N LYS E 82 -33.33 32.10 26.99
CA LYS E 82 -32.69 33.29 27.55
C LYS E 82 -31.41 33.64 26.80
N GLU E 83 -30.64 32.61 26.41
CA GLU E 83 -29.35 32.83 25.76
C GLU E 83 -29.49 33.48 24.38
N LEU E 84 -30.59 33.21 23.68
CA LEU E 84 -30.81 33.87 22.41
C LEU E 84 -31.23 35.32 22.60
N PHE E 85 -31.87 35.64 23.72
CA PHE E 85 -32.19 37.03 24.02
C PHE E 85 -30.96 37.78 24.47
N GLU E 86 -29.96 37.08 25.02
CA GLU E 86 -28.72 37.73 25.45
C GLU E 86 -27.87 38.21 24.28
N ILE E 87 -28.11 37.69 23.09
CA ILE E 87 -27.26 37.97 21.94
C ILE E 87 -27.93 38.98 21.02
N TYR E 88 -29.12 38.65 20.53
CA TYR E 88 -29.71 39.32 19.38
C TYR E 88 -30.64 40.46 19.75
N CYS E 89 -30.81 40.78 21.03
CA CYS E 89 -31.88 41.68 21.43
C CYS E 89 -31.49 42.80 22.39
N ILE E 90 -30.37 42.69 23.11
CA ILE E 90 -30.04 43.70 24.12
C ILE E 90 -29.55 44.99 23.45
N SER E 91 -29.12 44.91 22.19
CA SER E 91 -28.57 46.07 21.50
C SER E 91 -29.60 47.17 21.27
N CYS E 92 -30.89 46.83 21.21
CA CYS E 92 -31.94 47.84 21.18
C CYS E 92 -32.85 47.76 22.39
N HIS E 93 -33.48 46.61 22.62
CA HIS E 93 -34.37 46.44 23.76
C HIS E 93 -33.56 46.21 25.02
N GLY E 94 -34.21 46.36 26.17
CA GLY E 94 -33.53 46.16 27.43
C GLY E 94 -33.34 44.69 27.78
N ALA E 95 -32.40 44.44 28.68
CA ALA E 95 -32.14 43.06 29.09
C ALA E 95 -33.13 42.61 30.16
N ALA E 96 -33.12 43.25 31.31
CA ALA E 96 -34.16 43.02 32.31
C ALA E 96 -35.27 44.06 32.19
N GLY E 97 -34.91 45.32 31.96
CA GLY E 97 -35.86 46.35 31.65
C GLY E 97 -36.34 46.26 30.22
N ASN E 98 -37.13 47.26 29.83
CA ASN E 98 -37.69 47.32 28.49
C ASN E 98 -37.36 48.67 27.88
N GLY E 99 -36.66 48.67 26.75
CA GLY E 99 -36.35 49.87 26.02
C GLY E 99 -35.07 50.58 26.42
N LYS E 100 -34.44 50.17 27.53
CA LYS E 100 -33.25 50.88 27.98
C LYS E 100 -31.99 50.46 27.23
N GLY E 101 -31.84 49.17 26.96
CA GLY E 101 -30.83 48.62 26.05
C GLY E 101 -29.39 49.02 26.30
N LYS E 102 -28.66 49.22 25.21
CA LYS E 102 -27.32 49.79 25.24
C LYS E 102 -27.15 51.02 24.38
N LEU E 103 -28.14 51.35 23.55
CA LEU E 103 -27.95 52.33 22.49
C LEU E 103 -28.91 53.52 22.55
N VAL E 104 -29.81 53.59 23.53
CA VAL E 104 -30.50 54.85 23.78
C VAL E 104 -29.83 55.63 24.89
N GLU E 105 -28.88 55.02 25.60
CA GLU E 105 -27.98 55.78 26.46
C GLU E 105 -27.00 56.58 25.63
N ARG E 106 -26.42 55.97 24.60
CA ARG E 106 -25.44 56.58 23.74
C ARG E 106 -26.07 57.51 22.70
N GLU E 107 -27.40 57.44 22.54
CA GLU E 107 -28.19 58.30 21.64
C GLU E 107 -27.74 58.17 20.19
N LYS E 108 -27.64 56.94 19.71
CA LYS E 108 -27.30 56.71 18.31
C LYS E 108 -28.53 56.72 17.42
N PHE E 109 -29.58 56.02 17.84
CA PHE E 109 -30.89 56.18 17.20
C PHE E 109 -31.96 55.97 18.24
N LEU E 110 -33.04 56.74 18.13
CA LEU E 110 -34.09 56.79 19.13
C LEU E 110 -35.33 56.05 18.63
N GLY E 111 -36.30 55.92 19.53
CA GLY E 111 -37.59 55.33 19.19
C GLY E 111 -37.70 53.86 19.45
N VAL E 112 -37.35 53.43 20.67
CA VAL E 112 -37.53 52.05 21.11
C VAL E 112 -38.46 52.06 22.31
N PRO E 113 -39.64 51.47 22.20
CA PRO E 113 -40.60 51.50 23.31
C PRO E 113 -40.38 50.39 24.32
N SER E 114 -41.21 50.39 25.35
CA SER E 114 -41.14 49.38 26.40
C SER E 114 -42.04 48.21 26.03
N TYR E 115 -42.29 47.32 26.98
CA TYR E 115 -43.20 46.21 26.79
C TYR E 115 -44.48 46.35 27.62
N LYS E 116 -44.56 47.36 28.48
CA LYS E 116 -45.83 47.67 29.13
C LYS E 116 -46.80 48.36 28.17
N ASP E 117 -46.26 49.10 27.20
CA ASP E 117 -47.09 49.99 26.39
C ASP E 117 -47.89 49.24 25.33
N ARG E 118 -47.30 48.21 24.72
CA ARG E 118 -47.91 47.51 23.60
C ARG E 118 -48.24 46.09 24.02
N GLU E 119 -49.51 45.70 23.87
CA GLU E 119 -49.93 44.36 24.21
C GLU E 119 -49.63 43.41 23.06
N ILE E 120 -48.84 42.38 23.35
CA ILE E 120 -48.31 41.47 22.34
C ILE E 120 -48.62 40.05 22.77
N THR E 121 -49.18 39.26 21.86
CA THR E 121 -49.42 37.85 22.12
C THR E 121 -48.21 37.02 21.69
N GLU E 122 -48.28 35.71 21.97
CA GLU E 122 -47.17 34.81 21.63
C GLU E 122 -47.08 34.53 20.13
N GLY E 123 -48.08 34.91 19.35
CA GLY E 123 -48.01 34.75 17.91
C GLY E 123 -47.69 36.05 17.21
N SER E 124 -47.77 37.16 17.96
CA SER E 124 -47.45 38.47 17.40
C SER E 124 -45.97 38.80 17.52
N ILE E 125 -45.22 38.10 18.37
CA ILE E 125 -43.77 38.21 18.34
C ILE E 125 -43.23 37.56 17.08
N PHE E 126 -43.72 36.36 16.77
CA PHE E 126 -43.19 35.56 15.66
C PHE E 126 -43.44 36.22 14.32
N HIS E 127 -44.50 37.02 14.20
CA HIS E 127 -44.72 37.73 12.94
C HIS E 127 -43.80 38.94 12.81
N VAL E 128 -43.45 39.58 13.92
CA VAL E 128 -42.53 40.71 13.88
C VAL E 128 -41.09 40.24 13.78
N GLU E 129 -40.76 39.11 14.44
CA GLU E 129 -39.39 38.61 14.47
C GLU E 129 -38.95 38.06 13.12
N THR E 130 -39.88 37.75 12.21
CA THR E 130 -39.54 37.34 10.86
C THR E 130 -39.58 38.46 9.84
N TYR E 131 -40.34 39.53 10.10
CA TYR E 131 -40.54 40.59 9.12
C TYR E 131 -40.06 41.95 9.59
N GLY E 132 -40.32 42.31 10.86
CA GLY E 132 -39.96 43.62 11.35
C GLY E 132 -41.06 44.64 11.16
N LEU E 133 -41.25 45.53 12.12
CA LEU E 133 -42.31 46.53 12.07
C LEU E 133 -41.65 47.89 11.96
N ASN E 134 -41.30 48.26 10.72
CA ASN E 134 -40.93 49.60 10.25
C ASN E 134 -39.57 50.11 10.73
N ALA E 135 -38.96 49.45 11.71
CA ALA E 135 -37.59 49.79 12.07
C ALA E 135 -36.77 48.57 12.44
N MET E 136 -37.38 47.40 12.49
CA MET E 136 -36.63 46.16 12.64
C MET E 136 -36.37 45.54 11.27
N GLY E 137 -35.65 44.42 11.29
CA GLY E 137 -35.34 43.69 10.09
C GLY E 137 -35.65 42.22 10.28
N SER E 138 -35.59 41.50 9.17
CA SER E 138 -35.85 40.06 9.17
C SER E 138 -34.72 39.35 9.89
N HIS E 139 -34.97 38.89 11.10
CA HIS E 139 -34.03 38.07 11.84
C HIS E 139 -34.17 36.59 11.50
N ALA E 140 -34.87 36.25 10.42
CA ALA E 140 -34.96 34.88 9.97
C ALA E 140 -33.64 34.39 9.38
N ASN E 141 -32.79 35.31 8.93
CA ASN E 141 -31.49 34.96 8.41
C ASN E 141 -30.54 34.49 9.51
N GLN E 142 -30.80 34.87 10.75
CA GLN E 142 -29.93 34.58 11.88
C GLN E 142 -30.44 33.44 12.75
N LEU E 143 -31.72 33.47 13.11
CA LEU E 143 -32.33 32.44 13.94
C LEU E 143 -33.12 31.46 13.06
N SER E 144 -33.34 30.27 13.59
CA SER E 144 -34.08 29.22 12.90
C SER E 144 -35.47 29.08 13.46
N ALA E 145 -36.34 28.39 12.70
CA ALA E 145 -37.77 28.32 12.99
C ALA E 145 -38.08 27.62 14.30
N HIS E 146 -37.20 26.74 14.78
CA HIS E 146 -37.36 26.18 16.11
C HIS E 146 -36.97 27.18 17.19
N GLU E 147 -36.14 28.16 16.86
CA GLU E 147 -35.55 29.03 17.85
C GLU E 147 -36.27 30.36 18.02
N ARG E 148 -37.09 30.78 17.04
CA ARG E 148 -37.91 31.96 17.25
C ARG E 148 -38.99 31.72 18.30
N TRP E 149 -39.44 30.47 18.44
CA TRP E 149 -40.42 30.17 19.47
C TRP E 149 -39.81 30.11 20.85
N LEU E 150 -38.51 29.79 20.95
CA LEU E 150 -37.84 29.80 22.23
C LEU E 150 -37.65 31.23 22.75
N VAL E 151 -37.50 32.18 21.85
CA VAL E 151 -37.40 33.58 22.25
C VAL E 151 -38.75 34.11 22.68
N ALA E 152 -39.83 33.69 22.01
CA ALA E 152 -41.15 34.26 22.25
C ALA E 152 -41.70 33.90 23.62
N ASP E 153 -41.32 32.73 24.15
CA ASP E 153 -41.73 32.38 25.51
C ASP E 153 -40.97 33.20 26.54
N TYR E 154 -39.73 33.59 26.23
CA TYR E 154 -38.93 34.36 27.18
C TYR E 154 -39.37 35.81 27.24
N VAL E 155 -39.88 36.36 26.12
CA VAL E 155 -40.33 37.74 26.10
C VAL E 155 -41.62 37.89 26.90
N LEU E 156 -42.50 36.87 26.85
CA LEU E 156 -43.70 36.88 27.67
C LEU E 156 -43.38 36.83 29.15
N LYS E 157 -42.30 36.16 29.53
CA LYS E 157 -41.88 36.18 30.93
C LYS E 157 -41.28 37.51 31.33
N LEU E 158 -40.79 38.29 30.37
CA LEU E 158 -40.26 39.62 30.68
C LEU E 158 -41.36 40.65 30.84
N LYS E 159 -42.48 40.50 30.13
CA LYS E 159 -43.59 41.42 30.29
C LYS E 159 -44.30 41.21 31.63
N SER E 160 -44.37 39.96 32.08
CA SER E 160 -45.08 39.64 33.32
C SER E 160 -44.34 40.16 34.54
N GLN E 161 -43.01 40.28 34.47
CA GLN E 161 -42.26 40.85 35.58
C GLN E 161 -42.34 42.37 35.61
N LEU E 162 -42.65 43.01 34.49
CA LEU E 162 -42.85 44.46 34.47
C LEU E 162 -44.18 44.83 35.10
N MET F 1 57.47 -37.63 22.85
CA MET F 1 56.12 -38.17 23.01
C MET F 1 55.37 -37.45 24.11
N TYR F 2 54.20 -37.98 24.46
CA TYR F 2 53.39 -37.44 25.54
C TYR F 2 53.24 -38.46 26.65
N THR F 3 53.71 -38.10 27.84
CA THR F 3 53.57 -38.98 28.99
C THR F 3 52.25 -38.70 29.66
N PHE F 4 51.46 -39.75 29.82
CA PHE F 4 50.17 -39.61 30.46
C PHE F 4 50.33 -39.27 31.94
N SER F 5 49.46 -38.38 32.44
CA SER F 5 49.54 -37.82 33.79
C SER F 5 49.54 -38.83 34.93
N SER F 6 48.94 -40.01 34.70
CA SER F 6 48.75 -41.05 35.71
C SER F 6 47.83 -40.60 36.82
N LYS F 7 46.99 -39.59 36.54
CA LYS F 7 46.02 -39.06 37.48
C LYS F 7 44.70 -38.80 36.77
N LEU F 8 44.79 -38.32 35.53
CA LEU F 8 43.60 -38.07 34.73
C LEU F 8 42.85 -39.36 34.46
N LYS F 9 43.55 -40.49 34.45
CA LYS F 9 42.89 -41.77 34.27
C LYS F 9 41.83 -41.98 35.32
N THR F 10 42.23 -41.90 36.59
CA THR F 10 41.30 -42.13 37.68
C THR F 10 40.29 -41.01 37.77
N PHE F 11 40.69 -39.81 37.38
CA PHE F 11 39.76 -38.68 37.36
C PHE F 11 38.63 -38.94 36.39
N SER F 12 38.96 -39.35 35.17
CA SER F 12 37.97 -39.64 34.16
C SER F 12 37.14 -40.86 34.53
N ILE F 13 37.75 -41.82 35.23
CA ILE F 13 37.01 -42.97 35.72
C ILE F 13 35.94 -42.56 36.69
N ILE F 14 36.29 -41.67 37.62
CA ILE F 14 35.31 -41.17 38.58
C ILE F 14 34.14 -40.54 37.85
N LEU F 15 34.43 -39.70 36.86
CA LEU F 15 33.37 -39.06 36.09
C LEU F 15 32.51 -40.07 35.34
N MET F 16 33.13 -41.11 34.80
CA MET F 16 32.39 -42.15 34.08
C MET F 16 31.66 -43.12 34.99
N VAL F 17 31.84 -43.03 36.30
CA VAL F 17 31.11 -43.87 37.23
C VAL F 17 30.01 -43.10 37.89
N LEU F 18 30.33 -41.93 38.44
CA LEU F 18 29.32 -41.12 39.08
C LEU F 18 28.27 -40.66 38.08
N GLY F 19 28.71 -40.29 36.88
CA GLY F 19 27.78 -39.89 35.85
C GLY F 19 26.89 -41.04 35.44
N LEU F 20 27.50 -42.21 35.27
CA LEU F 20 26.77 -43.41 34.88
C LEU F 20 25.72 -43.79 35.92
N LEU F 21 26.10 -43.75 37.19
CA LEU F 21 25.18 -44.08 38.27
C LEU F 21 24.02 -43.11 38.30
N GLY F 22 24.30 -41.83 38.07
CA GLY F 22 23.26 -40.82 38.04
C GLY F 22 22.28 -41.05 36.90
N ILE F 23 22.80 -41.51 35.76
CA ILE F 23 21.95 -41.85 34.62
C ILE F 23 21.00 -42.96 34.99
N GLY F 24 21.52 -44.02 35.61
CA GLY F 24 20.69 -45.13 36.05
C GLY F 24 19.60 -44.68 37.01
N TYR F 25 19.97 -43.80 37.95
CA TYR F 25 19.01 -43.22 38.89
C TYR F 25 17.89 -42.50 38.17
N GLY F 26 18.24 -41.69 37.16
CA GLY F 26 17.26 -40.95 36.39
C GLY F 26 16.18 -41.81 35.77
N PHE F 27 16.49 -43.05 35.42
CA PHE F 27 15.49 -43.95 34.85
C PHE F 27 14.70 -44.75 35.88
N LEU F 28 14.84 -44.43 37.17
CA LEU F 28 14.10 -45.11 38.22
C LEU F 28 13.02 -44.22 38.82
N SER F 29 12.72 -43.09 38.17
CA SER F 29 11.78 -42.13 38.68
C SER F 29 11.21 -41.27 37.55
N THR F 92 -8.09 -38.24 32.97
CA THR F 92 -8.64 -38.49 31.65
C THR F 92 -7.59 -38.33 30.54
N GLU F 93 -7.49 -37.16 29.92
CA GLU F 93 -6.50 -36.93 28.88
C GLU F 93 -5.39 -36.00 29.32
N HIS F 94 -5.51 -35.45 30.52
CA HIS F 94 -4.50 -34.54 31.05
C HIS F 94 -3.20 -35.27 31.31
N LEU F 95 -3.30 -36.37 32.07
CA LEU F 95 -2.15 -37.17 32.42
C LEU F 95 -1.58 -37.89 31.22
N ASN F 96 -2.37 -38.10 30.18
CA ASN F 96 -1.82 -38.71 28.98
C ASN F 96 -0.79 -37.80 28.32
N HIS F 97 -0.88 -36.51 28.58
CA HIS F 97 0.12 -35.57 28.11
C HIS F 97 1.27 -35.56 29.09
N VAL F 98 0.96 -35.23 30.34
CA VAL F 98 1.94 -35.06 31.42
C VAL F 98 2.86 -36.25 31.60
N LEU F 99 2.30 -37.45 31.59
CA LEU F 99 3.11 -38.63 31.83
C LEU F 99 4.13 -38.86 30.73
N HIS F 100 3.85 -38.41 29.51
CA HIS F 100 4.84 -38.55 28.46
C HIS F 100 5.94 -37.53 28.66
N GLN F 101 5.57 -36.35 29.13
CA GLN F 101 6.57 -35.34 29.43
C GLN F 101 7.50 -35.82 30.52
N LEU F 102 6.96 -36.52 31.50
CA LEU F 102 7.78 -37.03 32.58
C LEU F 102 8.66 -38.18 32.13
N GLN F 103 8.13 -39.10 31.33
CA GLN F 103 8.92 -40.25 30.87
C GLN F 103 10.03 -39.86 29.92
N ASN F 104 9.87 -38.75 29.20
CA ASN F 104 10.92 -38.31 28.29
C ASN F 104 12.09 -37.63 28.97
N LYS F 105 11.95 -37.22 30.23
CA LYS F 105 13.01 -36.45 30.89
C LYS F 105 14.39 -37.10 30.92
N PRO F 106 14.56 -38.38 31.34
CA PRO F 106 15.87 -39.04 31.37
C PRO F 106 16.35 -39.47 30.00
N TRP F 107 15.50 -39.38 28.98
CA TRP F 107 15.90 -39.75 27.65
C TRP F 107 16.51 -38.59 26.90
N SER F 108 15.82 -37.44 26.89
CA SER F 108 16.39 -36.30 26.19
C SER F 108 17.59 -35.75 26.96
N ALA F 109 17.71 -36.08 28.25
CA ALA F 109 18.90 -35.75 29.03
C ALA F 109 20.14 -36.42 28.48
N LEU F 110 19.99 -37.56 27.81
CA LEU F 110 21.12 -38.26 27.21
C LEU F 110 21.34 -37.80 25.79
N TYR F 111 20.25 -37.60 25.05
CA TYR F 111 20.34 -37.20 23.66
C TYR F 111 21.10 -35.91 23.50
N VAL F 112 20.75 -34.91 24.31
CA VAL F 112 21.42 -33.61 24.22
C VAL F 112 22.90 -33.70 24.57
N ALA F 113 23.27 -34.63 25.45
CA ALA F 113 24.66 -34.75 25.86
C ALA F 113 25.47 -35.35 24.72
N CYS F 114 24.92 -36.37 24.07
CA CYS F 114 25.62 -37.04 22.99
C CYS F 114 25.78 -36.14 21.79
N ILE F 115 24.70 -35.48 21.38
CA ILE F 115 24.82 -34.64 20.18
C ILE F 115 25.74 -33.45 20.45
N PHE F 116 25.82 -33.00 21.71
CA PHE F 116 26.71 -31.89 22.04
C PHE F 116 28.16 -32.27 21.79
N PHE F 117 28.60 -33.40 22.36
CA PHE F 117 29.99 -33.81 22.19
C PHE F 117 30.27 -34.35 20.80
N LEU F 118 29.28 -34.94 20.14
CA LEU F 118 29.45 -35.41 18.78
C LEU F 118 29.80 -34.26 17.87
N LEU F 119 29.00 -33.20 17.94
CA LEU F 119 29.22 -32.05 17.10
C LEU F 119 30.44 -31.25 17.55
N LEU F 120 30.76 -31.29 18.86
CA LEU F 120 31.98 -30.66 19.36
C LEU F 120 33.19 -31.17 18.61
N SER F 121 33.27 -32.49 18.44
CA SER F 121 34.36 -33.10 17.68
C SER F 121 34.35 -32.65 16.23
N MET F 122 33.16 -32.58 15.62
CA MET F 122 33.05 -32.15 14.24
C MET F 122 33.48 -30.70 14.06
N GLY F 123 33.30 -29.87 15.07
CA GLY F 123 33.73 -28.49 15.02
C GLY F 123 35.24 -28.34 14.94
N VAL F 124 35.98 -29.39 15.32
CA VAL F 124 37.43 -29.37 15.22
C VAL F 124 37.87 -29.85 13.87
N LEU F 125 37.26 -30.94 13.37
CA LEU F 125 37.63 -31.44 12.04
C LEU F 125 37.36 -30.44 10.94
N ALA F 126 36.26 -29.70 11.05
CA ALA F 126 35.97 -28.68 10.05
C ALA F 126 37.09 -27.66 10.00
N PHE F 127 37.54 -27.22 11.18
CA PHE F 127 38.62 -26.25 11.29
C PHE F 127 39.93 -26.84 10.79
N TYR F 128 40.19 -28.09 11.16
CA TYR F 128 41.39 -28.81 10.75
C TYR F 128 41.54 -28.84 9.24
N ALA F 129 40.47 -29.25 8.56
CA ALA F 129 40.48 -29.31 7.11
C ALA F 129 40.71 -27.94 6.50
N ILE F 130 40.08 -26.92 7.09
CA ILE F 130 40.24 -25.54 6.60
C ILE F 130 41.67 -25.07 6.72
N GLN F 131 42.31 -25.32 7.85
CA GLN F 131 43.68 -24.84 8.07
C GLN F 131 44.66 -25.48 7.09
N GLN F 132 44.44 -26.74 6.74
CA GLN F 132 45.33 -27.37 5.78
C GLN F 132 45.06 -26.88 4.37
N VAL F 133 43.78 -26.72 3.99
CA VAL F 133 43.44 -26.23 2.66
C VAL F 133 43.90 -24.79 2.48
N ALA F 134 43.79 -23.98 3.52
CA ALA F 134 44.19 -22.58 3.46
C ALA F 134 45.70 -22.38 3.60
N GLN F 135 46.48 -23.45 3.76
CA GLN F 135 47.94 -23.36 3.88
C GLN F 135 48.38 -22.39 4.98
N ALA F 136 47.82 -22.56 6.18
CA ALA F 136 48.16 -21.69 7.30
C ALA F 136 49.62 -21.86 7.71
N GLY F 137 50.26 -20.75 8.07
CA GLY F 137 51.65 -20.77 8.47
C GLY F 137 51.88 -20.68 9.96
N TRP F 138 50.90 -21.08 10.75
CA TRP F 138 51.02 -21.05 12.20
C TRP F 138 50.35 -22.25 12.84
N SER F 139 49.52 -22.93 12.12
CA SER F 139 48.83 -24.13 12.58
C SER F 139 49.56 -25.47 12.68
N PRO F 140 50.58 -25.78 11.83
CA PRO F 140 51.31 -27.06 11.86
C PRO F 140 51.74 -27.55 13.23
N VAL F 141 52.21 -26.65 14.09
CA VAL F 141 52.64 -27.06 15.43
C VAL F 141 51.48 -27.52 16.33
N LEU F 142 50.24 -27.17 15.98
CA LEU F 142 49.10 -27.55 16.79
C LEU F 142 48.29 -28.68 16.18
N PHE F 143 48.72 -29.23 15.03
CA PHE F 143 47.92 -30.26 14.37
C PHE F 143 47.87 -31.55 15.16
N ARG F 144 48.92 -31.88 15.89
CA ARG F 144 48.91 -33.12 16.65
C ARG F 144 47.91 -33.08 17.78
N VAL F 145 47.74 -31.90 18.38
CA VAL F 145 46.75 -31.74 19.43
C VAL F 145 45.37 -31.90 18.87
N MET F 146 45.13 -31.28 17.72
CA MET F 146 43.83 -31.36 17.06
C MET F 146 43.50 -32.78 16.66
N GLN F 147 44.50 -33.53 16.20
CA GLN F 147 44.32 -34.94 15.86
C GLN F 147 43.99 -35.74 17.11
N GLY F 148 44.63 -35.41 18.23
CA GLY F 148 44.33 -36.07 19.49
C GLY F 148 42.92 -35.79 19.96
N ILE F 149 42.45 -34.55 19.78
CA ILE F 149 41.08 -34.19 20.18
C ILE F 149 40.07 -34.95 19.36
N THR F 150 40.23 -34.96 18.03
CA THR F 150 39.30 -35.65 17.13
C THR F 150 39.47 -37.17 17.10
N ALA F 151 39.62 -37.78 18.28
CA ALA F 151 39.67 -39.21 18.46
C ALA F 151 38.39 -39.65 19.12
N TYR F 152 37.65 -38.69 19.66
CA TYR F 152 36.38 -38.97 20.30
C TYR F 152 35.35 -39.40 19.29
N LEU F 153 35.25 -38.66 18.16
CA LEU F 153 34.27 -38.88 17.09
C LEU F 153 34.00 -40.35 16.70
N PRO F 154 35.01 -41.19 16.38
CA PRO F 154 34.80 -42.61 16.04
C PRO F 154 34.26 -43.48 17.16
N ALA F 155 34.15 -42.95 18.37
CA ALA F 155 33.55 -43.68 19.47
C ALA F 155 32.22 -43.07 19.86
N GLY F 156 32.20 -41.73 19.98
CA GLY F 156 31.00 -41.01 20.33
C GLY F 156 29.88 -41.20 19.32
N SER F 157 30.25 -41.28 18.04
CA SER F 157 29.28 -41.51 16.98
C SER F 157 28.62 -42.88 17.06
N ILE F 158 29.28 -43.85 17.70
CA ILE F 158 28.68 -45.17 17.87
C ILE F 158 27.53 -45.08 18.84
N ILE F 159 27.79 -44.44 19.98
CA ILE F 159 26.79 -44.29 21.03
C ILE F 159 25.59 -43.53 20.52
N PHE F 160 25.84 -42.41 19.85
CA PHE F 160 24.78 -41.58 19.31
C PHE F 160 23.91 -42.37 18.34
N PHE F 161 24.54 -43.11 17.44
CA PHE F 161 23.80 -43.91 16.47
C PHE F 161 22.91 -44.94 17.15
N ILE F 162 23.43 -45.59 18.20
CA ILE F 162 22.63 -46.56 18.97
C ILE F 162 21.38 -45.91 19.52
N ILE F 163 21.50 -44.70 20.05
CA ILE F 163 20.34 -43.98 20.58
C ILE F 163 19.29 -43.81 19.49
N LEU F 164 19.72 -43.45 18.28
CA LEU F 164 18.78 -43.26 17.18
C LEU F 164 18.03 -44.54 16.89
N VAL F 165 18.73 -45.67 16.99
CA VAL F 165 18.13 -46.98 16.79
C VAL F 165 17.10 -47.28 17.88
N LEU F 166 17.42 -46.95 19.12
CA LEU F 166 16.50 -47.19 20.23
C LEU F 166 15.20 -46.44 20.06
N CYS F 167 15.26 -45.24 19.46
CA CYS F 167 14.04 -44.51 19.14
C CYS F 167 13.24 -45.26 18.10
N GLY F 168 13.94 -45.78 17.09
CA GLY F 168 13.29 -46.54 16.05
C GLY F 168 12.64 -47.82 16.53
N LEU F 169 13.18 -48.41 17.58
CA LEU F 169 12.63 -49.62 18.15
C LEU F 169 11.60 -49.37 19.24
N HIS F 170 11.14 -48.13 19.37
CA HIS F 170 10.07 -47.74 20.29
C HIS F 170 10.41 -47.95 21.76
N PHE F 171 11.61 -47.56 22.18
CA PHE F 171 11.93 -47.64 23.60
C PHE F 171 11.73 -46.31 24.30
N ASN F 172 11.22 -45.33 23.58
CA ASN F 172 11.02 -44.00 24.14
C ASN F 172 10.02 -43.23 23.30
N HIS F 173 9.76 -42.01 23.70
CA HIS F 173 8.88 -41.14 22.97
C HIS F 173 9.58 -39.84 22.68
N ILE F 174 10.84 -39.93 22.26
CA ILE F 174 11.65 -38.75 21.97
C ILE F 174 11.12 -38.02 20.75
N PHE F 175 10.81 -38.75 19.68
CA PHE F 175 10.29 -38.10 18.47
C PHE F 175 8.81 -38.42 18.29
N VAL F 176 8.08 -37.45 17.76
CA VAL F 176 6.64 -37.56 17.59
C VAL F 176 6.27 -38.46 16.42
N TRP F 177 6.85 -38.17 15.27
CA TRP F 177 6.55 -38.86 14.03
C TRP F 177 7.03 -40.31 14.00
N LEU F 178 7.86 -40.72 14.97
CA LEU F 178 8.23 -42.12 15.09
C LEU F 178 7.22 -42.92 15.90
N GLY F 179 6.17 -42.26 16.43
CA GLY F 179 5.16 -42.96 17.20
C GLY F 179 4.29 -43.81 16.29
N GLU F 180 3.43 -44.62 16.90
CA GLU F 180 2.60 -45.54 16.13
C GLU F 180 1.20 -44.97 15.90
N GLY F 181 0.66 -45.26 14.71
CA GLY F 181 -0.68 -44.82 14.36
C GLY F 181 -0.75 -43.41 13.81
N VAL F 182 0.40 -42.79 13.58
CA VAL F 182 0.44 -41.40 13.09
C VAL F 182 0.09 -41.33 11.61
N THR F 183 0.68 -42.24 10.82
CA THR F 183 0.48 -42.23 9.37
C THR F 183 -0.91 -42.73 8.98
N ASP F 184 -1.36 -43.83 9.57
CA ASP F 184 -2.63 -44.42 9.18
C ASP F 184 -3.83 -43.57 9.62
N PRO F 185 -4.83 -43.42 8.73
CA PRO F 185 -6.09 -42.68 8.96
C PRO F 185 -7.05 -43.44 9.84
N LYS F 186 -6.81 -44.72 10.02
CA LYS F 186 -7.65 -45.59 10.86
C LYS F 186 -7.16 -45.62 12.29
N SER F 187 -6.85 -44.45 12.86
CA SER F 187 -6.29 -44.39 14.20
C SER F 187 -6.56 -43.04 14.86
N PRO F 188 -6.79 -43.04 16.18
CA PRO F 188 -6.95 -41.84 17.00
C PRO F 188 -5.68 -41.03 17.10
N ASN F 189 -4.54 -41.62 16.71
CA ASN F 189 -3.28 -40.91 16.69
C ASN F 189 -2.95 -40.34 15.32
N TYR F 190 -3.88 -40.44 14.37
CA TYR F 190 -3.64 -39.96 13.02
C TYR F 190 -3.38 -38.47 12.95
N ASP F 191 -2.29 -38.13 12.31
CA ASP F 191 -1.91 -36.73 12.10
C ASP F 191 -1.58 -36.55 10.62
N ALA F 192 -2.52 -35.92 9.92
CA ALA F 192 -2.40 -35.71 8.48
C ALA F 192 -1.20 -34.87 8.09
N ILE F 193 -0.86 -33.87 8.90
CA ILE F 193 0.29 -33.00 8.60
C ILE F 193 1.57 -33.80 8.63
N ILE F 194 1.76 -34.59 9.68
CA ILE F 194 2.95 -35.41 9.76
C ILE F 194 2.96 -36.47 8.67
N ALA F 195 1.81 -37.11 8.44
CA ALA F 195 1.70 -38.15 7.42
C ALA F 195 2.10 -37.62 6.04
N GLY F 196 1.74 -36.37 5.74
CA GLY F 196 2.11 -35.76 4.48
C GLY F 196 3.59 -35.51 4.32
N LYS F 197 4.36 -35.56 5.40
CA LYS F 197 5.80 -35.37 5.36
C LYS F 197 6.55 -36.69 5.44
N SER F 198 5.81 -37.81 5.40
CA SER F 198 6.40 -39.14 5.56
C SER F 198 7.33 -39.54 4.44
N GLY F 199 7.28 -38.86 3.29
CA GLY F 199 8.23 -39.15 2.23
C GLY F 199 9.66 -38.80 2.61
N TYR F 200 9.82 -37.98 3.64
CA TYR F 200 11.11 -37.59 4.18
C TYR F 200 11.32 -38.21 5.55
N LEU F 201 10.25 -38.26 6.34
CA LEU F 201 10.30 -38.77 7.69
C LEU F 201 10.19 -40.30 7.78
N ASN F 202 10.04 -41.00 6.65
CA ASN F 202 10.00 -42.46 6.67
C ASN F 202 11.22 -43.02 7.40
N PHE F 203 10.95 -43.73 8.49
CA PHE F 203 11.97 -44.23 9.41
C PHE F 203 13.21 -44.91 8.81
N PRO F 204 13.10 -45.93 7.93
CA PRO F 204 14.28 -46.59 7.35
C PRO F 204 15.11 -45.66 6.50
N PHE F 205 14.51 -44.61 5.97
CA PHE F 205 15.26 -43.66 5.18
C PHE F 205 16.04 -42.77 6.10
N TRP F 206 15.42 -42.41 7.21
CA TRP F 206 16.05 -41.60 8.24
C TRP F 206 17.27 -42.28 8.82
N ILE F 207 17.20 -43.59 9.08
CA ILE F 207 18.36 -44.30 9.62
C ILE F 207 19.49 -44.39 8.61
N VAL F 208 19.19 -44.76 7.36
CA VAL F 208 20.25 -44.89 6.38
C VAL F 208 20.90 -43.55 6.09
N ARG F 209 20.08 -42.52 5.96
CA ARG F 209 20.59 -41.19 5.68
C ARG F 209 21.46 -40.69 6.82
N ALA F 210 21.07 -40.97 8.06
CA ALA F 210 21.89 -40.61 9.20
C ALA F 210 23.19 -41.41 9.22
N PHE F 211 23.08 -42.70 8.95
CA PHE F 211 24.22 -43.62 8.99
C PHE F 211 25.37 -43.19 8.09
N ILE F 212 25.06 -42.91 6.82
CA ILE F 212 26.11 -42.54 5.88
C ILE F 212 26.77 -41.20 6.18
N PHE F 213 26.19 -40.40 7.06
CA PHE F 213 26.83 -39.14 7.42
C PHE F 213 27.93 -39.41 8.40
N LEU F 214 27.80 -40.48 9.16
CA LEU F 214 28.80 -40.79 10.14
C LEU F 214 30.02 -41.38 9.45
N LEU F 215 29.79 -42.24 8.45
CA LEU F 215 30.90 -42.78 7.68
C LEU F 215 31.63 -41.69 6.94
N GLY F 216 30.89 -40.72 6.42
CA GLY F 216 31.49 -39.61 5.70
C GLY F 216 32.37 -38.71 6.56
N TRP F 217 32.28 -38.83 7.87
CA TRP F 217 33.11 -38.04 8.75
C TRP F 217 34.25 -38.87 9.32
N ASN F 218 33.93 -40.12 9.70
CA ASN F 218 34.90 -41.03 10.30
C ASN F 218 35.99 -41.45 9.32
N ILE F 219 35.62 -41.67 8.06
CA ILE F 219 36.60 -42.06 7.04
C ILE F 219 37.63 -40.98 6.85
N TYR F 220 37.17 -39.73 6.77
CA TYR F 220 38.06 -38.59 6.63
C TYR F 220 39.06 -38.53 7.76
N ARG F 221 38.55 -38.63 9.00
CA ARG F 221 39.40 -38.59 10.18
C ARG F 221 40.49 -39.65 10.11
N HIS F 222 40.10 -40.87 9.77
CA HIS F 222 41.02 -42.00 9.73
C HIS F 222 42.16 -41.79 8.76
N PHE F 223 41.83 -41.46 7.51
CA PHE F 223 42.88 -41.33 6.51
C PHE F 223 43.68 -40.07 6.64
N SER F 224 43.12 -39.03 7.24
CA SER F 224 43.89 -37.82 7.45
C SER F 224 45.10 -38.11 8.33
N ARG F 225 44.86 -38.83 9.42
CA ARG F 225 45.94 -39.20 10.32
C ARG F 225 46.92 -40.15 9.66
N LYS F 226 46.40 -41.17 9.00
CA LYS F 226 47.22 -42.18 8.35
C LYS F 226 48.19 -41.58 7.34
N ASN F 227 47.68 -40.71 6.48
CA ASN F 227 48.53 -40.09 5.47
C ASN F 227 49.53 -39.14 6.07
N CYS F 228 49.15 -38.46 7.16
CA CYS F 228 50.07 -37.55 7.83
C CYS F 228 51.28 -38.30 8.33
N LEU F 229 51.05 -39.42 9.00
CA LEU F 229 52.12 -40.25 9.50
C LEU F 229 52.98 -40.79 8.38
N ALA F 230 52.36 -41.09 7.24
CA ALA F 230 53.13 -41.52 6.08
C ALA F 230 54.03 -40.40 5.59
N GLN F 231 53.53 -39.16 5.60
CA GLN F 231 54.32 -38.00 5.17
C GLN F 231 55.52 -37.79 6.07
N ASP F 232 55.37 -38.09 7.36
CA ASP F 232 56.47 -37.97 8.33
C ASP F 232 57.60 -38.94 8.05
N GLU F 233 57.35 -40.00 7.30
CA GLU F 233 58.34 -41.02 7.04
C GLU F 233 58.56 -41.18 5.54
N ALA F 234 58.87 -40.07 4.87
CA ALA F 234 59.07 -40.08 3.43
C ALA F 234 60.14 -39.07 3.05
N ASN F 235 60.80 -39.30 1.91
CA ASN F 235 61.84 -38.40 1.44
C ASN F 235 61.33 -37.43 0.38
N ASP F 236 60.05 -37.51 0.05
CA ASP F 236 59.42 -36.62 -0.91
C ASP F 236 58.10 -36.12 -0.32
N ASP F 237 57.20 -35.61 -1.16
CA ASP F 237 55.93 -35.23 -0.59
C ASP F 237 54.85 -36.27 -0.82
N LEU F 238 53.95 -36.05 -1.77
CA LEU F 238 52.88 -36.97 -2.18
C LEU F 238 51.79 -37.26 -1.14
N TYR F 239 52.04 -37.10 0.15
CA TYR F 239 50.99 -37.35 1.12
C TYR F 239 50.38 -36.03 1.53
N TYR F 240 51.23 -35.02 1.56
CA TYR F 240 50.76 -33.66 1.79
C TYR F 240 49.73 -33.28 0.74
N LYS F 241 50.08 -33.49 -0.53
CA LYS F 241 49.18 -33.15 -1.63
C LYS F 241 47.97 -34.06 -1.66
N LYS F 242 48.15 -35.32 -1.23
CA LYS F 242 47.04 -36.25 -1.14
C LYS F 242 46.01 -35.73 -0.16
N ASN F 243 46.48 -35.35 1.03
CA ASN F 243 45.59 -34.82 2.05
C ASN F 243 44.99 -33.50 1.65
N PHE F 244 45.75 -32.68 0.93
CA PHE F 244 45.22 -31.41 0.46
C PHE F 244 43.97 -31.64 -0.36
N LYS F 245 44.05 -32.58 -1.31
CA LYS F 245 42.92 -32.92 -2.16
C LYS F 245 41.77 -33.51 -1.36
N ILE F 246 42.09 -34.39 -0.41
CA ILE F 246 41.08 -35.05 0.42
C ILE F 246 40.31 -34.04 1.25
N SER F 247 41.03 -33.14 1.91
CA SER F 247 40.41 -32.13 2.76
C SER F 247 39.48 -31.24 1.97
N ALA F 248 39.87 -30.88 0.75
CA ALA F 248 38.99 -30.07 -0.08
C ALA F 248 37.69 -30.81 -0.36
N GLY F 249 37.80 -32.10 -0.69
CA GLY F 249 36.63 -32.92 -0.93
C GLY F 249 35.76 -33.03 0.30
N PHE F 250 36.39 -33.22 1.46
CA PHE F 250 35.69 -33.31 2.74
C PHE F 250 34.86 -32.09 3.01
N LEU F 251 35.44 -30.91 2.84
CA LEU F 251 34.70 -29.68 3.13
C LEU F 251 33.46 -29.54 2.27
N VAL F 252 33.53 -29.98 1.00
CA VAL F 252 32.33 -29.95 0.15
C VAL F 252 31.27 -30.88 0.71
N PHE F 253 31.68 -32.11 1.03
CA PHE F 253 30.79 -33.11 1.60
C PHE F 253 30.18 -32.61 2.89
N PHE F 254 31.04 -32.07 3.76
CA PHE F 254 30.66 -31.58 5.07
C PHE F 254 29.52 -30.61 4.99
N ILE F 255 29.63 -29.60 4.11
CA ILE F 255 28.59 -28.59 3.98
C ILE F 255 27.24 -29.21 3.65
N VAL F 256 27.22 -30.16 2.73
CA VAL F 256 25.98 -30.81 2.35
C VAL F 256 25.43 -31.65 3.50
N SER F 257 26.28 -32.46 4.12
CA SER F 257 25.83 -33.33 5.21
C SER F 257 25.40 -32.52 6.41
N GLU F 258 25.97 -31.32 6.59
CA GLU F 258 25.61 -30.42 7.68
C GLU F 258 24.18 -29.96 7.57
N SER F 259 23.78 -29.52 6.38
CA SER F 259 22.42 -29.03 6.18
C SER F 259 21.39 -30.10 6.47
N ILE F 260 21.62 -31.30 5.95
CA ILE F 260 20.66 -32.38 6.15
C ILE F 260 20.66 -32.83 7.58
N MET F 261 21.84 -32.94 8.18
CA MET F 261 22.00 -33.37 9.56
C MET F 261 21.10 -32.58 10.49
N ALA F 262 21.14 -31.26 10.38
CA ALA F 262 20.33 -30.42 11.26
C ALA F 262 18.85 -30.72 11.10
N TRP F 263 18.40 -30.94 9.87
CA TRP F 263 17.00 -31.26 9.62
C TRP F 263 16.60 -32.56 10.29
N ASP F 264 17.48 -33.56 10.23
CA ASP F 264 17.18 -34.89 10.75
C ASP F 264 17.38 -35.05 12.25
N TRP F 265 18.35 -34.38 12.84
CA TRP F 265 18.66 -34.63 14.25
C TRP F 265 18.18 -33.54 15.19
N ILE F 266 17.88 -32.35 14.70
CA ILE F 266 17.43 -31.27 15.57
C ILE F 266 16.02 -30.78 15.22
N MET F 267 15.77 -30.49 13.94
CA MET F 267 14.44 -29.99 13.59
C MET F 267 13.38 -31.07 13.61
N SER F 268 13.81 -32.32 13.62
CA SER F 268 12.92 -33.46 13.68
C SER F 268 12.23 -33.58 15.03
N PHE F 269 12.63 -32.80 16.03
CA PHE F 269 11.93 -32.78 17.30
C PHE F 269 10.59 -32.08 17.20
N ASP F 270 10.38 -31.28 16.17
CA ASP F 270 9.11 -30.60 15.99
C ASP F 270 8.71 -30.69 14.53
N PRO F 271 7.91 -31.70 14.17
CA PRO F 271 7.46 -31.97 12.80
C PRO F 271 6.42 -30.99 12.30
N HIS F 272 5.97 -30.08 13.15
CA HIS F 272 5.02 -29.05 12.77
C HIS F 272 5.68 -27.70 12.59
N TRP F 273 7.02 -27.66 12.56
CA TRP F 273 7.70 -26.39 12.43
C TRP F 273 8.85 -26.47 11.44
N PHE F 274 9.07 -25.38 10.72
CA PHE F 274 10.16 -25.29 9.75
C PHE F 274 10.73 -23.90 9.74
N SER F 275 11.93 -23.80 9.16
CA SER F 275 12.60 -22.53 9.04
C SER F 275 13.81 -22.65 8.16
N THR F 276 14.02 -21.63 7.35
CA THR F 276 15.24 -21.54 6.59
C THR F 276 16.29 -21.02 7.54
N LEU F 277 17.55 -21.06 7.12
CA LEU F 277 18.67 -20.60 7.95
C LEU F 277 18.74 -21.32 9.31
N PHE F 278 18.44 -22.59 9.32
CA PHE F 278 18.51 -23.28 10.59
C PHE F 278 19.86 -23.94 10.75
N ALA F 279 20.28 -24.65 9.71
CA ALA F 279 21.52 -25.41 9.72
C ALA F 279 22.74 -24.54 9.90
N TRP F 280 22.76 -23.35 9.30
CA TRP F 280 23.93 -22.48 9.45
C TRP F 280 24.02 -21.98 10.87
N TYR F 281 22.88 -21.72 11.48
CA TYR F 281 22.81 -21.36 12.89
C TYR F 281 23.39 -22.47 13.75
N VAL F 282 22.95 -23.71 13.49
CA VAL F 282 23.46 -24.87 14.20
C VAL F 282 24.94 -25.02 14.03
N PHE F 283 25.44 -24.84 12.79
CA PHE F 283 26.86 -24.94 12.53
C PHE F 283 27.66 -24.03 13.44
N ALA F 284 27.28 -22.76 13.48
CA ALA F 284 27.96 -21.79 14.32
C ALA F 284 27.90 -22.17 15.78
N SER F 285 26.79 -22.76 16.24
CA SER F 285 26.63 -23.10 17.65
C SER F 285 27.57 -24.18 18.13
N PHE F 286 28.22 -24.93 17.24
CA PHE F 286 29.19 -25.92 17.71
C PHE F 286 30.57 -25.63 17.23
N PHE F 287 30.68 -24.99 16.07
CA PHE F 287 31.99 -24.64 15.54
C PHE F 287 32.75 -23.77 16.51
N VAL F 288 32.06 -22.78 17.10
CA VAL F 288 32.67 -21.89 18.07
C VAL F 288 33.21 -22.66 19.26
N SER F 289 32.42 -23.58 19.78
CA SER F 289 32.84 -24.34 20.95
C SER F 289 34.01 -25.26 20.61
N GLY F 290 34.06 -25.74 19.36
CA GLY F 290 35.15 -26.59 18.93
C GLY F 290 36.48 -25.87 19.04
N ILE F 291 36.49 -24.60 18.64
CA ILE F 291 37.69 -23.78 18.70
C ILE F 291 38.17 -23.61 20.12
N THR F 292 37.24 -23.39 21.05
CA THR F 292 37.66 -23.19 22.43
C THR F 292 38.22 -24.45 23.04
N SER F 293 37.74 -25.61 22.61
CA SER F 293 38.28 -26.85 23.15
C SER F 293 39.70 -27.08 22.69
N ILE F 294 40.01 -26.60 21.48
CA ILE F 294 41.37 -26.70 20.97
C ILE F 294 42.31 -25.88 21.83
N ALA F 295 41.91 -24.64 22.10
CA ALA F 295 42.71 -23.73 22.89
C ALA F 295 42.97 -24.27 24.28
N LEU F 296 41.93 -24.79 24.93
CA LEU F 296 42.06 -25.27 26.30
C LEU F 296 43.02 -26.45 26.42
N ILE F 297 43.00 -27.36 25.46
CA ILE F 297 43.92 -28.50 25.52
C ILE F 297 45.36 -28.04 25.35
N THR F 298 45.61 -27.10 24.44
CA THR F 298 46.97 -26.65 24.23
C THR F 298 47.48 -25.86 25.43
N ILE F 299 46.59 -25.15 26.13
CA ILE F 299 47.00 -24.44 27.33
C ILE F 299 47.43 -25.42 28.40
N TYR F 300 46.64 -26.47 28.58
CA TYR F 300 46.95 -27.52 29.54
C TYR F 300 48.30 -28.16 29.26
N LEU F 301 48.48 -28.64 28.03
CA LEU F 301 49.70 -29.33 27.67
C LEU F 301 50.92 -28.43 27.78
N LYS F 302 50.75 -27.16 27.40
CA LYS F 302 51.84 -26.20 27.50
C LYS F 302 52.24 -25.99 28.94
N SER F 303 51.25 -25.85 29.83
CA SER F 303 51.54 -25.66 31.25
C SER F 303 52.19 -26.87 31.89
N LYS F 304 51.98 -28.04 31.29
CA LYS F 304 52.61 -29.25 31.78
C LYS F 304 53.95 -29.54 31.11
N GLY F 305 54.41 -28.65 30.23
CA GLY F 305 55.70 -28.80 29.59
C GLY F 305 55.75 -29.76 28.42
N TYR F 306 54.64 -29.95 27.71
CA TYR F 306 54.64 -30.87 26.59
C TYR F 306 54.62 -30.19 25.24
N LEU F 307 54.48 -28.87 25.19
CA LEU F 307 54.50 -28.18 23.92
C LEU F 307 55.71 -27.29 23.78
N GLU F 308 56.27 -27.28 22.59
CA GLU F 308 57.41 -26.43 22.26
C GLU F 308 57.03 -25.66 21.03
N TYR F 309 57.68 -24.51 20.82
CA TYR F 309 57.38 -23.63 19.69
C TYR F 309 55.96 -23.08 19.75
N VAL F 310 55.41 -23.01 20.96
CA VAL F 310 54.08 -22.47 21.20
C VAL F 310 54.26 -21.28 22.13
N ASN F 311 53.61 -20.17 21.79
CA ASN F 311 53.77 -18.96 22.55
C ASN F 311 52.46 -18.18 22.55
N THR F 312 52.51 -16.98 23.14
CA THR F 312 51.30 -16.18 23.29
C THR F 312 50.74 -15.70 21.98
N SER F 313 51.52 -15.69 20.90
CA SER F 313 50.97 -15.28 19.62
C SER F 313 50.09 -16.36 19.04
N HIS F 314 50.39 -17.62 19.36
CA HIS F 314 49.55 -18.71 18.89
C HIS F 314 48.25 -18.71 19.67
N ILE F 315 48.38 -18.42 20.97
CA ILE F 315 47.23 -18.32 21.84
C ILE F 315 46.36 -17.15 21.43
N HIS F 316 47.00 -15.99 21.24
CA HIS F 316 46.35 -14.76 20.81
C HIS F 316 45.58 -14.95 19.53
N ASP F 317 46.19 -15.62 18.55
CA ASP F 317 45.54 -15.85 17.28
C ASP F 317 44.27 -16.68 17.46
N LEU F 318 44.34 -17.73 18.29
CA LEU F 318 43.15 -18.53 18.57
C LEU F 318 42.10 -17.74 19.34
N ALA F 319 42.55 -16.89 20.27
CA ALA F 319 41.64 -16.09 21.08
C ALA F 319 40.85 -15.13 20.22
N LYS F 320 41.51 -14.47 19.28
CA LYS F 320 40.78 -13.54 18.44
C LYS F 320 39.94 -14.27 17.41
N PHE F 321 40.35 -15.49 17.05
CA PHE F 321 39.57 -16.26 16.10
C PHE F 321 38.24 -16.66 16.71
N MET F 322 38.28 -17.24 17.92
CA MET F 322 37.06 -17.67 18.59
C MET F 322 36.17 -16.49 18.92
N PHE F 323 36.78 -15.33 19.18
CA PHE F 323 36.00 -14.15 19.49
C PHE F 323 35.13 -13.74 18.31
N GLY F 324 35.76 -13.60 17.14
CA GLY F 324 35.03 -13.17 15.96
C GLY F 324 33.89 -14.09 15.59
N ILE F 325 34.13 -15.40 15.66
CA ILE F 325 33.07 -16.34 15.30
C ILE F 325 31.98 -16.43 16.37
N SER F 326 32.27 -16.07 17.62
CA SER F 326 31.20 -16.07 18.61
C SER F 326 30.24 -14.93 18.34
N VAL F 327 30.76 -13.83 17.80
CA VAL F 327 29.92 -12.71 17.41
C VAL F 327 29.04 -13.11 16.24
N PHE F 328 29.63 -13.84 15.30
CA PHE F 328 28.90 -14.36 14.16
C PHE F 328 27.72 -15.21 14.59
N TRP F 329 27.91 -16.08 15.60
CA TRP F 329 26.79 -16.86 16.13
C TRP F 329 25.65 -15.96 16.58
N THR F 330 25.99 -14.88 17.31
CA THR F 330 24.98 -13.96 17.80
C THR F 330 24.21 -13.33 16.67
N TYR F 331 24.92 -12.96 15.60
CA TYR F 331 24.31 -12.41 14.41
C TYR F 331 23.24 -13.33 13.86
N LEU F 332 23.56 -14.61 13.70
CA LEU F 332 22.58 -15.54 13.17
C LEU F 332 21.41 -15.73 14.12
N TRP F 333 21.68 -15.77 15.42
CA TRP F 333 20.63 -15.96 16.42
C TRP F 333 19.59 -14.86 16.33
N PHE F 334 20.06 -13.62 16.28
CA PHE F 334 19.17 -12.48 16.27
C PHE F 334 18.35 -12.41 15.00
N SER F 335 19.00 -12.59 13.85
CA SER F 335 18.25 -12.47 12.60
C SER F 335 17.17 -13.52 12.48
N GLN F 336 17.39 -14.72 13.02
CA GLN F 336 16.32 -15.71 12.96
C GLN F 336 15.16 -15.29 13.84
N PHE F 337 15.47 -14.85 15.06
CA PHE F 337 14.44 -14.43 15.99
C PHE F 337 13.62 -13.27 15.47
N MET F 338 14.31 -12.20 15.09
CA MET F 338 13.65 -10.96 14.68
C MET F 338 12.78 -11.13 13.46
N LEU F 339 13.19 -11.93 12.49
CA LEU F 339 12.37 -12.08 11.29
C LEU F 339 11.07 -12.83 11.55
N ILE F 340 10.93 -13.48 12.69
CA ILE F 340 9.67 -14.10 13.06
C ILE F 340 8.86 -13.14 13.92
N TRP F 341 9.55 -12.51 14.87
CA TRP F 341 8.94 -11.53 15.76
C TRP F 341 8.36 -10.33 15.01
N TYR F 342 9.09 -9.83 14.00
CA TYR F 342 8.70 -8.62 13.29
C TYR F 342 7.38 -8.77 12.55
N ALA F 343 7.17 -9.91 11.91
CA ALA F 343 5.95 -10.17 11.17
C ALA F 343 5.41 -11.51 11.64
N ASN F 344 4.75 -11.49 12.79
CA ASN F 344 4.33 -12.71 13.48
C ASN F 344 3.10 -13.38 12.87
N ILE F 345 3.25 -13.90 11.66
CA ILE F 345 2.22 -14.73 11.06
C ILE F 345 2.12 -15.94 11.95
N PRO F 346 0.95 -16.21 12.57
CA PRO F 346 0.79 -17.16 13.70
C PRO F 346 1.27 -18.56 13.42
N GLU F 347 1.23 -18.99 12.18
CA GLU F 347 1.79 -20.30 11.90
C GLU F 347 3.28 -20.16 11.95
N GLU F 348 3.94 -21.07 12.66
CA GLU F 348 5.40 -21.09 12.87
C GLU F 348 5.86 -20.08 13.93
N VAL F 349 4.94 -19.40 14.63
CA VAL F 349 5.28 -18.46 15.70
C VAL F 349 5.31 -19.08 17.07
N THR F 350 4.52 -20.14 17.27
CA THR F 350 4.45 -20.80 18.58
C THR F 350 5.78 -21.36 19.01
N TYR F 351 6.68 -21.56 18.06
CA TYR F 351 8.05 -21.93 18.34
C TYR F 351 8.67 -20.99 19.35
N PHE F 352 8.48 -19.69 19.20
CA PHE F 352 9.02 -18.77 20.17
C PHE F 352 8.08 -18.51 21.31
N VAL F 353 6.77 -18.60 21.08
CA VAL F 353 5.79 -18.37 22.16
C VAL F 353 6.03 -19.29 23.33
N THR F 354 6.20 -20.58 23.04
CA THR F 354 6.38 -21.59 24.07
C THR F 354 7.79 -21.58 24.66
N ARG F 355 8.71 -20.83 24.10
CA ARG F 355 10.06 -20.75 24.63
C ARG F 355 10.20 -19.53 25.52
N ILE F 356 9.66 -18.41 25.04
CA ILE F 356 9.69 -17.17 25.80
C ILE F 356 8.86 -17.27 27.06
N GLN F 357 7.68 -17.87 26.96
CA GLN F 357 6.79 -17.99 28.11
C GLN F 357 7.27 -19.03 29.12
N LEU F 358 7.98 -20.06 28.68
CA LEU F 358 8.41 -21.10 29.60
C LEU F 358 9.89 -21.00 29.93
N TYR F 359 10.75 -21.09 28.92
CA TYR F 359 12.18 -21.07 29.12
C TYR F 359 12.70 -19.65 29.05
N ASN F 360 12.26 -18.81 29.99
CA ASN F 360 12.60 -17.39 29.94
C ASN F 360 14.09 -17.15 30.15
N LEU F 361 14.59 -17.48 31.32
CA LEU F 361 16.01 -17.27 31.60
C LEU F 361 16.96 -18.09 30.72
N PRO F 362 16.70 -19.38 30.44
CA PRO F 362 17.51 -20.15 29.48
C PRO F 362 17.60 -19.51 28.11
N PHE F 363 16.47 -19.03 27.59
CA PHE F 363 16.42 -18.41 26.26
C PHE F 363 17.26 -17.16 26.18
N PHE F 364 17.11 -16.27 27.16
CA PHE F 364 17.87 -15.02 27.11
C PHE F 364 19.26 -15.12 27.72
N GLY F 365 19.44 -16.03 28.67
CA GLY F 365 20.76 -16.22 29.28
C GLY F 365 21.76 -16.71 28.28
N ALA F 366 21.30 -17.53 27.32
CA ALA F 366 22.13 -18.01 26.24
C ALA F 366 22.62 -16.89 25.34
N VAL F 367 21.92 -15.77 25.31
CA VAL F 367 22.37 -14.65 24.52
C VAL F 367 23.51 -13.95 25.20
N VAL F 368 23.34 -13.70 26.49
CA VAL F 368 24.34 -13.00 27.29
C VAL F 368 25.66 -13.76 27.34
N MET F 369 25.61 -15.03 27.73
CA MET F 369 26.81 -15.82 27.89
C MET F 369 27.57 -16.02 26.58
N ASN F 370 26.87 -16.09 25.46
CA ASN F 370 27.53 -16.29 24.20
C ASN F 370 27.81 -14.99 23.47
N PHE F 371 27.53 -13.85 24.09
CA PHE F 371 27.82 -12.59 23.42
C PHE F 371 28.36 -11.52 24.31
N VAL F 372 27.57 -11.16 25.32
CA VAL F 372 27.89 -10.03 26.17
C VAL F 372 29.14 -10.29 26.98
N PHE F 373 29.26 -11.48 27.54
CA PHE F 373 30.46 -11.77 28.34
C PHE F 373 31.75 -11.64 27.53
N PRO F 374 31.98 -12.40 26.44
CA PRO F 374 33.22 -12.33 25.65
C PRO F 374 33.41 -10.99 24.98
N LEU F 375 32.31 -10.28 24.71
CA LEU F 375 32.36 -8.95 24.12
C LEU F 375 33.23 -7.98 24.90
N LEU F 376 33.25 -8.11 26.21
CA LEU F 376 34.01 -7.18 27.03
C LEU F 376 35.28 -7.82 27.58
N ILE F 377 35.64 -8.99 27.07
CA ILE F 377 36.84 -9.69 27.49
C ILE F 377 37.84 -9.73 26.36
N LEU F 378 37.52 -10.48 25.31
CA LEU F 378 38.47 -10.70 24.22
C LEU F 378 38.46 -9.59 23.18
N ILE F 379 38.63 -8.36 23.64
CA ILE F 379 38.80 -7.21 22.78
C ILE F 379 40.10 -6.51 23.08
N ASN F 380 40.67 -6.80 24.24
CA ASN F 380 41.96 -6.25 24.63
C ASN F 380 43.04 -7.22 24.21
N THR F 381 43.92 -6.77 23.31
CA THR F 381 44.96 -7.63 22.77
C THR F 381 45.98 -8.08 23.80
N ASP F 382 46.10 -7.35 24.91
CA ASP F 382 46.97 -7.82 25.98
C ASP F 382 46.31 -8.96 26.72
N PHE F 383 44.99 -8.84 26.91
CA PHE F 383 44.22 -9.87 27.60
C PHE F 383 44.16 -11.15 26.79
N LYS F 384 44.17 -11.01 25.47
CA LYS F 384 44.16 -12.16 24.56
C LYS F 384 45.41 -13.02 24.70
N ARG F 385 46.46 -12.51 25.33
CA ARG F 385 47.69 -13.26 25.54
C ARG F 385 47.78 -13.84 26.94
N LEU F 386 46.78 -13.61 27.78
CA LEU F 386 46.83 -14.10 29.14
C LEU F 386 46.13 -15.44 29.24
N ASN F 387 46.76 -16.37 29.95
CA ASN F 387 46.26 -17.73 30.05
C ASN F 387 44.94 -17.80 30.79
N TRP F 388 44.80 -17.02 31.85
CA TRP F 388 43.61 -17.13 32.65
C TRP F 388 42.43 -16.42 32.02
N VAL F 389 42.71 -15.40 31.21
CA VAL F 389 41.64 -14.74 30.49
C VAL F 389 41.05 -15.67 29.46
N VAL F 390 41.93 -16.34 28.72
CA VAL F 390 41.50 -17.26 27.68
C VAL F 390 40.77 -18.46 28.27
N VAL F 391 41.30 -19.05 29.35
CA VAL F 391 40.65 -20.19 29.98
C VAL F 391 39.27 -19.82 30.48
N MET F 392 39.17 -18.67 31.16
CA MET F 392 37.91 -18.18 31.68
C MET F 392 36.87 -18.03 30.60
N ALA F 393 37.22 -17.32 29.52
CA ALA F 393 36.31 -17.11 28.42
C ALA F 393 35.91 -18.41 27.77
N GLY F 394 36.87 -19.32 27.61
CA GLY F 394 36.59 -20.62 27.00
C GLY F 394 35.54 -21.40 27.77
N ILE F 395 35.63 -21.39 29.10
CA ILE F 395 34.66 -22.08 29.95
C ILE F 395 33.27 -21.52 29.76
N VAL F 396 33.15 -20.19 29.79
CA VAL F 396 31.85 -19.54 29.65
C VAL F 396 31.22 -19.89 28.32
N ILE F 397 32.01 -19.84 27.24
CA ILE F 397 31.53 -20.15 25.90
C ILE F 397 31.02 -21.58 25.82
N LEU F 398 31.77 -22.53 26.38
CA LEU F 398 31.36 -23.93 26.36
C LEU F 398 30.04 -24.14 27.08
N LEU F 399 29.87 -23.48 28.22
CA LEU F 399 28.63 -23.59 28.98
C LEU F 399 27.47 -23.00 28.21
N GLY F 400 27.74 -21.86 27.56
CA GLY F 400 26.72 -21.19 26.78
C GLY F 400 26.21 -22.04 25.64
N HIS F 401 27.11 -22.72 24.93
CA HIS F 401 26.64 -23.54 23.81
C HIS F 401 25.99 -24.82 24.30
N TYR F 402 26.37 -25.32 25.47
CA TYR F 402 25.61 -26.43 26.01
C TYR F 402 24.16 -26.02 26.18
N VAL F 403 23.95 -24.85 26.76
CA VAL F 403 22.62 -24.29 26.96
C VAL F 403 21.89 -24.13 25.63
N ASP F 404 22.60 -23.71 24.58
CA ASP F 404 21.98 -23.59 23.26
C ASP F 404 21.34 -24.89 22.81
N PHE F 405 22.04 -26.01 22.97
CA PHE F 405 21.47 -27.30 22.57
C PHE F 405 20.36 -27.72 23.51
N PHE F 406 20.52 -27.42 24.81
CA PHE F 406 19.50 -27.69 25.80
C PHE F 406 18.22 -26.99 25.42
N ASN F 407 18.32 -25.71 25.09
CA ASN F 407 17.17 -24.91 24.71
C ASN F 407 16.50 -25.44 23.46
N MET F 408 17.26 -25.87 22.47
CA MET F 408 16.63 -26.32 21.23
C MET F 408 15.82 -27.60 21.41
N ILE F 409 16.31 -28.53 22.22
CA ILE F 409 15.68 -29.86 22.35
C ILE F 409 14.61 -29.96 23.44
N MET F 410 14.91 -29.49 24.65
CA MET F 410 14.05 -29.70 25.83
C MET F 410 12.54 -29.36 25.71
N PRO F 411 12.13 -28.18 25.19
CA PRO F 411 10.71 -27.81 25.08
C PRO F 411 9.89 -28.73 24.20
N GLY F 412 10.53 -29.52 23.36
CA GLY F 412 9.80 -30.45 22.53
C GLY F 412 9.63 -31.82 23.15
N THR F 413 10.38 -32.12 24.22
CA THR F 413 10.30 -33.43 24.84
C THR F 413 9.66 -33.40 26.21
N VAL F 414 9.92 -32.35 26.98
CA VAL F 414 9.34 -32.26 28.32
C VAL F 414 8.53 -31.00 28.50
N GLY F 415 8.75 -29.99 27.66
CA GLY F 415 7.97 -28.78 27.76
C GLY F 415 8.22 -28.08 29.09
N ASP F 416 7.14 -27.81 29.82
CA ASP F 416 7.23 -27.10 31.09
C ASP F 416 7.64 -27.98 32.28
N LYS F 417 7.97 -29.24 32.03
CA LYS F 417 8.44 -30.12 33.09
C LYS F 417 9.95 -30.12 33.19
N TRP F 418 10.61 -29.24 32.46
CA TRP F 418 12.07 -29.17 32.44
C TRP F 418 12.67 -28.71 33.76
N PHE F 419 13.88 -29.18 34.02
CA PHE F 419 14.70 -28.80 35.18
C PHE F 419 16.11 -29.32 34.97
N ILE F 420 17.05 -28.74 35.70
CA ILE F 420 18.47 -29.03 35.51
C ILE F 420 19.07 -29.79 36.68
N GLY F 421 18.35 -30.81 37.15
CA GLY F 421 18.75 -31.60 38.29
C GLY F 421 19.63 -32.79 37.92
N VAL F 422 19.58 -33.82 38.77
CA VAL F 422 20.41 -35.04 38.68
C VAL F 422 20.54 -35.68 37.29
N PRO F 423 19.45 -36.01 36.57
CA PRO F 423 19.54 -36.68 35.26
C PRO F 423 20.21 -35.84 34.20
N GLU F 424 20.25 -34.52 34.39
CA GLU F 424 20.91 -33.67 33.41
C GLU F 424 22.40 -33.61 33.69
N ILE F 425 22.73 -33.39 34.95
CA ILE F 425 24.11 -33.28 35.38
C ILE F 425 24.85 -34.57 35.16
N ALA F 426 24.19 -35.69 35.48
CA ALA F 426 24.77 -37.00 35.35
C ALA F 426 25.20 -37.31 33.93
N SER F 427 24.38 -36.96 32.94
CA SER F 427 24.77 -37.26 31.57
C SER F 427 25.92 -36.37 31.12
N ILE F 428 25.97 -35.16 31.65
CA ILE F 428 27.08 -34.26 31.32
C ILE F 428 28.38 -34.82 31.82
N LEU F 429 28.41 -35.21 33.09
CA LEU F 429 29.64 -35.70 33.70
C LEU F 429 30.09 -37.01 33.09
N PHE F 430 29.14 -37.88 32.73
CA PHE F 430 29.50 -39.15 32.12
C PHE F 430 30.26 -38.95 30.83
N PHE F 431 29.71 -38.14 29.93
CA PHE F 431 30.36 -37.93 28.65
C PHE F 431 31.57 -37.04 28.77
N LEU F 432 31.61 -36.17 29.78
CA LEU F 432 32.80 -35.39 30.04
C LEU F 432 33.98 -36.30 30.33
N GLY F 433 33.77 -37.24 31.25
CA GLY F 433 34.80 -38.20 31.61
C GLY F 433 35.24 -39.04 30.43
N LEU F 434 34.28 -39.53 29.66
CA LEU F 434 34.57 -40.32 28.48
C LEU F 434 35.43 -39.56 27.49
N PHE F 435 35.04 -38.31 27.22
CA PHE F 435 35.75 -37.44 26.30
C PHE F 435 37.19 -37.24 26.74
N ILE F 436 37.39 -36.92 28.03
CA ILE F 436 38.73 -36.69 28.58
C ILE F 436 39.59 -37.94 28.44
N PHE F 437 39.02 -39.07 28.81
CA PHE F 437 39.74 -40.34 28.74
C PHE F 437 40.25 -40.62 27.35
N VAL F 438 39.36 -40.53 26.35
CA VAL F 438 39.72 -40.85 24.97
C VAL F 438 40.76 -39.91 24.42
N VAL F 439 40.57 -38.59 24.61
CA VAL F 439 41.47 -37.60 24.03
C VAL F 439 42.88 -37.72 24.58
N PHE F 440 43.02 -37.80 25.90
CA PHE F 440 44.37 -37.85 26.45
C PHE F 440 45.01 -39.21 26.24
N THR F 441 44.20 -40.27 26.10
CA THR F 441 44.77 -41.56 25.74
C THR F 441 45.35 -41.50 24.34
N ALA F 442 44.60 -40.88 23.43
CA ALA F 442 45.02 -40.74 22.03
C ALA F 442 46.33 -39.98 21.91
N LEU F 443 46.56 -38.99 22.77
CA LEU F 443 47.81 -38.21 22.73
C LEU F 443 49.06 -39.04 23.02
N THR F 444 48.92 -40.22 23.61
CA THR F 444 50.08 -41.06 23.90
C THR F 444 50.45 -41.95 22.73
N LYS F 445 49.64 -41.97 21.68
CA LYS F 445 49.85 -42.86 20.54
C LYS F 445 50.58 -42.19 19.39
N SER F 446 51.04 -40.97 19.57
CA SER F 446 51.72 -40.23 18.51
C SER F 446 52.42 -38.99 19.09
N PRO F 447 53.64 -38.70 18.63
CA PRO F 447 54.45 -37.57 19.10
C PRO F 447 53.87 -36.24 18.68
N LEU F 448 54.06 -35.25 19.53
CA LEU F 448 53.61 -33.89 19.26
C LEU F 448 54.67 -33.24 18.41
N LEU F 449 54.28 -32.26 17.57
CA LEU F 449 55.20 -31.56 16.66
C LEU F 449 55.67 -32.43 15.51
N ALA F 450 54.83 -32.55 14.48
CA ALA F 450 55.08 -33.33 13.27
C ALA F 450 56.45 -33.07 12.65
N LYS F 451 56.89 -33.98 11.80
CA LYS F 451 58.22 -33.90 11.19
C LYS F 451 58.16 -33.00 9.95
N ARG F 452 59.00 -33.28 8.95
CA ARG F 452 59.06 -32.45 7.76
C ARG F 452 57.68 -32.18 7.16
N ASN F 453 57.36 -30.89 7.14
CA ASN F 453 56.11 -30.35 6.69
C ASN F 453 56.43 -29.01 6.04
N PRO F 454 55.90 -28.76 4.83
CA PRO F 454 56.20 -27.56 4.04
C PRO F 454 55.99 -26.23 4.73
N PHE F 455 55.20 -26.18 5.80
CA PHE F 455 55.00 -24.93 6.50
C PHE F 455 55.38 -24.97 7.98
N ILE F 456 55.99 -26.06 8.45
CA ILE F 456 56.26 -26.12 9.88
C ILE F 456 57.42 -25.22 10.30
N GLU F 457 58.38 -24.95 9.42
CA GLU F 457 59.52 -24.15 9.82
C GLU F 457 59.10 -22.72 10.10
N GLU F 458 58.16 -22.20 9.34
CA GLU F 458 57.71 -20.84 9.61
C GLU F 458 56.78 -20.83 10.81
N SER F 459 56.03 -21.90 11.04
CA SER F 459 55.12 -21.92 12.19
C SER F 459 55.88 -22.01 13.49
N LYS F 460 57.05 -22.65 13.48
CA LYS F 460 57.88 -22.72 14.69
C LYS F 460 58.49 -21.38 15.07
N HIS F 461 58.44 -20.40 14.19
CA HIS F 461 58.96 -19.08 14.47
C HIS F 461 57.86 -18.05 14.38
N PHE F 462 56.62 -18.53 14.40
CA PHE F 462 55.46 -17.65 14.30
C PHE F 462 55.31 -16.76 15.50
N HIS F 463 55.02 -15.50 15.20
CA HIS F 463 54.76 -14.50 16.21
C HIS F 463 53.82 -13.48 15.59
N TYR F 464 53.21 -12.67 16.42
CA TYR F 464 52.25 -11.69 15.94
C TYR F 464 52.34 -10.38 16.70
#